data_3B9U
# 
_entry.id   3B9U 
# 
_audit_conform.dict_name       mmcif_pdbx.dic 
_audit_conform.dict_version    5.377 
_audit_conform.dict_location   http://mmcif.pdb.org/dictionaries/ascii/mmcif_pdbx.dic 
# 
loop_
_database_2.database_id 
_database_2.database_code 
_database_2.pdbx_database_accession 
_database_2.pdbx_DOI 
PDB   3B9U         pdb_00003b9u 10.2210/pdb3b9u/pdb 
RCSB  RCSB045259   ?            ?                   
WWPDB D_1000045259 ?            ?                   
# 
_pdbx_database_related.db_name        PDB 
_pdbx_database_related.db_id          1K5U 
_pdbx_database_related.details        
'HUMAN ACIDIC FIBROBLAST GROWTH FACTOR. 141 AMINO ACID FORM WITH AMINO TERMINAL HIS TAG WITH HIS93 REPLACED BY GLY' 
_pdbx_database_related.content_type   unspecified 
# 
_pdbx_database_status.status_code                     REL 
_pdbx_database_status.entry_id                        3B9U 
_pdbx_database_status.recvd_initial_deposition_date   2007-11-06 
_pdbx_database_status.deposit_site                    RCSB 
_pdbx_database_status.process_site                    RCSB 
_pdbx_database_status.status_code_sf                  REL 
_pdbx_database_status.status_code_mr                  ? 
_pdbx_database_status.SG_entry                        ? 
_pdbx_database_status.pdb_format_compatible           Y 
_pdbx_database_status.status_code_cs                  ? 
_pdbx_database_status.status_code_nmr_data            ? 
_pdbx_database_status.methods_development_category    ? 
# 
loop_
_audit_author.name 
_audit_author.pdbx_ordinal 
'Blaber, M.' 1 
'Lee, J.'    2 
# 
_citation.id                        primary 
_citation.title                     'A logical OR redundancy within the Asx-Pro-Asx-Gly type I beta-turn motif.' 
_citation.journal_abbrev            J.Mol.Biol. 
_citation.journal_volume            377 
_citation.page_first                1251 
_citation.page_last                 1264 
_citation.year                      2008 
_citation.journal_id_ASTM           JMOBAK 
_citation.country                   UK 
_citation.journal_id_ISSN           0022-2836 
_citation.journal_id_CSD            0070 
_citation.book_publisher            ? 
_citation.pdbx_database_id_PubMed   18308335 
_citation.pdbx_database_id_DOI      10.1016/j.jmb.2008.01.055 
# 
loop_
_citation_author.citation_id 
_citation_author.name 
_citation_author.ordinal 
_citation_author.identifier_ORCID 
primary 'Lee, J.'     1 ? 
primary 'Dubey, V.K.' 2 ? 
primary 'Longo, L.M.' 3 ? 
primary 'Blaber, M.'  4 ? 
# 
_cell.entry_id           3B9U 
_cell.length_a           33.389 
_cell.length_b           44.190 
_cell.length_c           47.957 
_cell.angle_alpha        90.00 
_cell.angle_beta         100.45 
_cell.angle_gamma        90.00 
_cell.Z_PDB              2 
_cell.pdbx_unique_axis   ? 
_cell.length_a_esd       ? 
_cell.length_b_esd       ? 
_cell.length_c_esd       ? 
_cell.angle_alpha_esd    ? 
_cell.angle_beta_esd     ? 
_cell.angle_gamma_esd    ? 
# 
_symmetry.entry_id                         3B9U 
_symmetry.space_group_name_H-M             'P 1 21 1' 
_symmetry.pdbx_full_space_group_name_H-M   ? 
_symmetry.cell_setting                     ? 
_symmetry.Int_Tables_number                4 
_symmetry.space_group_name_Hall            ? 
# 
loop_
_entity.id 
_entity.type 
_entity.src_method 
_entity.pdbx_description 
_entity.formula_weight 
_entity.pdbx_number_of_molecules 
_entity.pdbx_ec 
_entity.pdbx_mutation 
_entity.pdbx_fragment 
_entity.details 
1 polymer     man 'Heparin-binding growth factor 1' 16605.615 1   ? 'L26N, D28N, H93G' ? ? 
2 non-polymer syn 'SULFATE ION'                     96.063    1   ? ?                  ? ? 
3 water       nat water                             18.015    100 ? ?                  ? ? 
# 
_entity_name_com.entity_id   1 
_entity_name_com.name        'HBGF-1, Acidic fibroblast growth factor, aFGF, Beta-endothelial cell growth factor, ECGF-beta' 
# 
_entity_poly.entity_id                      1 
_entity_poly.type                           'polypeptide(L)' 
_entity_poly.nstd_linkage                   no 
_entity_poly.nstd_monomer                   no 
_entity_poly.pdbx_seq_one_letter_code       
;HHHHHHFNLPPGNYKKPKLLYCSNGGHFLRINPNGTVDGTRDRSDQHIQLQLSAESVGEVYIKSTETGQYLAMDTDGLLY
GSQTPNEECLFLERLEENGYNTYISKKHAEKNWFVGLKKNGSCKRGPRTHYGQKAILFLPLPVSSD
;
_entity_poly.pdbx_seq_one_letter_code_can   
;HHHHHHFNLPPGNYKKPKLLYCSNGGHFLRINPNGTVDGTRDRSDQHIQLQLSAESVGEVYIKSTETGQYLAMDTDGLLY
GSQTPNEECLFLERLEENGYNTYISKKHAEKNWFVGLKKNGSCKRGPRTHYGQKAILFLPLPVSSD
;
_entity_poly.pdbx_strand_id                 A 
_entity_poly.pdbx_target_identifier         ? 
# 
loop_
_entity_poly_seq.entity_id 
_entity_poly_seq.num 
_entity_poly_seq.mon_id 
_entity_poly_seq.hetero 
1 1   HIS n 
1 2   HIS n 
1 3   HIS n 
1 4   HIS n 
1 5   HIS n 
1 6   HIS n 
1 7   PHE n 
1 8   ASN n 
1 9   LEU n 
1 10  PRO n 
1 11  PRO n 
1 12  GLY n 
1 13  ASN n 
1 14  TYR n 
1 15  LYS n 
1 16  LYS n 
1 17  PRO n 
1 18  LYS n 
1 19  LEU n 
1 20  LEU n 
1 21  TYR n 
1 22  CYS n 
1 23  SER n 
1 24  ASN n 
1 25  GLY n 
1 26  GLY n 
1 27  HIS n 
1 28  PHE n 
1 29  LEU n 
1 30  ARG n 
1 31  ILE n 
1 32  ASN n 
1 33  PRO n 
1 34  ASN n 
1 35  GLY n 
1 36  THR n 
1 37  VAL n 
1 38  ASP n 
1 39  GLY n 
1 40  THR n 
1 41  ARG n 
1 42  ASP n 
1 43  ARG n 
1 44  SER n 
1 45  ASP n 
1 46  GLN n 
1 47  HIS n 
1 48  ILE n 
1 49  GLN n 
1 50  LEU n 
1 51  GLN n 
1 52  LEU n 
1 53  SER n 
1 54  ALA n 
1 55  GLU n 
1 56  SER n 
1 57  VAL n 
1 58  GLY n 
1 59  GLU n 
1 60  VAL n 
1 61  TYR n 
1 62  ILE n 
1 63  LYS n 
1 64  SER n 
1 65  THR n 
1 66  GLU n 
1 67  THR n 
1 68  GLY n 
1 69  GLN n 
1 70  TYR n 
1 71  LEU n 
1 72  ALA n 
1 73  MET n 
1 74  ASP n 
1 75  THR n 
1 76  ASP n 
1 77  GLY n 
1 78  LEU n 
1 79  LEU n 
1 80  TYR n 
1 81  GLY n 
1 82  SER n 
1 83  GLN n 
1 84  THR n 
1 85  PRO n 
1 86  ASN n 
1 87  GLU n 
1 88  GLU n 
1 89  CYS n 
1 90  LEU n 
1 91  PHE n 
1 92  LEU n 
1 93  GLU n 
1 94  ARG n 
1 95  LEU n 
1 96  GLU n 
1 97  GLU n 
1 98  ASN n 
1 99  GLY n 
1 100 TYR n 
1 101 ASN n 
1 102 THR n 
1 103 TYR n 
1 104 ILE n 
1 105 SER n 
1 106 LYS n 
1 107 LYS n 
1 108 HIS n 
1 109 ALA n 
1 110 GLU n 
1 111 LYS n 
1 112 ASN n 
1 113 TRP n 
1 114 PHE n 
1 115 VAL n 
1 116 GLY n 
1 117 LEU n 
1 118 LYS n 
1 119 LYS n 
1 120 ASN n 
1 121 GLY n 
1 122 SER n 
1 123 CYS n 
1 124 LYS n 
1 125 ARG n 
1 126 GLY n 
1 127 PRO n 
1 128 ARG n 
1 129 THR n 
1 130 HIS n 
1 131 TYR n 
1 132 GLY n 
1 133 GLN n 
1 134 LYS n 
1 135 ALA n 
1 136 ILE n 
1 137 LEU n 
1 138 PHE n 
1 139 LEU n 
1 140 PRO n 
1 141 LEU n 
1 142 PRO n 
1 143 VAL n 
1 144 SER n 
1 145 SER n 
1 146 ASP n 
# 
_entity_src_gen.entity_id                          1 
_entity_src_gen.pdbx_src_id                        1 
_entity_src_gen.pdbx_alt_source_flag               sample 
_entity_src_gen.pdbx_seq_type                      ? 
_entity_src_gen.pdbx_beg_seq_num                   ? 
_entity_src_gen.pdbx_end_seq_num                   ? 
_entity_src_gen.gene_src_common_name               human 
_entity_src_gen.gene_src_genus                     Homo 
_entity_src_gen.pdbx_gene_src_gene                 'FGF1, FGFA' 
_entity_src_gen.gene_src_species                   ? 
_entity_src_gen.gene_src_strain                    ? 
_entity_src_gen.gene_src_tissue                    ? 
_entity_src_gen.gene_src_tissue_fraction           ? 
_entity_src_gen.gene_src_details                   ? 
_entity_src_gen.pdbx_gene_src_fragment             ? 
_entity_src_gen.pdbx_gene_src_scientific_name      'Homo sapiens' 
_entity_src_gen.pdbx_gene_src_ncbi_taxonomy_id     9606 
_entity_src_gen.pdbx_gene_src_variant              ? 
_entity_src_gen.pdbx_gene_src_cell_line            ? 
_entity_src_gen.pdbx_gene_src_atcc                 ? 
_entity_src_gen.pdbx_gene_src_organ                ? 
_entity_src_gen.pdbx_gene_src_organelle            ? 
_entity_src_gen.pdbx_gene_src_cell                 ? 
_entity_src_gen.pdbx_gene_src_cellular_location    ? 
_entity_src_gen.host_org_common_name               ? 
_entity_src_gen.pdbx_host_org_scientific_name      'Escherichia coli BL21(DE3)' 
_entity_src_gen.pdbx_host_org_ncbi_taxonomy_id     469008 
_entity_src_gen.host_org_genus                     Escherichia 
_entity_src_gen.pdbx_host_org_gene                 ? 
_entity_src_gen.pdbx_host_org_organ                ? 
_entity_src_gen.host_org_species                   'Escherichia coli' 
_entity_src_gen.pdbx_host_org_tissue               ? 
_entity_src_gen.pdbx_host_org_tissue_fraction      ? 
_entity_src_gen.pdbx_host_org_strain               'BL21(DE3)' 
_entity_src_gen.pdbx_host_org_variant              ? 
_entity_src_gen.pdbx_host_org_cell_line            ? 
_entity_src_gen.pdbx_host_org_atcc                 ? 
_entity_src_gen.pdbx_host_org_culture_collection   ? 
_entity_src_gen.pdbx_host_org_cell                 ? 
_entity_src_gen.pdbx_host_org_organelle            ? 
_entity_src_gen.pdbx_host_org_cellular_location    ? 
_entity_src_gen.pdbx_host_org_vector_type          plasmid 
_entity_src_gen.pdbx_host_org_vector               ? 
_entity_src_gen.host_org_details                   ? 
_entity_src_gen.expression_system_id               ? 
_entity_src_gen.plasmid_name                       'PET21a(+)' 
_entity_src_gen.plasmid_details                    ? 
_entity_src_gen.pdbx_description                   ? 
# 
_struct_ref.id                         1 
_struct_ref.db_name                    UNP 
_struct_ref.db_code                    FGF1_HUMAN 
_struct_ref.pdbx_db_accession          P05230 
_struct_ref.entity_id                  1 
_struct_ref.pdbx_seq_one_letter_code   
;FNLPPGNYKKPKLLYCSNGGHFLRILPDGTVDGTRDRSDQHIQLQLSAESVGEVYIKSTETGQYLAMDTDGLLYGSQTPN
EECLFLERLEENHYNTYISKKHAEKNWFVGLKKNGSCKRGPRTHYGQKAILFLPLPVSSD
;
_struct_ref.pdbx_align_begin           16 
_struct_ref.pdbx_db_isoform            ? 
# 
_struct_ref_seq.align_id                      1 
_struct_ref_seq.ref_id                        1 
_struct_ref_seq.pdbx_PDB_id_code              3B9U 
_struct_ref_seq.pdbx_strand_id                A 
_struct_ref_seq.seq_align_beg                 7 
_struct_ref_seq.pdbx_seq_align_beg_ins_code   ? 
_struct_ref_seq.seq_align_end                 146 
_struct_ref_seq.pdbx_seq_align_end_ins_code   ? 
_struct_ref_seq.pdbx_db_accession             P05230 
_struct_ref_seq.db_align_beg                  16 
_struct_ref_seq.pdbx_db_align_beg_ins_code    ? 
_struct_ref_seq.db_align_end                  155 
_struct_ref_seq.pdbx_db_align_end_ins_code    ? 
_struct_ref_seq.pdbx_auth_seq_align_beg       1 
_struct_ref_seq.pdbx_auth_seq_align_end       140 
# 
loop_
_struct_ref_seq_dif.align_id 
_struct_ref_seq_dif.pdbx_pdb_id_code 
_struct_ref_seq_dif.mon_id 
_struct_ref_seq_dif.pdbx_pdb_strand_id 
_struct_ref_seq_dif.seq_num 
_struct_ref_seq_dif.pdbx_pdb_ins_code 
_struct_ref_seq_dif.pdbx_seq_db_name 
_struct_ref_seq_dif.pdbx_seq_db_accession_code 
_struct_ref_seq_dif.db_mon_id 
_struct_ref_seq_dif.pdbx_seq_db_seq_num 
_struct_ref_seq_dif.details 
_struct_ref_seq_dif.pdbx_auth_seq_num 
_struct_ref_seq_dif.pdbx_ordinal 
1 3B9U HIS A 1  ? UNP P05230 ?   ?   'expression tag'      -5 1 
1 3B9U HIS A 2  ? UNP P05230 ?   ?   'expression tag'      -4 2 
1 3B9U HIS A 3  ? UNP P05230 ?   ?   'expression tag'      -3 3 
1 3B9U HIS A 4  ? UNP P05230 ?   ?   'expression tag'      -2 4 
1 3B9U HIS A 5  ? UNP P05230 ?   ?   'expression tag'      -1 5 
1 3B9U HIS A 6  ? UNP P05230 ?   ?   'expression tag'      0  6 
1 3B9U ASN A 32 ? UNP P05230 LEU 41  'engineered mutation' 26 7 
1 3B9U ASN A 34 ? UNP P05230 ASP 43  'engineered mutation' 28 8 
1 3B9U GLY A 99 ? UNP P05230 HIS 108 'engineered mutation' 93 9 
# 
loop_
_chem_comp.id 
_chem_comp.type 
_chem_comp.mon_nstd_flag 
_chem_comp.name 
_chem_comp.pdbx_synonyms 
_chem_comp.formula 
_chem_comp.formula_weight 
ALA 'L-peptide linking' y ALANINE         ? 'C3 H7 N O2'     89.093  
ARG 'L-peptide linking' y ARGININE        ? 'C6 H15 N4 O2 1' 175.209 
ASN 'L-peptide linking' y ASPARAGINE      ? 'C4 H8 N2 O3'    132.118 
ASP 'L-peptide linking' y 'ASPARTIC ACID' ? 'C4 H7 N O4'     133.103 
CYS 'L-peptide linking' y CYSTEINE        ? 'C3 H7 N O2 S'   121.158 
GLN 'L-peptide linking' y GLUTAMINE       ? 'C5 H10 N2 O3'   146.144 
GLU 'L-peptide linking' y 'GLUTAMIC ACID' ? 'C5 H9 N O4'     147.129 
GLY 'peptide linking'   y GLYCINE         ? 'C2 H5 N O2'     75.067  
HIS 'L-peptide linking' y HISTIDINE       ? 'C6 H10 N3 O2 1' 156.162 
HOH non-polymer         . WATER           ? 'H2 O'           18.015  
ILE 'L-peptide linking' y ISOLEUCINE      ? 'C6 H13 N O2'    131.173 
LEU 'L-peptide linking' y LEUCINE         ? 'C6 H13 N O2'    131.173 
LYS 'L-peptide linking' y LYSINE          ? 'C6 H15 N2 O2 1' 147.195 
MET 'L-peptide linking' y METHIONINE      ? 'C5 H11 N O2 S'  149.211 
PHE 'L-peptide linking' y PHENYLALANINE   ? 'C9 H11 N O2'    165.189 
PRO 'L-peptide linking' y PROLINE         ? 'C5 H9 N O2'     115.130 
SER 'L-peptide linking' y SERINE          ? 'C3 H7 N O3'     105.093 
SO4 non-polymer         . 'SULFATE ION'   ? 'O4 S -2'        96.063  
THR 'L-peptide linking' y THREONINE       ? 'C4 H9 N O3'     119.119 
TRP 'L-peptide linking' y TRYPTOPHAN      ? 'C11 H12 N2 O2'  204.225 
TYR 'L-peptide linking' y TYROSINE        ? 'C9 H11 N O3'    181.189 
VAL 'L-peptide linking' y VALINE          ? 'C5 H11 N O2'    117.146 
# 
_exptl.entry_id          3B9U 
_exptl.method            'X-RAY DIFFRACTION' 
_exptl.crystals_number   1 
# 
_exptl_crystal.id                    1 
_exptl_crystal.density_meas          ? 
_exptl_crystal.density_Matthews      2.10 
_exptl_crystal.density_percent_sol   41.29 
_exptl_crystal.description           ? 
_exptl_crystal.F_000                 ? 
_exptl_crystal.preparation           ? 
# 
_exptl_crystal_grow.crystal_id      1 
_exptl_crystal_grow.method          'VAPOR DIFFUSION, HANGING DROP' 
_exptl_crystal_grow.temp            298.15 
_exptl_crystal_grow.temp_details    ? 
_exptl_crystal_grow.pH              7.5 
_exptl_crystal_grow.pdbx_details    'PEG4000, pH 7.5, VAPOR DIFFUSION, HANGING DROP, temperature 298.15K' 
_exptl_crystal_grow.pdbx_pH_range   . 
# 
_diffrn.id                     1 
_diffrn.ambient_temp           103 
_diffrn.ambient_temp_details   ? 
_diffrn.crystal_id             1 
# 
_diffrn_detector.diffrn_id              1 
_diffrn_detector.detector               CCD 
_diffrn_detector.type                   'ADSC QUANTUM 315' 
_diffrn_detector.pdbx_collection_date   2006-09-28 
_diffrn_detector.details                ? 
# 
_diffrn_radiation.diffrn_id                        1 
_diffrn_radiation.wavelength_id                    1 
_diffrn_radiation.pdbx_monochromatic_or_laue_m_l   M 
_diffrn_radiation.monochromator                    ? 
_diffrn_radiation.pdbx_diffrn_protocol             'SINGLE WAVELENGTH' 
_diffrn_radiation.pdbx_scattering_type             x-ray 
# 
_diffrn_radiation_wavelength.id           1 
_diffrn_radiation_wavelength.wavelength   1.0 
_diffrn_radiation_wavelength.wt           1.0 
# 
_diffrn_source.diffrn_id                   1 
_diffrn_source.source                      SYNCHROTRON 
_diffrn_source.type                        'NSLS BEAMLINE X25' 
_diffrn_source.pdbx_synchrotron_site       NSLS 
_diffrn_source.pdbx_synchrotron_beamline   X25 
_diffrn_source.pdbx_wavelength             ? 
_diffrn_source.pdbx_wavelength_list        1.0 
# 
_reflns.entry_id                     3B9U 
_reflns.observed_criterion_sigma_I   3 
_reflns.observed_criterion_sigma_F   3 
_reflns.d_resolution_low             32.84 
_reflns.d_resolution_high            1.55 
_reflns.number_obs                   17570 
_reflns.number_all                   19577 
_reflns.percent_possible_obs         89.7 
_reflns.pdbx_Rmerge_I_obs            0.062 
_reflns.pdbx_Rsym_value              ? 
_reflns.pdbx_netI_over_sigmaI        41.87 
_reflns.B_iso_Wilson_estimate        21.3 
_reflns.pdbx_redundancy              4.4 
_reflns.R_free_details               ? 
_reflns.limit_h_max                  ? 
_reflns.limit_h_min                  ? 
_reflns.limit_k_max                  ? 
_reflns.limit_k_min                  ? 
_reflns.limit_l_max                  ? 
_reflns.limit_l_min                  ? 
_reflns.observed_criterion_F_max     ? 
_reflns.observed_criterion_F_min     ? 
_reflns.pdbx_chi_squared             ? 
_reflns.pdbx_scaling_rejects         ? 
_reflns.pdbx_diffrn_id               1 
_reflns.pdbx_ordinal                 1 
# 
_reflns_shell.d_res_high             1.55 
_reflns_shell.d_res_low              1.61 
_reflns_shell.percent_possible_all   75.4 
_reflns_shell.Rmerge_I_obs           0.231 
_reflns_shell.pdbx_Rsym_value        ? 
_reflns_shell.meanI_over_sigI_obs    3.02 
_reflns_shell.pdbx_redundancy        1.4 
_reflns_shell.percent_possible_obs   ? 
_reflns_shell.number_unique_all      1523 
_reflns_shell.number_measured_all    ? 
_reflns_shell.number_measured_obs    ? 
_reflns_shell.number_unique_obs      ? 
_reflns_shell.pdbx_chi_squared       ? 
_reflns_shell.pdbx_diffrn_id         ? 
_reflns_shell.pdbx_ordinal           1 
# 
_refine.entry_id                                 3B9U 
_refine.ls_number_reflns_obs                     17570 
_refine.ls_number_reflns_all                     19577 
_refine.pdbx_ls_sigma_I                          ? 
_refine.pdbx_ls_sigma_F                          2.0 
_refine.pdbx_data_cutoff_high_absF               161691.12 
_refine.pdbx_data_cutoff_low_absF                0.000000 
_refine.pdbx_data_cutoff_high_rms_absF           ? 
_refine.ls_d_res_low                             32.84 
_refine.ls_d_res_high                            1.55 
_refine.ls_percent_reflns_obs                    87.4 
_refine.ls_R_factor_obs                          0.191 
_refine.ls_R_factor_all                          ? 
_refine.ls_R_factor_R_work                       0.191 
_refine.ls_R_factor_R_free                       0.2 
_refine.ls_R_factor_R_free_error                 0.007 
_refine.ls_R_factor_R_free_error_details         ? 
_refine.ls_percent_reflns_R_free                 4.8 
_refine.ls_number_reflns_R_free                  845 
_refine.ls_number_parameters                     ? 
_refine.ls_number_restraints                     ? 
_refine.occupancy_min                            ? 
_refine.occupancy_max                            ? 
_refine.correlation_coeff_Fo_to_Fc               ? 
_refine.correlation_coeff_Fo_to_Fc_free          ? 
_refine.B_iso_mean                               24.4 
_refine.aniso_B[1][1]                            0.76 
_refine.aniso_B[2][2]                            1.36 
_refine.aniso_B[3][3]                            -2.12 
_refine.aniso_B[1][2]                            0.00 
_refine.aniso_B[1][3]                            2.35 
_refine.aniso_B[2][3]                            0.00 
_refine.solvent_model_details                    'FLAT MODEL' 
_refine.solvent_model_param_ksol                 0.379797 
_refine.solvent_model_param_bsol                 44.9184 
_refine.pdbx_solvent_vdw_probe_radii             ? 
_refine.pdbx_solvent_ion_probe_radii             ? 
_refine.pdbx_solvent_shrinkage_radii             ? 
_refine.pdbx_ls_cross_valid_method               THROUGHOUT 
_refine.details                                  ? 
_refine.pdbx_starting_model                      'pdb entry 1K5U' 
_refine.pdbx_method_to_determine_struct          'MOLECULAR REPLACEMENT' 
_refine.pdbx_isotropic_thermal_model             RESTRAINED 
_refine.pdbx_stereochemistry_target_values       ? 
_refine.pdbx_stereochem_target_val_spec_case     ? 
_refine.pdbx_R_Free_selection_details            RANDOM 
_refine.pdbx_overall_ESU_R                       ? 
_refine.pdbx_overall_ESU_R_Free                  ? 
_refine.overall_SU_ML                            ? 
_refine.overall_SU_B                             ? 
_refine.ls_redundancy_reflns_obs                 ? 
_refine.B_iso_min                                ? 
_refine.B_iso_max                                ? 
_refine.overall_SU_R_Cruickshank_DPI             ? 
_refine.overall_SU_R_free                        ? 
_refine.ls_wR_factor_R_free                      ? 
_refine.ls_wR_factor_R_work                      ? 
_refine.overall_FOM_free_R_set                   ? 
_refine.overall_FOM_work_R_set                   ? 
_refine.pdbx_refine_id                           'X-RAY DIFFRACTION' 
_refine.pdbx_diffrn_id                           1 
_refine.pdbx_TLS_residual_ADP_flag               ? 
_refine.pdbx_overall_phase_error                 ? 
_refine.pdbx_overall_SU_R_free_Cruickshank_DPI   ? 
_refine.pdbx_overall_SU_R_Blow_DPI               ? 
_refine.pdbx_overall_SU_R_free_Blow_DPI          ? 
# 
_refine_analyze.entry_id                        3B9U 
_refine_analyze.Luzzati_coordinate_error_obs    0.16 
_refine_analyze.Luzzati_sigma_a_obs             -0.04 
_refine_analyze.Luzzati_d_res_low_obs           5.00 
_refine_analyze.Luzzati_coordinate_error_free   0.17 
_refine_analyze.Luzzati_sigma_a_free            ? 
_refine_analyze.Luzzati_d_res_low_free          ? 
_refine_analyze.number_disordered_residues      ? 
_refine_analyze.occupancy_sum_hydrogen          ? 
_refine_analyze.occupancy_sum_non_hydrogen      ? 
_refine_analyze.pdbx_Luzzati_d_res_high_obs     ? 
_refine_analyze.pdbx_refine_id                  'X-RAY DIFFRACTION' 
# 
_refine_hist.pdbx_refine_id                   'X-RAY DIFFRACTION' 
_refine_hist.cycle_id                         LAST 
_refine_hist.pdbx_number_atoms_protein        1051 
_refine_hist.pdbx_number_atoms_nucleic_acid   0 
_refine_hist.pdbx_number_atoms_ligand         5 
_refine_hist.number_atoms_solvent             100 
_refine_hist.number_atoms_total               1156 
_refine_hist.d_res_high                       1.55 
_refine_hist.d_res_low                        32.84 
# 
loop_
_refine_ls_restr.type 
_refine_ls_restr.dev_ideal 
_refine_ls_restr.dev_ideal_target 
_refine_ls_restr.weight 
_refine_ls_restr.number 
_refine_ls_restr.pdbx_refine_id 
_refine_ls_restr.pdbx_restraint_function 
c_bond_d                0.009 ?    ? ? 'X-RAY DIFFRACTION' ? 
c_bond_d_na             ?     ?    ? ? 'X-RAY DIFFRACTION' ? 
c_bond_d_prot           ?     ?    ? ? 'X-RAY DIFFRACTION' ? 
c_angle_d               ?     ?    ? ? 'X-RAY DIFFRACTION' ? 
c_angle_d_na            ?     ?    ? ? 'X-RAY DIFFRACTION' ? 
c_angle_d_prot          ?     ?    ? ? 'X-RAY DIFFRACTION' ? 
c_angle_deg             1.4   ?    ? ? 'X-RAY DIFFRACTION' ? 
c_angle_deg_na          ?     ?    ? ? 'X-RAY DIFFRACTION' ? 
c_angle_deg_prot        ?     ?    ? ? 'X-RAY DIFFRACTION' ? 
c_dihedral_angle_d      26.5  ?    ? ? 'X-RAY DIFFRACTION' ? 
c_dihedral_angle_d_na   ?     ?    ? ? 'X-RAY DIFFRACTION' ? 
c_dihedral_angle_d_prot ?     ?    ? ? 'X-RAY DIFFRACTION' ? 
c_improper_angle_d      0.95  ?    ? ? 'X-RAY DIFFRACTION' ? 
c_improper_angle_d_na   ?     ?    ? ? 'X-RAY DIFFRACTION' ? 
c_improper_angle_d_prot ?     ?    ? ? 'X-RAY DIFFRACTION' ? 
c_mcbond_it             1.46  1.50 ? ? 'X-RAY DIFFRACTION' ? 
c_mcangle_it            2.29  2.00 ? ? 'X-RAY DIFFRACTION' ? 
c_scbond_it             2.31  2.00 ? ? 'X-RAY DIFFRACTION' ? 
c_scangle_it            3.50  2.50 ? ? 'X-RAY DIFFRACTION' ? 
# 
_refine_ls_shell.pdbx_total_number_of_bins_used   6 
_refine_ls_shell.d_res_high                       1.55 
_refine_ls_shell.d_res_low                        1.65 
_refine_ls_shell.number_reflns_R_work             1781 
_refine_ls_shell.R_factor_R_work                  0.188 
_refine_ls_shell.percent_reflns_obs               56.2 
_refine_ls_shell.R_factor_R_free                  0.213 
_refine_ls_shell.R_factor_R_free_error            0.023 
_refine_ls_shell.percent_reflns_R_free            4.5 
_refine_ls_shell.number_reflns_R_free             84 
_refine_ls_shell.number_reflns_all                ? 
_refine_ls_shell.R_factor_all                     ? 
_refine_ls_shell.number_reflns_obs                1781 
_refine_ls_shell.redundancy_reflns_obs            ? 
_refine_ls_shell.pdbx_refine_id                   'X-RAY DIFFRACTION' 
# 
loop_
_pdbx_xplor_file.serial_no 
_pdbx_xplor_file.param_file 
_pdbx_xplor_file.topol_file 
_pdbx_xplor_file.pdbx_refine_id 
1 protein_rep.param protein.top 'X-RAY DIFFRACTION' 
2 dna-rna_rep.param dna-rna.top 'X-RAY DIFFRACTION' 
3 water_rep.param   water.top   'X-RAY DIFFRACTION' 
4 ion.param         ion.top     'X-RAY DIFFRACTION' 
# 
_struct.entry_id                  3B9U 
_struct.title                     'Crystal structure of L26N/D28N/H93G mutant of Human acidic fibroblast growth factor' 
_struct.pdbx_model_details        ? 
_struct.pdbx_CASP_flag            ? 
_struct.pdbx_model_type_details   ? 
# 
_struct_keywords.entry_id        3B9U 
_struct_keywords.pdbx_keywords   HORMONE 
_struct_keywords.text            
;beta-trefoil, Acetylation, Angiogenesis, Developmental protein, Differentiation, Growth factor, Heparin-binding, Mitogen, Polymorphism, HORMONE
;
# 
loop_
_struct_asym.id 
_struct_asym.pdbx_blank_PDB_chainid_flag 
_struct_asym.pdbx_modified 
_struct_asym.entity_id 
_struct_asym.details 
A N N 1 ? 
B N N 2 ? 
C N N 3 ? 
# 
_struct_biol.id        1 
_struct_biol.details   ? 
# 
loop_
_struct_conf.conf_type_id 
_struct_conf.id 
_struct_conf.pdbx_PDB_helix_id 
_struct_conf.beg_label_comp_id 
_struct_conf.beg_label_asym_id 
_struct_conf.beg_label_seq_id 
_struct_conf.pdbx_beg_PDB_ins_code 
_struct_conf.end_label_comp_id 
_struct_conf.end_label_asym_id 
_struct_conf.end_label_seq_id 
_struct_conf.pdbx_end_PDB_ins_code 
_struct_conf.beg_auth_comp_id 
_struct_conf.beg_auth_asym_id 
_struct_conf.beg_auth_seq_id 
_struct_conf.end_auth_comp_id 
_struct_conf.end_auth_asym_id 
_struct_conf.end_auth_seq_id 
_struct_conf.pdbx_PDB_helix_class 
_struct_conf.details 
_struct_conf.pdbx_PDB_helix_length 
HELX_P HELX_P1 1 ASP A 45  ? ILE A 48  ? ASP A 39  ILE A 42  5 ? 4 
HELX_P HELX_P2 2 ASN A 86  ? CYS A 89  ? ASN A 80  CYS A 83  5 ? 4 
HELX_P HELX_P3 3 HIS A 108 ? ASN A 112 ? HIS A 102 ASN A 106 5 ? 5 
HELX_P HELX_P4 4 ARG A 125 ? THR A 129 ? ARG A 119 THR A 123 5 ? 5 
HELX_P HELX_P5 5 GLN A 133 ? ILE A 136 ? GLN A 127 ILE A 130 5 ? 4 
# 
_struct_conf_type.id          HELX_P 
_struct_conf_type.criteria    ? 
_struct_conf_type.reference   ? 
# 
loop_
_struct_sheet.id 
_struct_sheet.type 
_struct_sheet.number_strands 
_struct_sheet.details 
A ? 4 ? 
B ? 4 ? 
C ? 2 ? 
# 
loop_
_struct_sheet_order.sheet_id 
_struct_sheet_order.range_id_1 
_struct_sheet_order.range_id_2 
_struct_sheet_order.offset 
_struct_sheet_order.sense 
A 1 2 ? anti-parallel 
A 2 3 ? anti-parallel 
A 3 4 ? anti-parallel 
B 1 2 ? anti-parallel 
B 2 3 ? anti-parallel 
B 3 4 ? anti-parallel 
C 1 2 ? anti-parallel 
# 
loop_
_struct_sheet_range.sheet_id 
_struct_sheet_range.id 
_struct_sheet_range.beg_label_comp_id 
_struct_sheet_range.beg_label_asym_id 
_struct_sheet_range.beg_label_seq_id 
_struct_sheet_range.pdbx_beg_PDB_ins_code 
_struct_sheet_range.end_label_comp_id 
_struct_sheet_range.end_label_asym_id 
_struct_sheet_range.end_label_seq_id 
_struct_sheet_range.pdbx_end_PDB_ins_code 
_struct_sheet_range.beg_auth_comp_id 
_struct_sheet_range.beg_auth_asym_id 
_struct_sheet_range.beg_auth_seq_id 
_struct_sheet_range.end_auth_comp_id 
_struct_sheet_range.end_auth_asym_id 
_struct_sheet_range.end_auth_seq_id 
A 1 VAL A 37  ? THR A 40  ? VAL A 31  THR A 34  
A 2 HIS A 27  ? ILE A 31  ? HIS A 21  ILE A 25  
A 3 LYS A 18  ? CYS A 22  ? LYS A 12  CYS A 16  
A 4 PHE A 138 ? PRO A 142 ? PHE A 132 PRO A 136 
B 1 LEU A 50  ? SER A 56  ? LEU A 44  SER A 50  
B 2 GLU A 59  ? SER A 64  ? GLU A 53  SER A 58  
B 3 PHE A 91  ? LEU A 95  ? PHE A 85  LEU A 89  
B 4 ASN A 101 ? SER A 105 ? ASN A 95  SER A 99  
C 1 TYR A 70  ? MET A 73  ? TYR A 64  MET A 67  
C 2 LEU A 79  ? SER A 82  ? LEU A 73  SER A 76  
# 
loop_
_pdbx_struct_sheet_hbond.sheet_id 
_pdbx_struct_sheet_hbond.range_id_1 
_pdbx_struct_sheet_hbond.range_id_2 
_pdbx_struct_sheet_hbond.range_1_label_atom_id 
_pdbx_struct_sheet_hbond.range_1_label_comp_id 
_pdbx_struct_sheet_hbond.range_1_label_asym_id 
_pdbx_struct_sheet_hbond.range_1_label_seq_id 
_pdbx_struct_sheet_hbond.range_1_PDB_ins_code 
_pdbx_struct_sheet_hbond.range_1_auth_atom_id 
_pdbx_struct_sheet_hbond.range_1_auth_comp_id 
_pdbx_struct_sheet_hbond.range_1_auth_asym_id 
_pdbx_struct_sheet_hbond.range_1_auth_seq_id 
_pdbx_struct_sheet_hbond.range_2_label_atom_id 
_pdbx_struct_sheet_hbond.range_2_label_comp_id 
_pdbx_struct_sheet_hbond.range_2_label_asym_id 
_pdbx_struct_sheet_hbond.range_2_label_seq_id 
_pdbx_struct_sheet_hbond.range_2_PDB_ins_code 
_pdbx_struct_sheet_hbond.range_2_auth_atom_id 
_pdbx_struct_sheet_hbond.range_2_auth_comp_id 
_pdbx_struct_sheet_hbond.range_2_auth_asym_id 
_pdbx_struct_sheet_hbond.range_2_auth_seq_id 
A 1 2 O ASP A 38 ? O ASP A 32 N ARG A 30  ? N ARG A 24  
A 2 3 O HIS A 27 ? O HIS A 21 N CYS A 22  ? N CYS A 16  
A 3 4 N LEU A 19 ? N LEU A 13 O LEU A 141 ? O LEU A 135 
B 1 2 N GLN A 51 ? N GLN A 45 O LYS A 63  ? O LYS A 57  
B 2 3 N VAL A 60 ? N VAL A 54 O PHE A 91  ? O PHE A 85  
B 3 4 N LEU A 92 ? N LEU A 86 O ILE A 104 ? O ILE A 98  
C 1 2 N TYR A 70 ? N TYR A 64 O SER A 82  ? O SER A 76  
# 
_struct_site.id                   AC1 
_struct_site.pdbx_evidence_code   Software 
_struct_site.pdbx_auth_asym_id    A 
_struct_site.pdbx_auth_comp_id    SO4 
_struct_site.pdbx_auth_seq_id     141 
_struct_site.pdbx_auth_ins_code   ? 
_struct_site.pdbx_num_residues    5 
_struct_site.details              'BINDING SITE FOR RESIDUE SO4 A 141' 
# 
loop_
_struct_site_gen.id 
_struct_site_gen.site_id 
_struct_site_gen.pdbx_num_res 
_struct_site_gen.label_comp_id 
_struct_site_gen.label_asym_id 
_struct_site_gen.label_seq_id 
_struct_site_gen.pdbx_auth_ins_code 
_struct_site_gen.auth_comp_id 
_struct_site_gen.auth_asym_id 
_struct_site_gen.auth_seq_id 
_struct_site_gen.label_atom_id 
_struct_site_gen.label_alt_id 
_struct_site_gen.symmetry 
_struct_site_gen.details 
1 AC1 5 ASN A 24  ? ASN A 18  . ? 1_555 ? 
2 AC1 5 LYS A 118 ? LYS A 112 . ? 1_555 ? 
3 AC1 5 LYS A 119 ? LYS A 113 . ? 1_555 ? 
4 AC1 5 LYS A 124 ? LYS A 118 . ? 1_555 ? 
5 AC1 5 HOH C .   ? HOH A 157 . ? 1_555 ? 
# 
_atom_sites.entry_id                    3B9U 
_atom_sites.fract_transf_matrix[1][1]   -0.01721737 
_atom_sites.fract_transf_matrix[1][2]   -0.02037412 
_atom_sites.fract_transf_matrix[1][3]   -0.01469607 
_atom_sites.fract_transf_matrix[2][1]   -0.00813352 
_atom_sites.fract_transf_matrix[2][2]   0.01643690 
_atom_sites.fract_transf_matrix[2][3]   -0.01325862 
_atom_sites.fract_transf_matrix[3][1]   0.01330731 
_atom_sites.fract_transf_matrix[3][2]   -0.00586318 
_atom_sites.fract_transf_matrix[3][3]   -0.01543205 
_atom_sites.fract_transf_vector[1]      -0.908809 
_atom_sites.fract_transf_vector[2]      -1.777300 
_atom_sites.fract_transf_vector[3]      -1.214484 
# 
loop_
_atom_type.symbol 
C 
N 
O 
S 
# 
loop_
_atom_site.group_PDB 
_atom_site.id 
_atom_site.type_symbol 
_atom_site.label_atom_id 
_atom_site.label_alt_id 
_atom_site.label_comp_id 
_atom_site.label_asym_id 
_atom_site.label_entity_id 
_atom_site.label_seq_id 
_atom_site.pdbx_PDB_ins_code 
_atom_site.Cartn_x 
_atom_site.Cartn_y 
_atom_site.Cartn_z 
_atom_site.occupancy 
_atom_site.B_iso_or_equiv 
_atom_site.pdbx_formal_charge 
_atom_site.auth_seq_id 
_atom_site.auth_comp_id 
_atom_site.auth_asym_id 
_atom_site.auth_atom_id 
_atom_site.pdbx_PDB_model_num 
ATOM   1    N N   . ASN A 1 13  ? -14.272 -4.704  8.069   1.00 43.75 ? 7   ASN A N   1 
ATOM   2    C CA  . ASN A 1 13  ? -14.205 -3.688  6.978   1.00 42.90 ? 7   ASN A CA  1 
ATOM   3    C C   . ASN A 1 13  ? -13.258 -4.155  5.885   1.00 42.09 ? 7   ASN A C   1 
ATOM   4    O O   . ASN A 1 13  ? -12.932 -3.402  4.970   1.00 42.86 ? 7   ASN A O   1 
ATOM   5    C CB  . ASN A 1 13  ? -13.743 -2.341  7.537   1.00 44.21 ? 7   ASN A CB  1 
ATOM   6    C CG  . ASN A 1 13  ? -12.435 -2.446  8.289   1.00 45.01 ? 7   ASN A CG  1 
ATOM   7    O OD1 . ASN A 1 13  ? -11.348 -2.455  7.692   1.00 46.03 ? 7   ASN A OD1 1 
ATOM   8    N ND2 . ASN A 1 13  ? -12.528 -2.539  9.613   1.00 45.59 ? 7   ASN A ND2 1 
ATOM   9    N N   . TYR A 1 14  ? -12.807 -5.401  5.992   1.00 40.18 ? 8   TYR A N   1 
ATOM   10   C CA  . TYR A 1 14  ? -11.923 -5.962  4.980   1.00 39.20 ? 8   TYR A CA  1 
ATOM   11   C C   . TYR A 1 14  ? -12.753 -6.857  4.070   1.00 39.12 ? 8   TYR A C   1 
ATOM   12   O O   . TYR A 1 14  ? -12.221 -7.455  3.132   1.00 39.36 ? 8   TYR A O   1 
ATOM   13   C CB  . TYR A 1 14  ? -10.818 -6.816  5.611   1.00 36.43 ? 8   TYR A CB  1 
ATOM   14   C CG  . TYR A 1 14  ? -9.925  -6.084  6.583   1.00 36.20 ? 8   TYR A CG  1 
ATOM   15   C CD1 . TYR A 1 14  ? -9.335  -4.867  6.238   1.00 34.84 ? 8   TYR A CD1 1 
ATOM   16   C CD2 . TYR A 1 14  ? -9.669  -6.612  7.854   1.00 35.48 ? 8   TYR A CD2 1 
ATOM   17   C CE1 . TYR A 1 14  ? -8.515  -4.190  7.127   1.00 35.40 ? 8   TYR A CE1 1 
ATOM   18   C CE2 . TYR A 1 14  ? -8.846  -5.942  8.757   1.00 35.14 ? 8   TYR A CE2 1 
ATOM   19   C CZ  . TYR A 1 14  ? -8.275  -4.733  8.383   1.00 35.29 ? 8   TYR A CZ  1 
ATOM   20   O OH  . TYR A 1 14  ? -7.476  -4.059  9.264   1.00 34.81 ? 8   TYR A OH  1 
ATOM   21   N N   . LYS A 1 15  ? -14.053 -6.938  4.342   1.00 40.14 ? 9   LYS A N   1 
ATOM   22   C CA  . LYS A 1 15  ? -14.937 -7.810  3.569   1.00 41.13 ? 9   LYS A CA  1 
ATOM   23   C C   . LYS A 1 15  ? -14.967 -7.546  2.064   1.00 38.74 ? 9   LYS A C   1 
ATOM   24   O O   . LYS A 1 15  ? -14.981 -8.489  1.271   1.00 37.89 ? 9   LYS A O   1 
ATOM   25   C CB  . LYS A 1 15  ? -16.360 -7.752  4.128   1.00 46.35 ? 9   LYS A CB  1 
ATOM   26   C CG  . LYS A 1 15  ? -17.320 -8.787  3.545   1.00 54.40 ? 9   LYS A CG  1 
ATOM   27   C CD  . LYS A 1 15  ? -16.910 -10.227 3.863   1.00 60.54 ? 9   LYS A CD  1 
ATOM   28   C CE  . LYS A 1 15  ? -16.028 -10.828 2.774   1.00 63.98 ? 9   LYS A CE  1 
ATOM   29   N NZ  . LYS A 1 15  ? -15.718 -12.264 3.035   1.00 67.26 ? 9   LYS A NZ  1 
ATOM   30   N N   . LYS A 1 16  ? -14.987 -6.280  1.664   1.00 34.00 ? 10  LYS A N   1 
ATOM   31   C CA  . LYS A 1 16  ? -15.017 -5.966  0.238   1.00 32.87 ? 10  LYS A CA  1 
ATOM   32   C C   . LYS A 1 16  ? -13.741 -5.286  -0.239  1.00 30.78 ? 10  LYS A C   1 
ATOM   33   O O   . LYS A 1 16  ? -12.998 -4.705  0.553   1.00 29.45 ? 10  LYS A O   1 
ATOM   34   C CB  . LYS A 1 16  ? -16.234 -5.094  -0.076  1.00 33.99 ? 10  LYS A CB  1 
ATOM   35   C CG  . LYS A 1 16  ? -17.555 -5.787  0.275   1.00 36.28 ? 10  LYS A CG  1 
ATOM   36   C CD  . LYS A 1 16  ? -18.754 -4.976  -0.180  1.00 39.34 ? 10  LYS A CD  1 
ATOM   37   C CE  . LYS A 1 16  ? -20.065 -5.745  0.011   1.00 41.00 ? 10  LYS A CE  1 
ATOM   38   N NZ  . LYS A 1 16  ? -20.380 -6.077  1.430   1.00 43.84 ? 10  LYS A NZ  1 
ATOM   39   N N   . PRO A 1 17  ? -13.467 -5.360  -1.547  1.00 29.54 ? 11  PRO A N   1 
ATOM   40   C CA  . PRO A 1 17  ? -12.254 -4.725  -2.074  1.00 28.77 ? 11  PRO A CA  1 
ATOM   41   C C   . PRO A 1 17  ? -12.331 -3.213  -2.009  1.00 27.54 ? 11  PRO A C   1 
ATOM   42   O O   . PRO A 1 17  ? -13.408 -2.634  -1.885  1.00 28.69 ? 11  PRO A O   1 
ATOM   43   C CB  . PRO A 1 17  ? -12.177 -5.240  -3.511  1.00 29.14 ? 11  PRO A CB  1 
ATOM   44   C CG  . PRO A 1 17  ? -13.612 -5.575  -3.852  1.00 30.68 ? 11  PRO A CG  1 
ATOM   45   C CD  . PRO A 1 17  ? -14.153 -6.160  -2.577  1.00 30.22 ? 11  PRO A CD  1 
ATOM   46   N N   . LYS A 1 18  ? -11.182 -2.560  -2.068  1.00 24.82 ? 12  LYS A N   1 
ATOM   47   C CA  . LYS A 1 18  ? -11.184 -1.112  -2.047  1.00 24.64 ? 12  LYS A CA  1 
ATOM   48   C C   . LYS A 1 18  ? -9.990  -0.528  -2.743  1.00 22.29 ? 12  LYS A C   1 
ATOM   49   O O   . LYS A 1 18  ? -9.139  -1.248  -3.257  1.00 21.51 ? 12  LYS A O   1 
ATOM   50   C CB  . LYS A 1 18  ? -11.254 -0.579  -0.624  1.00 30.42 ? 12  LYS A CB  1 
ATOM   51   C CG  . LYS A 1 18  ? -10.510 -1.380  0.398   1.00 32.26 ? 12  LYS A CG  1 
ATOM   52   C CD  . LYS A 1 18  ? -10.732 -0.774  1.768   1.00 36.61 ? 12  LYS A CD  1 
ATOM   53   C CE  . LYS A 1 18  ? -10.545 -1.795  2.882   1.00 38.09 ? 12  LYS A CE  1 
ATOM   54   N NZ  . LYS A 1 18  ? -11.579 -2.871  2.828   1.00 41.47 ? 12  LYS A NZ  1 
ATOM   55   N N   . LEU A 1 19  ? -9.974  0.790   -2.805  1.00 19.64 ? 13  LEU A N   1 
ATOM   56   C CA  . LEU A 1 19  ? -8.869  1.511   -3.416  1.00 18.91 ? 13  LEU A CA  1 
ATOM   57   C C   . LEU A 1 19  ? -8.106  2.190   -2.289  1.00 19.23 ? 13  LEU A C   1 
ATOM   58   O O   . LEU A 1 19  ? -8.711  2.580   -1.280  1.00 20.80 ? 13  LEU A O   1 
ATOM   59   C CB  . LEU A 1 19  ? -9.376  2.616   -4.328  1.00 20.36 ? 13  LEU A CB  1 
ATOM   60   C CG  . LEU A 1 19  ? -10.478 2.214   -5.308  1.00 21.52 ? 13  LEU A CG  1 
ATOM   61   C CD1 . LEU A 1 19  ? -10.894 3.425   -6.127  1.00 22.22 ? 13  LEU A CD1 1 
ATOM   62   C CD2 . LEU A 1 19  ? -9.989  1.093   -6.187  1.00 21.10 ? 13  LEU A CD2 1 
ATOM   63   N N   . LEU A 1 20  ? -6.792  2.339   -2.442  1.00 18.30 ? 14  LEU A N   1 
ATOM   64   C CA  . LEU A 1 20  ? -6.021  3.075   -1.427  1.00 18.32 ? 14  LEU A CA  1 
ATOM   65   C C   . LEU A 1 20  ? -5.517  4.343   -2.086  1.00 17.04 ? 14  LEU A C   1 
ATOM   66   O O   . LEU A 1 20  ? -4.621  4.299   -2.935  1.00 17.71 ? 14  LEU A O   1 
ATOM   67   C CB  . LEU A 1 20  ? -4.851  2.241   -0.896  1.00 17.95 ? 14  LEU A CB  1 
ATOM   68   C CG  . LEU A 1 20  ? -5.255  1.107   0.060   1.00 17.10 ? 14  LEU A CG  1 
ATOM   69   C CD1 . LEU A 1 20  ? -4.011  0.276   0.424   1.00 18.68 ? 14  LEU A CD1 1 
ATOM   70   C CD2 . LEU A 1 20  ? -5.917  1.705   1.333   1.00 21.19 ? 14  LEU A CD2 1 
ATOM   71   N N   . TYR A 1 21  ? -6.126  5.464   -1.703  1.00 18.35 ? 15  TYR A N   1 
ATOM   72   C CA  . TYR A 1 21  ? -5.840  6.782   -2.265  1.00 18.97 ? 15  TYR A CA  1 
ATOM   73   C C   . TYR A 1 21  ? -4.818  7.576   -1.471  1.00 17.64 ? 15  TYR A C   1 
ATOM   74   O O   . TYR A 1 21  ? -4.993  7.783   -0.271  1.00 18.61 ? 15  TYR A O   1 
ATOM   75   C CB  . TYR A 1 21  ? -7.148  7.573   -2.329  1.00 21.94 ? 15  TYR A CB  1 
ATOM   76   C CG  . TYR A 1 21  ? -7.001  8.992   -2.812  1.00 24.34 ? 15  TYR A CG  1 
ATOM   77   C CD1 . TYR A 1 21  ? -6.970  9.287   -4.170  1.00 25.92 ? 15  TYR A CD1 1 
ATOM   78   C CD2 . TYR A 1 21  ? -6.888  10.040  -1.909  1.00 27.62 ? 15  TYR A CD2 1 
ATOM   79   C CE1 . TYR A 1 21  ? -6.829  10.608  -4.615  1.00 27.73 ? 15  TYR A CE1 1 
ATOM   80   C CE2 . TYR A 1 21  ? -6.749  11.356  -2.346  1.00 29.71 ? 15  TYR A CE2 1 
ATOM   81   C CZ  . TYR A 1 21  ? -6.719  11.630  -3.697  1.00 29.10 ? 15  TYR A CZ  1 
ATOM   82   O OH  . TYR A 1 21  ? -6.555  12.934  -4.125  1.00 33.71 ? 15  TYR A OH  1 
ATOM   83   N N   . CYS A 1 22  ? -3.763  8.018   -2.154  1.00 19.57 ? 16  CYS A N   1 
ATOM   84   C CA  . CYS A 1 22  ? -2.688  8.770   -1.511  1.00 21.12 ? 16  CYS A CA  1 
ATOM   85   C C   . CYS A 1 22  ? -2.889  10.248  -1.734  1.00 23.09 ? 16  CYS A C   1 
ATOM   86   O O   . CYS A 1 22  ? -2.910  10.716  -2.879  1.00 23.14 ? 16  CYS A O   1 
ATOM   87   C CB  . CYS A 1 22  ? -1.328  8.354   -2.064  1.00 17.41 ? 16  CYS A CB  1 
ATOM   88   S SG  . CYS A 1 22  ? 0.044   9.164   -1.203  1.00 19.59 ? 16  CYS A SG  1 
ATOM   89   N N   . SER A 1 23  ? -3.005  10.974  -0.630  1.00 28.10 ? 17  SER A N   1 
ATOM   90   C CA  . SER A 1 23  ? -3.239  12.411  -0.663  1.00 29.90 ? 17  SER A CA  1 
ATOM   91   C C   . SER A 1 23  ? -2.061  13.273  -1.118  1.00 29.13 ? 17  SER A C   1 
ATOM   92   O O   . SER A 1 23  ? -2.216  14.470  -1.341  1.00 31.03 ? 17  SER A O   1 
ATOM   93   C CB  . SER A 1 23  ? -3.713  12.882  0.718   1.00 32.29 ? 17  SER A CB  1 
ATOM   94   O OG  . SER A 1 23  ? -2.727  12.570  1.695   1.00 35.75 ? 17  SER A OG  1 
ATOM   95   N N   . ASN A 1 24  ? -0.882  12.682  -1.260  1.00 26.79 ? 18  ASN A N   1 
ATOM   96   C CA  . ASN A 1 24  ? 0.280   13.438  -1.684  1.00 25.55 ? 18  ASN A CA  1 
ATOM   97   C C   . ASN A 1 24  ? 0.138   13.950  -3.122  1.00 26.16 ? 18  ASN A C   1 
ATOM   98   O O   . ASN A 1 24  ? 0.203   15.168  -3.380  1.00 28.30 ? 18  ASN A O   1 
ATOM   99   C CB  . ASN A 1 24  ? 1.510   12.551  -1.532  1.00 22.62 ? 18  ASN A CB  1 
ATOM   100  C CG  . ASN A 1 24  ? 2.798   13.309  -1.680  1.00 22.27 ? 18  ASN A CG  1 
ATOM   101  O OD1 . ASN A 1 24  ? 2.866   14.524  -1.439  1.00 22.89 ? 18  ASN A OD1 1 
ATOM   102  N ND2 . ASN A 1 24  ? 3.850   12.590  -2.044  1.00 21.37 ? 18  ASN A ND2 1 
ATOM   103  N N   . GLY A 1 25  ? -0.063  13.031  -4.059  1.00 24.72 ? 19  GLY A N   1 
ATOM   104  C CA  . GLY A 1 25  ? -0.231  13.416  -5.452  1.00 24.04 ? 19  GLY A CA  1 
ATOM   105  C C   . GLY A 1 25  ? -1.605  13.070  -6.008  1.00 23.92 ? 19  GLY A C   1 
ATOM   106  O O   . GLY A 1 25  ? -1.891  13.319  -7.182  1.00 26.66 ? 19  GLY A O   1 
ATOM   107  N N   . GLY A 1 26  ? -2.454  12.498  -5.166  1.00 24.50 ? 20  GLY A N   1 
ATOM   108  C CA  . GLY A 1 26  ? -3.782  12.102  -5.610  1.00 23.93 ? 20  GLY A CA  1 
ATOM   109  C C   . GLY A 1 26  ? -3.734  10.848  -6.458  1.00 23.35 ? 20  GLY A C   1 
ATOM   110  O O   . GLY A 1 26  ? -4.382  10.755  -7.501  1.00 27.28 ? 20  GLY A O   1 
ATOM   111  N N   . HIS A 1 27  ? -2.967  9.869   -6.002  1.00 20.43 ? 21  HIS A N   1 
ATOM   112  C CA  . HIS A 1 27  ? -2.816  8.603   -6.713  1.00 18.70 ? 21  HIS A CA  1 
ATOM   113  C C   . HIS A 1 27  ? -3.447  7.437   -5.996  1.00 18.91 ? 21  HIS A C   1 
ATOM   114  O O   . HIS A 1 27  ? -3.436  7.375   -4.773  1.00 19.91 ? 21  HIS A O   1 
ATOM   115  C CB  . HIS A 1 27  ? -1.346  8.218   -6.839  1.00 18.01 ? 21  HIS A CB  1 
ATOM   116  C CG  . HIS A 1 27  ? -0.545  9.136   -7.694  1.00 19.05 ? 21  HIS A CG  1 
ATOM   117  N ND1 . HIS A 1 27  ? 0.137   10.220  -7.184  1.00 18.57 ? 21  HIS A ND1 1 
ATOM   118  C CD2 . HIS A 1 27  ? -0.358  9.158   -9.033  1.00 19.11 ? 21  HIS A CD2 1 
ATOM   119  C CE1 . HIS A 1 27  ? 0.712   10.873  -8.178  1.00 19.81 ? 21  HIS A CE1 1 
ATOM   120  N NE2 . HIS A 1 27  ? 0.427   10.251  -9.307  1.00 19.20 ? 21  HIS A NE2 1 
ATOM   121  N N   . PHE A 1 28  ? -3.946  6.491   -6.776  1.00 17.95 ? 22  PHE A N   1 
ATOM   122  C CA  . PHE A 1 28  ? -4.471  5.260   -6.229  1.00 17.66 ? 22  PHE A CA  1 
ATOM   123  C C   . PHE A 1 28  ? -3.320  4.258   -6.337  1.00 17.46 ? 22  PHE A C   1 
ATOM   124  O O   . PHE A 1 28  ? -2.671  4.171   -7.393  1.00 16.53 ? 22  PHE A O   1 
ATOM   125  C CB  . PHE A 1 28  ? -5.659  4.761   -7.063  1.00 19.17 ? 22  PHE A CB  1 
ATOM   126  C CG  . PHE A 1 28  ? -6.824  5.698   -7.070  1.00 20.26 ? 22  PHE A CG  1 
ATOM   127  C CD1 . PHE A 1 28  ? -7.685  5.762   -5.980  1.00 20.49 ? 22  PHE A CD1 1 
ATOM   128  C CD2 . PHE A 1 28  ? -7.032  6.547   -8.143  1.00 21.85 ? 22  PHE A CD2 1 
ATOM   129  C CE1 . PHE A 1 28  ? -8.744  6.678   -5.965  1.00 23.55 ? 22  PHE A CE1 1 
ATOM   130  C CE2 . PHE A 1 28  ? -8.086  7.464   -8.129  1.00 21.97 ? 22  PHE A CE2 1 
ATOM   131  C CZ  . PHE A 1 28  ? -8.929  7.525   -7.044  1.00 21.59 ? 22  PHE A CZ  1 
ATOM   132  N N   . LEU A 1 29  ? -3.043  3.528   -5.256  1.00 16.33 ? 23  LEU A N   1 
ATOM   133  C CA  . LEU A 1 29  ? -1.972  2.525   -5.246  1.00 15.90 ? 23  LEU A CA  1 
ATOM   134  C C   . LEU A 1 29  ? -2.269  1.467   -6.300  1.00 16.16 ? 23  LEU A C   1 
ATOM   135  O O   . LEU A 1 29  ? -3.395  0.934   -6.367  1.00 16.26 ? 23  LEU A O   1 
ATOM   136  C CB  . LEU A 1 29  ? -1.865  1.885   -3.852  1.00 15.62 ? 23  LEU A CB  1 
ATOM   137  C CG  . LEU A 1 29  ? -0.672  0.946   -3.687  1.00 15.13 ? 23  LEU A CG  1 
ATOM   138  C CD1 . LEU A 1 29  ? 0.641   1.727   -3.800  1.00 16.87 ? 23  LEU A CD1 1 
ATOM   139  C CD2 . LEU A 1 29  ? -0.760  0.282   -2.280  1.00 16.63 ? 23  LEU A CD2 1 
ATOM   140  N N   . ARG A 1 30  ? -1.266  1.157   -7.128  1.00 13.94 ? 24  ARG A N   1 
ATOM   141  C CA  . ARG A 1 30  ? -1.421  0.231   -8.232  1.00 15.22 ? 24  ARG A CA  1 
ATOM   142  C C   . ARG A 1 30  ? -0.372  -0.874  -8.236  1.00 14.83 ? 24  ARG A C   1 
ATOM   143  O O   . ARG A 1 30  ? 0.827   -0.608  -8.084  1.00 17.28 ? 24  ARG A O   1 
ATOM   144  C CB  . ARG A 1 30  ? -1.351  1.031   -9.556  1.00 14.66 ? 24  ARG A CB  1 
ATOM   145  C CG  . ARG A 1 30  ? -1.422  0.140   -10.827 1.00 16.12 ? 24  ARG A CG  1 
ATOM   146  C CD  . ARG A 1 30  ? -1.641  0.978   -12.112 1.00 18.23 ? 24  ARG A CD  1 
ATOM   147  N NE  . ARG A 1 30  ? -0.540  1.916   -12.325 1.00 18.57 ? 24  ARG A NE  1 
ATOM   148  C CZ  . ARG A 1 30  ? -0.475  2.774   -13.342 1.00 21.05 ? 24  ARG A CZ  1 
ATOM   149  N NH1 . ARG A 1 30  ? -1.463  2.823   -14.236 1.00 20.72 ? 24  ARG A NH1 1 
ATOM   150  N NH2 . ARG A 1 30  ? 0.584   3.564   -13.471 1.00 19.50 ? 24  ARG A NH2 1 
ATOM   151  N N   . ILE A 1 31  ? -0.824  -2.114  -8.409  1.00 14.71 ? 25  ILE A N   1 
ATOM   152  C CA  . ILE A 1 31  ? 0.077   -3.266  -8.486  1.00 14.36 ? 25  ILE A CA  1 
ATOM   153  C C   . ILE A 1 31  ? 0.002   -3.734  -9.934  1.00 16.17 ? 25  ILE A C   1 
ATOM   154  O O   . ILE A 1 31  ? -1.012  -4.306  -10.362 1.00 16.49 ? 25  ILE A O   1 
ATOM   155  C CB  . ILE A 1 31  ? -0.335  -4.398  -7.522  1.00 17.27 ? 25  ILE A CB  1 
ATOM   156  C CG1 . ILE A 1 31  ? -0.370  -3.841  -6.086  1.00 17.82 ? 25  ILE A CG1 1 
ATOM   157  C CG2 . ILE A 1 31  ? 0.652   -5.549  -7.641  1.00 18.62 ? 25  ILE A CG2 1 
ATOM   158  C CD1 . ILE A 1 31  ? -0.825  -4.831  -4.989  1.00 20.17 ? 25  ILE A CD1 1 
ATOM   159  N N   . ASN A 1 32  ? 1.063   -3.459  -10.687 1.00 17.20 ? 26  ASN A N   1 
ATOM   160  C CA  . ASN A 1 32  ? 1.094   -3.816  -12.110 1.00 17.95 ? 26  ASN A CA  1 
ATOM   161  C C   . ASN A 1 32  ? 1.351   -5.298  -12.383 1.00 19.36 ? 26  ASN A C   1 
ATOM   162  O O   . ASN A 1 32  ? 1.994   -5.994  -11.605 1.00 18.77 ? 26  ASN A O   1 
ATOM   163  C CB  . ASN A 1 32  ? 2.138   -2.943  -12.798 1.00 18.65 ? 26  ASN A CB  1 
ATOM   164  C CG  . ASN A 1 32  ? 1.842   -1.485  -12.617 1.00 19.08 ? 26  ASN A CG  1 
ATOM   165  O OD1 . ASN A 1 32  ? 0.899   -0.953  -13.201 1.00 19.31 ? 26  ASN A OD1 1 
ATOM   166  N ND2 . ASN A 1 32  ? 2.619   -0.831  -11.774 1.00 20.29 ? 26  ASN A ND2 1 
ATOM   167  N N   . PRO A 1 33  ? 0.814   -5.814  -13.505 1.00 21.76 ? 27  PRO A N   1 
ATOM   168  C CA  . PRO A 1 33  ? 1.031   -7.231  -13.820 1.00 23.03 ? 27  PRO A CA  1 
ATOM   169  C C   . PRO A 1 33  ? 2.512   -7.652  -13.853 1.00 22.84 ? 27  PRO A C   1 
ATOM   170  O O   . PRO A 1 33  ? 2.828   -8.799  -13.535 1.00 24.09 ? 27  PRO A O   1 
ATOM   171  C CB  . PRO A 1 33  ? 0.318   -7.407  -15.181 1.00 24.70 ? 27  PRO A CB  1 
ATOM   172  C CG  . PRO A 1 33  ? 0.218   -6.044  -15.734 1.00 27.34 ? 27  PRO A CG  1 
ATOM   173  C CD  . PRO A 1 33  ? 0.010   -5.142  -14.529 1.00 24.49 ? 27  PRO A CD  1 
ATOM   174  N N   . ASN A 1 34  ? 3.414   -6.728  -14.212 1.00 21.20 ? 28  ASN A N   1 
ATOM   175  C CA  . ASN A 1 34  ? 4.833   -7.061  -14.278 1.00 21.48 ? 28  ASN A CA  1 
ATOM   176  C C   . ASN A 1 34  ? 5.516   -7.074  -12.922 1.00 20.50 ? 28  ASN A C   1 
ATOM   177  O O   . ASN A 1 34  ? 6.723   -7.278  -12.828 1.00 21.77 ? 28  ASN A O   1 
ATOM   178  C CB  . ASN A 1 34  ? 5.594   -6.119  -15.225 1.00 21.24 ? 28  ASN A CB  1 
ATOM   179  C CG  . ASN A 1 34  ? 5.704   -4.693  -14.703 1.00 23.37 ? 28  ASN A CG  1 
ATOM   180  O OD1 . ASN A 1 34  ? 5.200   -4.355  -13.624 1.00 21.14 ? 28  ASN A OD1 1 
ATOM   181  N ND2 . ASN A 1 34  ? 6.370   -3.835  -15.489 1.00 22.69 ? 28  ASN A ND2 1 
ATOM   182  N N   . GLY A 1 35  ? 4.733   -6.854  -11.869 1.00 19.92 ? 29  GLY A N   1 
ATOM   183  C CA  . GLY A 1 35  ? 5.310   -6.895  -10.539 1.00 19.07 ? 29  GLY A CA  1 
ATOM   184  C C   . GLY A 1 35  ? 5.744   -5.575  -9.945  1.00 19.66 ? 29  GLY A C   1 
ATOM   185  O O   . GLY A 1 35  ? 6.094   -5.517  -8.765  1.00 19.97 ? 29  GLY A O   1 
ATOM   186  N N   . THR A 1 36  ? 5.753   -4.512  -10.738 1.00 18.58 ? 30  THR A N   1 
ATOM   187  C CA  . THR A 1 36  ? 6.124   -3.215  -10.179 1.00 16.82 ? 30  THR A CA  1 
ATOM   188  C C   . THR A 1 36  ? 4.912   -2.595  -9.470  1.00 17.21 ? 30  THR A C   1 
ATOM   189  O O   . THR A 1 36  ? 3.754   -2.945  -9.745  1.00 17.61 ? 30  THR A O   1 
ATOM   190  C CB  . THR A 1 36  ? 6.619   -2.243  -11.263 1.00 18.58 ? 30  THR A CB  1 
ATOM   191  O OG1 . THR A 1 36  ? 5.563   -1.991  -12.191 1.00 21.07 ? 30  THR A OG1 1 
ATOM   192  C CG2 . THR A 1 36  ? 7.824   -2.841  -11.983 1.00 19.66 ? 30  THR A CG2 1 
ATOM   193  N N   . VAL A 1 37  ? 5.176   -1.696  -8.534  1.00 16.60 ? 31  VAL A N   1 
ATOM   194  C CA  . VAL A 1 37  ? 4.107   -1.037  -7.793  1.00 15.42 ? 31  VAL A CA  1 
ATOM   195  C C   . VAL A 1 37  ? 4.304   0.462   -7.906  1.00 16.41 ? 31  VAL A C   1 
ATOM   196  O O   . VAL A 1 37  ? 5.428   0.968   -7.739  1.00 17.20 ? 31  VAL A O   1 
ATOM   197  C CB  . VAL A 1 37  ? 4.133   -1.426  -6.287  1.00 14.18 ? 31  VAL A CB  1 
ATOM   198  C CG1 . VAL A 1 37  ? 3.167   -0.561  -5.513  1.00 14.15 ? 31  VAL A CG1 1 
ATOM   199  C CG2 . VAL A 1 37  ? 3.700   -2.861  -6.131  1.00 15.65 ? 31  VAL A CG2 1 
ATOM   200  N N   . ASP A 1 38  ? 3.224   1.167   -8.220  1.00 15.54 ? 32  ASP A N   1 
ATOM   201  C CA  . ASP A 1 38  ? 3.284   2.621   -8.338  1.00 15.63 ? 32  ASP A CA  1 
ATOM   202  C C   . ASP A 1 38  ? 1.895   3.192   -8.038  1.00 16.20 ? 32  ASP A C   1 
ATOM   203  O O   . ASP A 1 38  ? 1.100   2.557   -7.344  1.00 16.42 ? 32  ASP A O   1 
ATOM   204  C CB  . ASP A 1 38  ? 3.755   3.013   -9.749  1.00 17.73 ? 32  ASP A CB  1 
ATOM   205  C CG  . ASP A 1 38  ? 2.806   2.565   -10.845 1.00 18.54 ? 32  ASP A CG  1 
ATOM   206  O OD1 . ASP A 1 38  ? 1.800   1.885   -10.559 1.00 19.70 ? 32  ASP A OD1 1 
ATOM   207  O OD2 . ASP A 1 38  ? 3.086   2.902   -12.018 1.00 19.29 ? 32  ASP A OD2 1 
ATOM   208  N N   . GLY A 1 39  ? 1.617   4.398   -8.514  1.00 16.19 ? 33  GLY A N   1 
ATOM   209  C CA  . GLY A 1 39  ? 0.302   4.995   -8.309  1.00 16.43 ? 33  GLY A CA  1 
ATOM   210  C C   . GLY A 1 39  ? -0.224  5.552   -9.620  1.00 17.16 ? 33  GLY A C   1 
ATOM   211  O O   . GLY A 1 39  ? 0.565   5.791   -10.551 1.00 17.81 ? 33  GLY A O   1 
ATOM   212  N N   . THR A 1 40  ? -1.552  5.697   -9.715  1.00 15.45 ? 34  THR A N   1 
ATOM   213  C CA  . THR A 1 40  ? -2.149  6.290   -10.925 1.00 15.89 ? 34  THR A CA  1 
ATOM   214  C C   . THR A 1 40  ? -3.270  7.215   -10.512 1.00 19.13 ? 34  THR A C   1 
ATOM   215  O O   . THR A 1 40  ? -3.941  6.991   -9.507  1.00 18.05 ? 34  THR A O   1 
ATOM   216  C CB  . THR A 1 40  ? -2.729  5.235   -11.908 1.00 17.46 ? 34  THR A CB  1 
ATOM   217  O OG1 . THR A 1 40  ? -3.337  5.918   -13.031 1.00 17.20 ? 34  THR A OG1 1 
ATOM   218  C CG2 . THR A 1 40  ? -3.796  4.375   -11.235 1.00 17.75 ? 34  THR A CG2 1 
ATOM   219  N N   . ARG A 1 41  ? -3.463  8.283   -11.283 1.00 19.18 ? 35  ARG A N   1 
ATOM   220  C CA  . ARG A 1 41  ? -4.547  9.201   -10.992 1.00 22.38 ? 35  ARG A CA  1 
ATOM   221  C C   . ARG A 1 41  ? -5.850  8.716   -11.632 1.00 22.92 ? 35  ARG A C   1 
ATOM   222  O O   . ARG A 1 41  ? -6.925  9.282   -11.388 1.00 24.14 ? 35  ARG A O   1 
ATOM   223  C CB  . ARG A 1 41  ? -4.192  10.592  -11.509 1.00 24.18 ? 35  ARG A CB  1 
ATOM   224  C CG  . ARG A 1 41  ? -3.082  11.238  -10.704 1.00 28.08 ? 35  ARG A CG  1 
ATOM   225  C CD  . ARG A 1 41  ? -3.059  12.732  -10.889 1.00 33.70 ? 35  ARG A CD  1 
ATOM   226  N NE  . ARG A 1 41  ? -2.043  13.355  -10.050 1.00 36.44 ? 35  ARG A NE  1 
ATOM   227  C CZ  . ARG A 1 41  ? -0.757  13.448  -10.366 1.00 37.71 ? 35  ARG A CZ  1 
ATOM   228  N NH1 . ARG A 1 41  ? -0.309  12.954  -11.521 1.00 38.06 ? 35  ARG A NH1 1 
ATOM   229  N NH2 . ARG A 1 41  ? 0.078   14.044  -9.518  1.00 37.99 ? 35  ARG A NH2 1 
ATOM   230  N N   . ASP A 1 42  ? -5.769  7.647   -12.413 1.00 22.96 ? 36  ASP A N   1 
ATOM   231  C CA  . ASP A 1 42  ? -6.948  7.117   -13.117 1.00 24.74 ? 36  ASP A CA  1 
ATOM   232  C C   . ASP A 1 42  ? -7.762  6.144   -12.277 1.00 24.13 ? 36  ASP A C   1 
ATOM   233  O O   . ASP A 1 42  ? -7.394  4.983   -12.123 1.00 23.30 ? 36  ASP A O   1 
ATOM   234  C CB  . ASP A 1 42  ? -6.492  6.463   -14.425 1.00 26.41 ? 36  ASP A CB  1 
ATOM   235  C CG  . ASP A 1 42  ? -7.617  5.741   -15.162 1.00 28.59 ? 36  ASP A CG  1 
ATOM   236  O OD1 . ASP A 1 42  ? -8.810  6.007   -14.908 1.00 29.12 ? 36  ASP A OD1 1 
ATOM   237  O OD2 . ASP A 1 42  ? -7.286  4.894   -16.008 1.00 30.49 ? 36  ASP A OD2 1 
ATOM   238  N N   . ARG A 1 43  ? -8.883  6.621   -11.748 1.00 25.21 ? 37  ARG A N   1 
ATOM   239  C CA  . ARG A 1 43  ? -9.730  5.777   -10.915 1.00 26.13 ? 37  ARG A CA  1 
ATOM   240  C C   . ARG A 1 43  ? -10.334 4.570   -11.628 1.00 26.07 ? 37  ARG A C   1 
ATOM   241  O O   . ARG A 1 43  ? -10.834 3.645   -10.975 1.00 25.69 ? 37  ARG A O   1 
ATOM   242  C CB  . ARG A 1 43  ? -10.846 6.616   -10.288 1.00 27.95 ? 37  ARG A CB  1 
ATOM   243  C CG  . ARG A 1 43  ? -11.438 5.960   -9.072  1.00 30.84 ? 37  ARG A CG  1 
ATOM   244  C CD  . ARG A 1 43  ? -12.342 6.902   -8.345  1.00 35.03 ? 37  ARG A CD  1 
ATOM   245  N NE  . ARG A 1 43  ? -13.088 6.220   -7.298  1.00 36.78 ? 37  ARG A NE  1 
ATOM   246  C CZ  . ARG A 1 43  ? -13.567 6.834   -6.223  1.00 38.19 ? 37  ARG A CZ  1 
ATOM   247  N NH1 . ARG A 1 43  ? -13.364 8.140   -6.065  1.00 38.71 ? 37  ARG A NH1 1 
ATOM   248  N NH2 . ARG A 1 43  ? -14.250 6.142   -5.314  1.00 38.43 ? 37  ARG A NH2 1 
ATOM   249  N N   . SER A 1 44  ? -10.283 4.561   -12.957 1.00 25.53 ? 38  SER A N   1 
ATOM   250  C CA  . SER A 1 44  ? -10.845 3.456   -13.727 1.00 26.25 ? 38  SER A CA  1 
ATOM   251  C C   . SER A 1 44  ? -9.843  2.344   -14.012 1.00 26.37 ? 38  SER A C   1 
ATOM   252  O O   . SER A 1 44  ? -10.196 1.316   -14.584 1.00 26.42 ? 38  SER A O   1 
ATOM   253  C CB  . SER A 1 44  ? -11.408 3.958   -15.069 1.00 28.19 ? 38  SER A CB  1 
ATOM   254  O OG  . SER A 1 44  ? -10.382 4.095   -16.035 1.00 30.77 ? 38  SER A OG  1 
ATOM   255  N N   . ASP A 1 45  ? -8.593  2.547   -13.605 1.00 24.09 ? 39  ASP A N   1 
ATOM   256  C CA  . ASP A 1 45  ? -7.537  1.564   -13.834 1.00 23.03 ? 39  ASP A CA  1 
ATOM   257  C C   . ASP A 1 45  ? -7.942  0.233   -13.207 1.00 23.68 ? 39  ASP A C   1 
ATOM   258  O O   . ASP A 1 45  ? -8.440  0.198   -12.084 1.00 24.62 ? 39  ASP A O   1 
ATOM   259  C CB  . ASP A 1 45  ? -6.235  2.098   -13.209 1.00 22.63 ? 39  ASP A CB  1 
ATOM   260  C CG  . ASP A 1 45  ? -5.003  1.304   -13.613 1.00 22.90 ? 39  ASP A CG  1 
ATOM   261  O OD1 . ASP A 1 45  ? -4.844  0.163   -13.133 1.00 25.48 ? 39  ASP A OD1 1 
ATOM   262  O OD2 . ASP A 1 45  ? -4.172  1.820   -14.405 1.00 22.13 ? 39  ASP A OD2 1 
ATOM   263  N N   . GLN A 1 46  ? -7.721  -0.868  -13.914 1.00 25.27 ? 40  GLN A N   1 
ATOM   264  C CA  . GLN A 1 46  ? -8.113  -2.168  -13.379 1.00 26.24 ? 40  GLN A CA  1 
ATOM   265  C C   . GLN A 1 46  ? -7.186  -2.734  -12.317 1.00 24.34 ? 40  GLN A C   1 
ATOM   266  O O   . GLN A 1 46  ? -7.570  -3.635  -11.563 1.00 25.87 ? 40  GLN A O   1 
ATOM   267  C CB  . GLN A 1 46  ? -8.260  -3.184  -14.517 1.00 30.79 ? 40  GLN A CB  1 
ATOM   268  C CG  . GLN A 1 46  ? -9.577  -3.038  -15.299 1.00 36.99 ? 40  GLN A CG  1 
ATOM   269  C CD  . GLN A 1 46  ? -10.663 -3.992  -14.815 1.00 39.53 ? 40  GLN A CD  1 
ATOM   270  O OE1 . GLN A 1 46  ? -11.144 -3.903  -13.679 1.00 41.54 ? 40  GLN A OE1 1 
ATOM   271  N NE2 . GLN A 1 46  ? -11.051 -4.921  -15.684 1.00 42.80 ? 40  GLN A NE2 1 
ATOM   272  N N   . HIS A 1 47  ? -5.983  -2.181  -12.225 1.00 21.60 ? 41  HIS A N   1 
ATOM   273  C CA  . HIS A 1 47  ? -5.005  -2.693  -11.284 1.00 20.48 ? 41  HIS A CA  1 
ATOM   274  C C   . HIS A 1 47  ? -4.917  -1.991  -9.933  1.00 18.32 ? 41  HIS A C   1 
ATOM   275  O O   . HIS A 1 47  ? -3.946  -2.217  -9.179  1.00 19.29 ? 41  HIS A O   1 
ATOM   276  C CB  . HIS A 1 47  ? -3.640  -2.708  -11.978 1.00 20.02 ? 41  HIS A CB  1 
ATOM   277  C CG  . HIS A 1 47  ? -3.658  -3.458  -13.271 1.00 20.35 ? 41  HIS A CG  1 
ATOM   278  N ND1 . HIS A 1 47  ? -3.724  -4.836  -13.336 1.00 22.77 ? 41  HIS A ND1 1 
ATOM   279  C CD2 . HIS A 1 47  ? -3.705  -3.019  -14.549 1.00 21.97 ? 41  HIS A CD2 1 
ATOM   280  C CE1 . HIS A 1 47  ? -3.817  -5.212  -14.601 1.00 21.58 ? 41  HIS A CE1 1 
ATOM   281  N NE2 . HIS A 1 47  ? -3.806  -4.127  -15.356 1.00 24.61 ? 41  HIS A NE2 1 
ATOM   282  N N   . ILE A 1 48  ? -5.924  -1.179  -9.622  1.00 18.74 ? 42  ILE A N   1 
ATOM   283  C CA  . ILE A 1 48  ? -5.949  -0.474  -8.347  1.00 17.53 ? 42  ILE A CA  1 
ATOM   284  C C   . ILE A 1 48  ? -6.972  -1.057  -7.353  1.00 17.60 ? 42  ILE A C   1 
ATOM   285  O O   . ILE A 1 48  ? -7.101  -0.568  -6.238  1.00 17.32 ? 42  ILE A O   1 
ATOM   286  C CB  . ILE A 1 48  ? -6.184  1.060   -8.527  1.00 18.77 ? 42  ILE A CB  1 
ATOM   287  C CG1 . ILE A 1 48  ? -7.572  1.327   -9.133  1.00 18.93 ? 42  ILE A CG1 1 
ATOM   288  C CG2 . ILE A 1 48  ? -5.068  1.663   -9.366  1.00 19.30 ? 42  ILE A CG2 1 
ATOM   289  C CD1 . ILE A 1 48  ? -7.972  2.778   -9.119  1.00 21.01 ? 42  ILE A CD1 1 
ATOM   290  N N   . GLN A 1 49  ? -7.705  -2.105  -7.754  1.00 17.96 ? 43  GLN A N   1 
ATOM   291  C CA  . GLN A 1 49  ? -8.669  -2.734  -6.847  1.00 20.46 ? 43  GLN A CA  1 
ATOM   292  C C   . GLN A 1 49  ? -7.902  -3.695  -5.952  1.00 18.81 ? 43  GLN A C   1 
ATOM   293  O O   . GLN A 1 49  ? -7.285  -4.652  -6.423  1.00 17.96 ? 43  GLN A O   1 
ATOM   294  C CB  . GLN A 1 49  ? -9.722  -3.495  -7.648  1.00 22.63 ? 43  GLN A CB  1 
ATOM   295  C CG  . GLN A 1 49  ? -10.524 -2.594  -8.532  1.00 30.75 ? 43  GLN A CG  1 
ATOM   296  C CD  . GLN A 1 49  ? -11.442 -3.384  -9.437  1.00 34.27 ? 43  GLN A CD  1 
ATOM   297  O OE1 . GLN A 1 49  ? -12.126 -4.312  -8.986  1.00 37.04 ? 43  GLN A OE1 1 
ATOM   298  N NE2 . GLN A 1 49  ? -11.463 -3.027  -10.724 1.00 37.77 ? 43  GLN A NE2 1 
ATOM   299  N N   . LEU A 1 50  ? -7.959  -3.434  -4.652  1.00 18.82 ? 44  LEU A N   1 
ATOM   300  C CA  . LEU A 1 50  ? -7.208  -4.217  -3.693  1.00 18.94 ? 44  LEU A CA  1 
ATOM   301  C C   . LEU A 1 50  ? -8.077  -4.876  -2.635  1.00 20.22 ? 44  LEU A C   1 
ATOM   302  O O   . LEU A 1 50  ? -9.042  -4.280  -2.149  1.00 24.75 ? 44  LEU A O   1 
ATOM   303  C CB  . LEU A 1 50  ? -6.197  -3.307  -2.991  1.00 19.58 ? 44  LEU A CB  1 
ATOM   304  C CG  . LEU A 1 50  ? -5.339  -2.451  -3.926  1.00 18.42 ? 44  LEU A CG  1 
ATOM   305  C CD1 . LEU A 1 50  ? -4.544  -1.392  -3.145  1.00 19.81 ? 44  LEU A CD1 1 
ATOM   306  C CD2 . LEU A 1 50  ? -4.407  -3.380  -4.645  1.00 17.34 ? 44  LEU A CD2 1 
ATOM   307  N N   . GLN A 1 51  ? -7.735  -6.106  -2.286  1.00 20.32 ? 45  GLN A N   1 
ATOM   308  C CA  . GLN A 1 51  ? -8.445  -6.808  -1.228  1.00 20.05 ? 45  GLN A CA  1 
ATOM   309  C C   . GLN A 1 51  ? -7.535  -6.773  -0.001  1.00 18.90 ? 45  GLN A C   1 
ATOM   310  O O   . GLN A 1 51  ? -6.433  -7.315  -0.045  1.00 18.99 ? 45  GLN A O   1 
ATOM   311  C CB  . GLN A 1 51  ? -8.703  -8.274  -1.608  1.00 22.08 ? 45  GLN A CB  1 
ATOM   312  C CG  . GLN A 1 51  ? -9.509  -9.063  -0.549  1.00 26.86 ? 45  GLN A CG  1 
ATOM   313  C CD  . GLN A 1 51  ? -11.018 -9.011  -0.810  1.00 30.82 ? 45  GLN A CD  1 
ATOM   314  O OE1 . GLN A 1 51  ? -11.611 -7.933  -0.869  1.00 35.09 ? 45  GLN A OE1 1 
ATOM   315  N NE2 . GLN A 1 51  ? -11.638 -10.183 -0.967  1.00 33.44 ? 45  GLN A NE2 1 
ATOM   316  N N   . LEU A 1 52  ? -7.968  -6.119  1.070   1.00 19.56 ? 46  LEU A N   1 
ATOM   317  C CA  . LEU A 1 52  ? -7.182  -6.118  2.292   1.00 20.30 ? 46  LEU A CA  1 
ATOM   318  C C   . LEU A 1 52  ? -7.745  -7.237  3.152   1.00 22.00 ? 46  LEU A C   1 
ATOM   319  O O   . LEU A 1 52  ? -8.948  -7.504  3.110   1.00 24.66 ? 46  LEU A O   1 
ATOM   320  C CB  . LEU A 1 52  ? -7.311  -4.793  3.033   1.00 21.15 ? 46  LEU A CB  1 
ATOM   321  C CG  . LEU A 1 52  ? -6.350  -3.695  2.552   1.00 23.00 ? 46  LEU A CG  1 
ATOM   322  C CD1 . LEU A 1 52  ? -6.708  -3.198  1.167   1.00 23.50 ? 46  LEU A CD1 1 
ATOM   323  C CD2 . LEU A 1 52  ? -6.423  -2.547  3.548   1.00 24.72 ? 46  LEU A CD2 1 
ATOM   324  N N   . SER A 1 53  ? -6.878  -7.933  3.871   1.00 20.73 ? 47  SER A N   1 
ATOM   325  C CA  . SER A 1 53  ? -7.336  -8.993  4.770   1.00 22.91 ? 47  SER A CA  1 
ATOM   326  C C   . SER A 1 53  ? -6.433  -9.013  5.999   1.00 25.06 ? 47  SER A C   1 
ATOM   327  O O   . SER A 1 53  ? -5.277  -8.629  5.929   1.00 22.67 ? 47  SER A O   1 
ATOM   328  C CB  . SER A 1 53  ? -7.300  -10.359 4.073   1.00 22.69 ? 47  SER A CB  1 
ATOM   329  O OG  . SER A 1 53  ? -5.979  -10.751 3.755   1.00 24.95 ? 47  SER A OG  1 
ATOM   330  N N   . ALA A 1 54  ? -6.960  -9.452  7.136   1.00 28.75 ? 48  ALA A N   1 
ATOM   331  C CA  . ALA A 1 54  ? -6.144  -9.494  8.348   1.00 32.08 ? 48  ALA A CA  1 
ATOM   332  C C   . ALA A 1 54  ? -6.193  -10.843 9.043   1.00 34.74 ? 48  ALA A C   1 
ATOM   333  O O   . ALA A 1 54  ? -7.271  -11.334 9.373   1.00 36.94 ? 48  ALA A O   1 
ATOM   334  C CB  . ALA A 1 54  ? -6.592  -8.412  9.303   1.00 32.84 ? 48  ALA A CB  1 
ATOM   335  N N   . GLU A 1 55  ? -5.027  -11.444 9.261   1.00 37.53 ? 49  GLU A N   1 
ATOM   336  C CA  . GLU A 1 55  ? -4.958  -12.728 9.956   1.00 39.77 ? 49  GLU A CA  1 
ATOM   337  C C   . GLU A 1 55  ? -4.810  -12.421 11.444  1.00 38.61 ? 49  GLU A C   1 
ATOM   338  O O   . GLU A 1 55  ? -5.309  -13.159 12.301  1.00 40.07 ? 49  GLU A O   1 
ATOM   339  C CB  . GLU A 1 55  ? -3.758  -13.552 9.461   1.00 43.01 ? 49  GLU A CB  1 
ATOM   340  C CG  . GLU A 1 55  ? -2.372  -13.022 9.845   1.00 46.67 ? 49  GLU A CG  1 
ATOM   341  C CD  . GLU A 1 55  ? -2.192  -11.539 9.556   1.00 47.14 ? 49  GLU A CD  1 
ATOM   342  O OE1 . GLU A 1 55  ? -2.613  -11.079 8.473   1.00 49.00 ? 49  GLU A OE1 1 
ATOM   343  O OE2 . GLU A 1 55  ? -1.616  -10.835 10.411  1.00 48.71 ? 49  GLU A OE2 1 
ATOM   344  N N   . SER A 1 56  ? -4.127  -11.317 11.736  1.00 35.54 ? 50  SER A N   1 
ATOM   345  C CA  . SER A 1 56  ? -3.903  -10.887 13.112  1.00 32.02 ? 50  SER A CA  1 
ATOM   346  C C   . SER A 1 56  ? -4.284  -9.411  13.205  1.00 30.63 ? 50  SER A C   1 
ATOM   347  O O   . SER A 1 56  ? -4.111  -8.661  12.249  1.00 28.12 ? 50  SER A O   1 
ATOM   348  C CB  . SER A 1 56  ? -2.440  -11.087 13.492  1.00 32.58 ? 50  SER A CB  1 
ATOM   349  O OG  . SER A 1 56  ? -2.256  -11.017 14.902  1.00 34.71 ? 50  SER A OG  1 
ATOM   350  N N   . VAL A 1 57  ? -4.791  -8.996  14.362  1.00 27.13 ? 51  VAL A N   1 
ATOM   351  C CA  . VAL A 1 57  ? -5.233  -7.622  14.551  1.00 25.68 ? 51  VAL A CA  1 
ATOM   352  C C   . VAL A 1 57  ? -4.182  -6.562  14.212  1.00 25.42 ? 51  VAL A C   1 
ATOM   353  O O   . VAL A 1 57  ? -3.058  -6.592  14.709  1.00 24.54 ? 51  VAL A O   1 
ATOM   354  C CB  . VAL A 1 57  ? -5.747  -7.393  16.008  1.00 26.53 ? 51  VAL A CB  1 
ATOM   355  C CG1 . VAL A 1 57  ? -4.624  -7.642  17.008  1.00 27.79 ? 51  VAL A CG1 1 
ATOM   356  C CG2 . VAL A 1 57  ? -6.312  -5.977  16.138  1.00 27.16 ? 51  VAL A CG2 1 
ATOM   357  N N   . GLY A 1 58  ? -4.573  -5.634  13.345  1.00 24.74 ? 52  GLY A N   1 
ATOM   358  C CA  . GLY A 1 58  ? -3.672  -4.563  12.956  1.00 23.38 ? 52  GLY A CA  1 
ATOM   359  C C   . GLY A 1 58  ? -2.631  -4.952  11.920  1.00 23.41 ? 52  GLY A C   1 
ATOM   360  O O   . GLY A 1 58  ? -1.812  -4.114  11.546  1.00 24.75 ? 52  GLY A O   1 
ATOM   361  N N   . GLU A 1 59  ? -2.652  -6.195  11.462  1.00 22.63 ? 53  GLU A N   1 
ATOM   362  C CA  . GLU A 1 59  ? -1.697  -6.655  10.451  1.00 22.52 ? 53  GLU A CA  1 
ATOM   363  C C   . GLU A 1 59  ? -2.477  -7.054  9.204   1.00 24.17 ? 53  GLU A C   1 
ATOM   364  O O   . GLU A 1 59  ? -3.374  -7.901  9.271   1.00 25.91 ? 53  GLU A O   1 
ATOM   365  C CB  . GLU A 1 59  ? -0.895  -7.857  10.960  1.00 24.70 ? 53  GLU A CB  1 
ATOM   366  C CG  . GLU A 1 59  ? -0.067  -7.592  12.206  1.00 28.50 ? 53  GLU A CG  1 
ATOM   367  C CD  . GLU A 1 59  ? 0.719   -8.820  12.665  1.00 30.01 ? 53  GLU A CD  1 
ATOM   368  O OE1 . GLU A 1 59  ? 0.939   -9.736  11.850  1.00 33.83 ? 53  GLU A OE1 1 
ATOM   369  O OE2 . GLU A 1 59  ? 1.116   -8.860  13.844  1.00 34.96 ? 53  GLU A OE2 1 
ATOM   370  N N   . VAL A 1 60  ? -2.132  -6.467  8.061   1.00 19.71 ? 54  VAL A N   1 
ATOM   371  C CA  . VAL A 1 60  ? -2.868  -6.778  6.840   1.00 19.07 ? 54  VAL A CA  1 
ATOM   372  C C   . VAL A 1 60  ? -2.042  -7.246  5.649   1.00 18.45 ? 54  VAL A C   1 
ATOM   373  O O   . VAL A 1 60  ? -0.843  -6.987  5.567   1.00 18.71 ? 54  VAL A O   1 
ATOM   374  C CB  . VAL A 1 60  ? -3.643  -5.532  6.348   1.00 19.73 ? 54  VAL A CB  1 
ATOM   375  C CG1 . VAL A 1 60  ? -4.689  -5.128  7.395   1.00 21.03 ? 54  VAL A CG1 1 
ATOM   376  C CG2 . VAL A 1 60  ? -2.671  -4.377  6.081   1.00 18.52 ? 54  VAL A CG2 1 
ATOM   377  N N   . TYR A 1 61  ? -2.722  -7.953  4.749   1.00 18.04 ? 55  TYR A N   1 
ATOM   378  C CA  . TYR A 1 61  ? -2.163  -8.376  3.459   1.00 17.42 ? 55  TYR A CA  1 
ATOM   379  C C   . TYR A 1 61  ? -2.976  -7.501  2.531   1.00 16.56 ? 55  TYR A C   1 
ATOM   380  O O   . TYR A 1 61  ? -4.146  -7.262  2.783   1.00 16.05 ? 55  TYR A O   1 
ATOM   381  C CB  . TYR A 1 61  ? -2.466  -9.840  3.144   1.00 17.61 ? 55  TYR A CB  1 
ATOM   382  C CG  . TYR A 1 61  ? -1.594  -10.794 3.914   1.00 20.68 ? 55  TYR A CG  1 
ATOM   383  C CD1 . TYR A 1 61  ? -0.250  -10.985 3.582   1.00 21.36 ? 55  TYR A CD1 1 
ATOM   384  C CD2 . TYR A 1 61  ? -2.118  -11.498 4.986   1.00 23.85 ? 55  TYR A CD2 1 
ATOM   385  C CE1 . TYR A 1 61  ? 0.554   -11.875 4.312   1.00 23.72 ? 55  TYR A CE1 1 
ATOM   386  C CE2 . TYR A 1 61  ? -1.335  -12.375 5.717   1.00 24.51 ? 55  TYR A CE2 1 
ATOM   387  C CZ  . TYR A 1 61  ? -0.005  -12.560 5.380   1.00 25.02 ? 55  TYR A CZ  1 
ATOM   388  O OH  . TYR A 1 61  ? 0.756   -13.431 6.130   1.00 30.57 ? 55  TYR A OH  1 
ATOM   389  N N   . ILE A 1 62  ? -2.350  -7.010  1.470   1.00 16.88 ? 56  ILE A N   1 
ATOM   390  C CA  . ILE A 1 62  ? -2.999  -6.125  0.503   1.00 16.22 ? 56  ILE A CA  1 
ATOM   391  C C   . ILE A 1 62  ? -2.802  -6.801  -0.842  1.00 16.79 ? 56  ILE A C   1 
ATOM   392  O O   . ILE A 1 62  ? -1.695  -6.851  -1.364  1.00 17.02 ? 56  ILE A O   1 
ATOM   393  C CB  . ILE A 1 62  ? -2.322  -4.742  0.541   1.00 14.33 ? 56  ILE A CB  1 
ATOM   394  C CG1 . ILE A 1 62  ? -2.609  -4.040  1.885   1.00 14.80 ? 56  ILE A CG1 1 
ATOM   395  C CG2 . ILE A 1 62  ? -2.821  -3.890  -0.618  1.00 16.02 ? 56  ILE A CG2 1 
ATOM   396  C CD1 . ILE A 1 62  ? -1.690  -2.898  2.146   1.00 15.49 ? 56  ILE A CD1 1 
ATOM   397  N N   . LYS A 1 63  ? -3.886  -7.371  -1.373  1.00 17.81 ? 57  LYS A N   1 
ATOM   398  C CA  . LYS A 1 63  ? -3.807  -8.141  -2.614  1.00 18.95 ? 57  LYS A CA  1 
ATOM   399  C C   . LYS A 1 63  ? -4.489  -7.550  -3.832  1.00 15.84 ? 57  LYS A C   1 
ATOM   400  O O   . LYS A 1 63  ? -5.598  -7.028  -3.751  1.00 17.60 ? 57  LYS A O   1 
ATOM   401  C CB  . LYS A 1 63  ? -4.397  -9.552  -2.371  1.00 19.60 ? 57  LYS A CB  1 
ATOM   402  C CG  . LYS A 1 63  ? -4.082  -10.584 -3.469  1.00 19.46 ? 57  LYS A CG  1 
ATOM   403  C CD  . LYS A 1 63  ? -5.007  -11.789 -3.388  1.00 22.53 ? 57  LYS A CD  1 
ATOM   404  C CE  . LYS A 1 63  ? -6.309  -11.529 -4.135  1.00 23.56 ? 57  LYS A CE  1 
ATOM   405  N NZ  . LYS A 1 63  ? -7.229  -12.688 -3.983  1.00 25.54 ? 57  LYS A NZ  1 
ATOM   406  N N   . SER A 1 64  ? -3.807  -7.630  -4.968  1.00 17.65 ? 58  SER A N   1 
ATOM   407  C CA  . SER A 1 64  ? -4.372  -7.189  -6.244  1.00 18.27 ? 58  SER A CA  1 
ATOM   408  C C   . SER A 1 64  ? -5.490  -8.156  -6.648  1.00 17.42 ? 58  SER A C   1 
ATOM   409  O O   . SER A 1 64  ? -5.224  -9.327  -6.846  1.00 18.50 ? 58  SER A O   1 
ATOM   410  C CB  . SER A 1 64  ? -3.303  -7.274  -7.333  1.00 19.66 ? 58  SER A CB  1 
ATOM   411  O OG  . SER A 1 64  ? -3.885  -7.204  -8.640  1.00 20.39 ? 58  SER A OG  1 
ATOM   412  N N   . THR A 1 65  ? -6.712  -7.662  -6.795  1.00 16.23 ? 59  THR A N   1 
ATOM   413  C CA  . THR A 1 65  ? -7.803  -8.561  -7.216  1.00 19.16 ? 59  THR A CA  1 
ATOM   414  C C   . THR A 1 65  ? -7.596  -9.005  -8.673  1.00 20.71 ? 59  THR A C   1 
ATOM   415  O O   . THR A 1 65  ? -7.941  -10.138 -9.049  1.00 20.94 ? 59  THR A O   1 
ATOM   416  C CB  . THR A 1 65  ? -9.208  -7.869  -7.097  1.00 18.61 ? 59  THR A CB  1 
ATOM   417  O OG1 . THR A 1 65  ? -9.258  -6.701  -7.923  1.00 22.36 ? 59  THR A OG1 1 
ATOM   418  C CG2 . THR A 1 65  ? -9.495  -7.450  -5.657  1.00 20.63 ? 59  THR A CG2 1 
ATOM   419  N N   . GLU A 1 66  ? -7.027  -8.131  -9.497  1.00 21.98 ? 60  GLU A N   1 
ATOM   420  C CA  . GLU A 1 66  ? -6.826  -8.424  -10.923 1.00 22.02 ? 60  GLU A CA  1 
ATOM   421  C C   . GLU A 1 66  ? -5.695  -9.399  -11.274 1.00 22.94 ? 60  GLU A C   1 
ATOM   422  O O   . GLU A 1 66  ? -5.795  -10.150 -12.250 1.00 23.44 ? 60  GLU A O   1 
ATOM   423  C CB  . GLU A 1 66  ? -6.619  -7.094  -11.662 1.00 24.86 ? 60  GLU A CB  1 
ATOM   424  C CG  . GLU A 1 66  ? -6.633  -7.168  -13.184 1.00 30.51 ? 60  GLU A CG  1 
ATOM   425  C CD  . GLU A 1 66  ? -8.008  -7.485  -13.762 1.00 34.58 ? 60  GLU A CD  1 
ATOM   426  O OE1 . GLU A 1 66  ? -9.027  -7.016  -13.203 1.00 35.85 ? 60  GLU A OE1 1 
ATOM   427  O OE2 . GLU A 1 66  ? -8.062  -8.192  -14.794 1.00 36.76 ? 60  GLU A OE2 1 
ATOM   428  N N   . THR A 1 67  ? -4.629  -9.428  -10.474 1.00 20.15 ? 61  THR A N   1 
ATOM   429  C CA  . THR A 1 67  ? -3.485  -10.288 -10.783 1.00 20.97 ? 61  THR A CA  1 
ATOM   430  C C   . THR A 1 67  ? -3.141  -11.299 -9.701  1.00 19.46 ? 61  THR A C   1 
ATOM   431  O O   . THR A 1 67  ? -2.299  -12.190 -9.899  1.00 21.26 ? 61  THR A O   1 
ATOM   432  C CB  . THR A 1 67  ? -2.208  -9.441  -11.024 1.00 22.58 ? 61  THR A CB  1 
ATOM   433  O OG1 . THR A 1 67  ? -1.765  -8.866  -9.781  1.00 21.07 ? 61  THR A OG1 1 
ATOM   434  C CG2 . THR A 1 67  ? -2.468  -8.338  -12.039 1.00 23.12 ? 61  THR A CG2 1 
ATOM   435  N N   . GLY A 1 68  ? -3.749  -11.127 -8.534  1.00 19.50 ? 62  GLY A N   1 
ATOM   436  C CA  . GLY A 1 68  ? -3.490  -12.020 -7.426  1.00 18.69 ? 62  GLY A CA  1 
ATOM   437  C C   . GLY A 1 68  ? -2.215  -11.770 -6.632  1.00 20.18 ? 62  GLY A C   1 
ATOM   438  O O   . GLY A 1 68  ? -1.935  -12.477 -5.657  1.00 20.74 ? 62  GLY A O   1 
ATOM   439  N N   . GLN A 1 69  ? -1.447  -10.762 -7.032  1.00 18.88 ? 63  GLN A N   1 
ATOM   440  C CA  . GLN A 1 69  ? -0.201  -10.443 -6.345  1.00 18.56 ? 63  GLN A CA  1 
ATOM   441  C C   . GLN A 1 69  ? -0.454  -9.675  -5.056  1.00 16.57 ? 63  GLN A C   1 
ATOM   442  O O   . GLN A 1 69  ? -1.384  -8.888  -4.961  1.00 19.08 ? 63  GLN A O   1 
ATOM   443  C CB  . GLN A 1 69  ? 0.710   -9.565  -7.222  1.00 20.85 ? 63  GLN A CB  1 
ATOM   444  C CG  . GLN A 1 69  ? 1.025   -10.107 -8.596  1.00 20.54 ? 63  GLN A CG  1 
ATOM   445  C CD  . GLN A 1 69  ? 1.773   -9.097  -9.437  1.00 21.09 ? 63  GLN A CD  1 
ATOM   446  O OE1 . GLN A 1 69  ? 3.007   -9.053  -9.421  1.00 23.33 ? 63  GLN A OE1 1 
ATOM   447  N NE2 . GLN A 1 69  ? 1.039   -8.278  -10.161 1.00 20.46 ? 63  GLN A NE2 1 
ATOM   448  N N   . TYR A 1 70  ? 0.405   -9.937  -4.078  1.00 17.30 ? 64  TYR A N   1 
ATOM   449  C CA  . TYR A 1 70  ? 0.342   -9.268  -2.792  1.00 17.20 ? 64  TYR A CA  1 
ATOM   450  C C   . TYR A 1 70  ? 1.351   -8.131  -2.748  1.00 15.83 ? 64  TYR A C   1 
ATOM   451  O O   . TYR A 1 70  ? 2.460   -8.278  -3.239  1.00 15.99 ? 64  TYR A O   1 
ATOM   452  C CB  . TYR A 1 70  ? 0.697   -10.242 -1.680  1.00 18.90 ? 64  TYR A CB  1 
ATOM   453  C CG  . TYR A 1 70  ? -0.376  -11.269 -1.465  1.00 19.68 ? 64  TYR A CG  1 
ATOM   454  C CD1 . TYR A 1 70  ? -0.363  -12.468 -2.164  1.00 20.60 ? 64  TYR A CD1 1 
ATOM   455  C CD2 . TYR A 1 70  ? -1.437  -10.996 -0.602  1.00 19.26 ? 64  TYR A CD2 1 
ATOM   456  C CE1 . TYR A 1 70  ? -1.402  -13.387 -2.007  1.00 21.85 ? 64  TYR A CE1 1 
ATOM   457  C CE2 . TYR A 1 70  ? -2.478  -11.896 -0.438  1.00 22.43 ? 64  TYR A CE2 1 
ATOM   458  C CZ  . TYR A 1 70  ? -2.447  -13.085 -1.140  1.00 23.13 ? 64  TYR A CZ  1 
ATOM   459  O OH  . TYR A 1 70  ? -3.462  -14.002 -0.940  1.00 24.77 ? 64  TYR A OH  1 
ATOM   460  N N   . LEU A 1 71  ? 0.958   -7.009  -2.160  1.00 14.71 ? 65  LEU A N   1 
ATOM   461  C CA  . LEU A 1 71  ? 1.883   -5.885  -1.991  1.00 14.54 ? 65  LEU A CA  1 
ATOM   462  C C   . LEU A 1 71  ? 2.990   -6.399  -1.076  1.00 15.61 ? 65  LEU A C   1 
ATOM   463  O O   . LEU A 1 71  ? 2.699   -7.102  -0.106  1.00 15.84 ? 65  LEU A O   1 
ATOM   464  C CB  . LEU A 1 71  ? 1.157   -4.713  -1.325  1.00 13.96 ? 65  LEU A CB  1 
ATOM   465  C CG  . LEU A 1 71  ? 2.041   -3.481  -1.179  1.00 13.13 ? 65  LEU A CG  1 
ATOM   466  C CD1 . LEU A 1 71  ? 2.306   -2.877  -2.576  1.00 16.01 ? 65  LEU A CD1 1 
ATOM   467  C CD2 . LEU A 1 71  ? 1.319   -2.457  -0.286  1.00 12.86 ? 65  LEU A CD2 1 
ATOM   468  N N   . ALA A 1 72  ? 4.243   -6.059  -1.379  1.00 14.69 ? 66  ALA A N   1 
ATOM   469  C CA  . ALA A 1 72  ? 5.387   -6.462  -0.554  1.00 14.67 ? 66  ALA A CA  1 
ATOM   470  C C   . ALA A 1 72  ? 6.413   -5.340  -0.595  1.00 15.58 ? 66  ALA A C   1 
ATOM   471  O O   . ALA A 1 72  ? 6.346   -4.496  -1.472  1.00 13.98 ? 66  ALA A O   1 
ATOM   472  C CB  . ALA A 1 72  ? 6.011   -7.716  -1.107  1.00 15.29 ? 66  ALA A CB  1 
ATOM   473  N N   . MET A 1 73  ? 7.361   -5.336  0.345   1.00 13.08 ? 67  MET A N   1 
ATOM   474  C CA  . MET A 1 73  ? 8.420   -4.320  0.367   1.00 14.70 ? 67  MET A CA  1 
ATOM   475  C C   . MET A 1 73  ? 9.767   -5.073  0.424   1.00 13.60 ? 67  MET A C   1 
ATOM   476  O O   . MET A 1 73  ? 9.957   -5.960  1.285   1.00 16.63 ? 67  MET A O   1 
ATOM   477  C CB  . MET A 1 73  ? 8.283   -3.371  1.559   1.00 15.19 ? 67  MET A CB  1 
ATOM   478  C CG  . MET A 1 73  ? 9.403   -2.337  1.554   1.00 17.12 ? 67  MET A CG  1 
ATOM   479  S SD  . MET A 1 73  ? 9.249   -1.137  2.894   1.00 16.73 ? 67  MET A SD  1 
ATOM   480  C CE  . MET A 1 73  ? 7.826   -0.115  2.269   1.00 15.90 ? 67  MET A CE  1 
ATOM   481  N N   . ASP A 1 74  ? 10.671  -4.748  -0.495  1.00 13.14 ? 68  ASP A N   1 
ATOM   482  C CA  . ASP A 1 74  ? 11.954  -5.450  -0.558  1.00 15.26 ? 68  ASP A CA  1 
ATOM   483  C C   . ASP A 1 74  ? 12.970  -4.890  0.449   1.00 14.38 ? 68  ASP A C   1 
ATOM   484  O O   . ASP A 1 74  ? 12.645  -3.977  1.226   1.00 14.30 ? 68  ASP A O   1 
ATOM   485  C CB  . ASP A 1 74  ? 12.478  -5.489  -2.011  1.00 14.73 ? 68  ASP A CB  1 
ATOM   486  C CG  . ASP A 1 74  ? 13.040  -4.170  -2.509  1.00 15.58 ? 68  ASP A CG  1 
ATOM   487  O OD1 . ASP A 1 74  ? 13.317  -3.239  -1.716  1.00 16.40 ? 68  ASP A OD1 1 
ATOM   488  O OD2 . ASP A 1 74  ? 13.265  -4.084  -3.740  1.00 17.92 ? 68  ASP A OD2 1 
ATOM   489  N N   . THR A 1 75  ? 14.188  -5.443  0.448   1.00 15.05 ? 69  THR A N   1 
ATOM   490  C CA  . THR A 1 75  ? 15.219  -5.020  1.410   1.00 16.16 ? 69  THR A CA  1 
ATOM   491  C C   . THR A 1 75  ? 15.808  -3.647  1.238   1.00 16.95 ? 69  THR A C   1 
ATOM   492  O O   . THR A 1 75  ? 16.576  -3.208  2.104   1.00 16.86 ? 69  THR A O   1 
ATOM   493  C CB  . THR A 1 75  ? 16.358  -6.039  1.451   1.00 16.32 ? 69  THR A CB  1 
ATOM   494  O OG1 . THR A 1 75  ? 16.874  -6.201  0.131   1.00 17.00 ? 69  THR A OG1 1 
ATOM   495  C CG2 . THR A 1 75  ? 15.798  -7.375  1.954   1.00 17.58 ? 69  THR A CG2 1 
ATOM   496  N N   . ASP A 1 76  ? 15.490  -2.961  0.134   1.00 14.82 ? 70  ASP A N   1 
ATOM   497  C CA  . ASP A 1 76  ? 15.946  -1.594  -0.083  1.00 16.92 ? 70  ASP A CA  1 
ATOM   498  C C   . ASP A 1 76  ? 14.732  -0.649  0.066   1.00 17.21 ? 70  ASP A C   1 
ATOM   499  O O   . ASP A 1 76  ? 14.812  0.553   -0.245  1.00 18.84 ? 70  ASP A O   1 
ATOM   500  C CB  . ASP A 1 76  ? 16.557  -1.477  -1.456  1.00 16.79 ? 70  ASP A CB  1 
ATOM   501  C CG  . ASP A 1 76  ? 17.934  -2.093  -1.517  1.00 17.85 ? 70  ASP A CG  1 
ATOM   502  O OD1 . ASP A 1 76  ? 18.745  -1.744  -0.640  1.00 21.18 ? 70  ASP A OD1 1 
ATOM   503  O OD2 . ASP A 1 76  ? 18.190  -2.892  -2.430  1.00 21.64 ? 70  ASP A OD2 1 
ATOM   504  N N   . GLY A 1 77  ? 13.612  -1.206  0.534   1.00 15.93 ? 71  GLY A N   1 
ATOM   505  C CA  . GLY A 1 77  ? 12.409  -0.419  0.766   1.00 16.01 ? 71  GLY A CA  1 
ATOM   506  C C   . GLY A 1 77  ? 11.493  -0.169  -0.410  1.00 14.96 ? 71  GLY A C   1 
ATOM   507  O O   . GLY A 1 77  ? 10.548  0.614   -0.279  1.00 14.88 ? 71  GLY A O   1 
ATOM   508  N N   . LEU A 1 78  ? 11.744  -0.833  -1.533  1.00 14.54 ? 72  LEU A N   1 
ATOM   509  C CA  . LEU A 1 78  ? 10.910  -0.633  -2.731  1.00 14.29 ? 72  LEU A CA  1 
ATOM   510  C C   . LEU A 1 78  ? 9.712   -1.575  -2.724  1.00 13.91 ? 72  LEU A C   1 
ATOM   511  O O   . LEU A 1 78  ? 9.853   -2.772  -2.447  1.00 13.84 ? 72  LEU A O   1 
ATOM   512  C CB  . LEU A 1 78  ? 11.737  -0.880  -4.007  1.00 14.56 ? 72  LEU A CB  1 
ATOM   513  C CG  . LEU A 1 78  ? 10.998  -0.643  -5.342  1.00 18.95 ? 72  LEU A CG  1 
ATOM   514  C CD1 . LEU A 1 78  ? 10.696  0.853   -5.530  1.00 20.25 ? 72  LEU A CD1 1 
ATOM   515  C CD2 . LEU A 1 78  ? 11.859  -1.172  -6.515  1.00 21.98 ? 72  LEU A CD2 1 
ATOM   516  N N   . LEU A 1 79  ? 8.532   -1.053  -3.038  1.00 14.27 ? 73  LEU A N   1 
ATOM   517  C CA  . LEU A 1 79  ? 7.326   -1.883  -3.076  1.00 14.41 ? 73  LEU A CA  1 
ATOM   518  C C   . LEU A 1 79  ? 7.317   -2.721  -4.345  1.00 14.15 ? 73  LEU A C   1 
ATOM   519  O O   . LEU A 1 79  ? 7.795   -2.265  -5.397  1.00 15.29 ? 73  LEU A O   1 
ATOM   520  C CB  . LEU A 1 79  ? 6.078   -0.982  -3.077  1.00 13.82 ? 73  LEU A CB  1 
ATOM   521  C CG  . LEU A 1 79  ? 5.892   -0.111  -1.826  1.00 14.70 ? 73  LEU A CG  1 
ATOM   522  C CD1 . LEU A 1 79  ? 4.726   0.855   -2.073  1.00 15.46 ? 73  LEU A CD1 1 
ATOM   523  C CD2 . LEU A 1 79  ? 5.595   -0.997  -0.603  1.00 16.67 ? 73  LEU A CD2 1 
ATOM   524  N N   . TYR A 1 80  ? 6.789   -3.941  -4.265  1.00 13.92 ? 74  TYR A N   1 
ATOM   525  C CA  . TYR A 1 80  ? 6.708   -4.809  -5.443  1.00 14.88 ? 74  TYR A CA  1 
ATOM   526  C C   . TYR A 1 80  ? 5.546   -5.762  -5.238  1.00 15.18 ? 74  TYR A C   1 
ATOM   527  O O   . TYR A 1 80  ? 4.999   -5.840  -4.126  1.00 15.37 ? 74  TYR A O   1 
ATOM   528  C CB  . TYR A 1 80  ? 8.020   -5.603  -5.666  1.00 16.61 ? 74  TYR A CB  1 
ATOM   529  C CG  . TYR A 1 80  ? 8.324   -6.684  -4.648  1.00 16.39 ? 74  TYR A CG  1 
ATOM   530  C CD1 . TYR A 1 80  ? 8.935   -6.386  -3.426  1.00 16.97 ? 74  TYR A CD1 1 
ATOM   531  C CD2 . TYR A 1 80  ? 7.959   -8.003  -4.893  1.00 16.03 ? 74  TYR A CD2 1 
ATOM   532  C CE1 . TYR A 1 80  ? 9.158   -7.378  -2.474  1.00 16.55 ? 74  TYR A CE1 1 
ATOM   533  C CE2 . TYR A 1 80  ? 8.173   -9.007  -3.952  1.00 16.55 ? 74  TYR A CE2 1 
ATOM   534  C CZ  . TYR A 1 80  ? 8.772   -8.690  -2.739  1.00 16.42 ? 74  TYR A CZ  1 
ATOM   535  O OH  . TYR A 1 80  ? 8.960   -9.698  -1.781  1.00 20.01 ? 74  TYR A OH  1 
ATOM   536  N N   . GLY A 1 81  ? 5.191   -6.498  -6.294  1.00 15.40 ? 75  GLY A N   1 
ATOM   537  C CA  . GLY A 1 81  ? 4.100   -7.467  -6.231  1.00 16.04 ? 75  GLY A CA  1 
ATOM   538  C C   . GLY A 1 81  ? 4.641   -8.867  -6.048  1.00 18.16 ? 75  GLY A C   1 
ATOM   539  O O   . GLY A 1 81  ? 5.520   -9.298  -6.795  1.00 17.55 ? 75  GLY A O   1 
ATOM   540  N N   . SER A 1 82  ? 4.141   -9.559  -5.029  1.00 17.98 ? 76  SER A N   1 
ATOM   541  C CA  . SER A 1 82  ? 4.600   -10.911 -4.730  1.00 19.64 ? 76  SER A CA  1 
ATOM   542  C C   . SER A 1 82  ? 3.551   -11.948 -5.081  1.00 22.39 ? 76  SER A C   1 
ATOM   543  O O   . SER A 1 82  ? 2.379   -11.786 -4.760  1.00 22.00 ? 76  SER A O   1 
ATOM   544  C CB  . SER A 1 82  ? 4.921   -11.027 -3.242  1.00 21.25 ? 76  SER A CB  1 
ATOM   545  O OG  . SER A 1 82  ? 5.291   -12.354 -2.866  1.00 21.46 ? 76  SER A OG  1 
ATOM   546  N N   . GLN A 1 83  ? 3.978   -13.037 -5.710  1.00 25.80 ? 77  GLN A N   1 
ATOM   547  C CA  . GLN A 1 83  ? 3.037   -14.095 -6.060  1.00 29.72 ? 77  GLN A CA  1 
ATOM   548  C C   . GLN A 1 83  ? 2.511   -14.826 -4.826  1.00 30.23 ? 77  GLN A C   1 
ATOM   549  O O   . GLN A 1 83  ? 1.375   -15.313 -4.825  1.00 31.06 ? 77  GLN A O   1 
ATOM   550  C CB  . GLN A 1 83  ? 3.693   -15.090 -7.010  1.00 32.25 ? 77  GLN A CB  1 
ATOM   551  C CG  . GLN A 1 83  ? 3.782   -14.586 -8.433  1.00 38.12 ? 77  GLN A CG  1 
ATOM   552  C CD  . GLN A 1 83  ? 4.526   -15.540 -9.342  1.00 42.04 ? 77  GLN A CD  1 
ATOM   553  O OE1 . GLN A 1 83  ? 5.709   -15.828 -9.124  1.00 46.11 ? 77  GLN A OE1 1 
ATOM   554  N NE2 . GLN A 1 83  ? 3.845   -16.033 -10.370 1.00 43.65 ? 77  GLN A NE2 1 
ATOM   555  N N   . THR A 1 84  ? 3.333   -14.887 -3.779  1.00 30.00 ? 78  THR A N   1 
ATOM   556  C CA  . THR A 1 84  ? 2.944   -15.558 -2.546  1.00 30.77 ? 78  THR A CA  1 
ATOM   557  C C   . THR A 1 84  ? 2.880   -14.589 -1.364  1.00 30.40 ? 78  THR A C   1 
ATOM   558  O O   . THR A 1 84  ? 3.651   -13.633 -1.290  1.00 28.63 ? 78  THR A O   1 
ATOM   559  C CB  . THR A 1 84  ? 3.922   -16.724 -2.227  1.00 33.11 ? 78  THR A CB  1 
ATOM   560  O OG1 . THR A 1 84  ? 3.382   -17.526 -1.173  1.00 37.79 ? 78  THR A OG1 1 
ATOM   561  C CG2 . THR A 1 84  ? 5.276   -16.200 -1.809  1.00 33.29 ? 78  THR A CG2 1 
ATOM   562  N N   . PRO A 1 85  ? 1.942   -14.812 -0.428  1.00 29.47 ? 79  PRO A N   1 
ATOM   563  C CA  . PRO A 1 85  ? 1.800   -13.940 0.742   1.00 28.93 ? 79  PRO A CA  1 
ATOM   564  C C   . PRO A 1 85  ? 2.726   -14.350 1.871   1.00 28.62 ? 79  PRO A C   1 
ATOM   565  O O   . PRO A 1 85  ? 2.323   -15.060 2.789   1.00 31.13 ? 79  PRO A O   1 
ATOM   566  C CB  . PRO A 1 85  ? 0.330   -14.095 1.108   1.00 28.99 ? 79  PRO A CB  1 
ATOM   567  C CG  . PRO A 1 85  ? 0.071   -15.552 0.779   1.00 29.97 ? 79  PRO A CG  1 
ATOM   568  C CD  . PRO A 1 85  ? 0.810   -15.761 -0.528  1.00 29.48 ? 79  PRO A CD  1 
ATOM   569  N N   . ASN A 1 86  ? 3.966   -13.884 1.809   1.00 26.92 ? 80  ASN A N   1 
ATOM   570  C CA  . ASN A 1 86  ? 4.959   -14.219 2.805   1.00 26.19 ? 80  ASN A CA  1 
ATOM   571  C C   . ASN A 1 86  ? 5.243   -13.084 3.793   1.00 24.97 ? 80  ASN A C   1 
ATOM   572  O O   . ASN A 1 86  ? 4.527   -12.075 3.825   1.00 22.89 ? 80  ASN A O   1 
ATOM   573  C CB  . ASN A 1 86  ? 6.235   -14.644 2.097   1.00 26.90 ? 80  ASN A CB  1 
ATOM   574  C CG  . ASN A 1 86  ? 6.742   -13.586 1.147   1.00 30.01 ? 80  ASN A CG  1 
ATOM   575  O OD1 . ASN A 1 86  ? 6.666   -12.396 1.439   1.00 27.19 ? 80  ASN A OD1 1 
ATOM   576  N ND2 . ASN A 1 86  ? 7.276   -14.010 0.011   1.00 31.15 ? 80  ASN A ND2 1 
ATOM   577  N N   . GLU A 1 87  ? 6.281   -13.249 4.608   1.00 23.75 ? 81  GLU A N   1 
ATOM   578  C CA  . GLU A 1 87  ? 6.624   -12.262 5.620   1.00 23.75 ? 81  GLU A CA  1 
ATOM   579  C C   . GLU A 1 87  ? 6.839   -10.844 5.088   1.00 21.67 ? 81  GLU A C   1 
ATOM   580  O O   . GLU A 1 87  ? 6.567   -9.883  5.801   1.00 21.62 ? 81  GLU A O   1 
ATOM   581  C CB  . GLU A 1 87  ? 7.866   -12.739 6.382   1.00 27.80 ? 81  GLU A CB  1 
ATOM   582  C CG  . GLU A 1 87  ? 8.301   -11.833 7.505   1.00 34.86 ? 81  GLU A CG  1 
ATOM   583  C CD  . GLU A 1 87  ? 9.599   -12.303 8.166   1.00 38.10 ? 81  GLU A CD  1 
ATOM   584  O OE1 . GLU A 1 87  ? 10.057  -11.640 9.132   1.00 39.84 ? 81  GLU A OE1 1 
ATOM   585  O OE2 . GLU A 1 87  ? 10.159  -13.331 7.711   1.00 38.91 ? 81  GLU A OE2 1 
ATOM   586  N N   . GLU A 1 88  ? 7.306   -10.724 3.847   1.00 17.96 ? 82  GLU A N   1 
ATOM   587  C CA  . GLU A 1 88  ? 7.561   -9.409  3.248   1.00 18.29 ? 82  GLU A CA  1 
ATOM   588  C C   . GLU A 1 88  ? 6.263   -8.707  2.839   1.00 18.00 ? 82  GLU A C   1 
ATOM   589  O O   . GLU A 1 88  ? 6.302   -7.545  2.435   1.00 16.06 ? 82  GLU A O   1 
ATOM   590  C CB  . GLU A 1 88  ? 8.414   -9.560  1.981   1.00 18.93 ? 82  GLU A CB  1 
ATOM   591  C CG  . GLU A 1 88  ? 9.878   -9.996  2.151   1.00 22.53 ? 82  GLU A CG  1 
ATOM   592  C CD  . GLU A 1 88  ? 10.065  -11.423 2.627   1.00 27.40 ? 82  GLU A CD  1 
ATOM   593  O OE1 . GLU A 1 88  ? 9.201   -12.286 2.360   1.00 30.20 ? 82  GLU A OE1 1 
ATOM   594  O OE2 . GLU A 1 88  ? 11.111  -11.690 3.261   1.00 29.72 ? 82  GLU A OE2 1 
ATOM   595  N N   . CYS A 1 89  ? 5.129   -9.410  2.933   1.00 17.46 ? 83  CYS A N   1 
ATOM   596  C CA  . CYS A 1 89  ? 3.849   -8.859  2.502   1.00 15.88 ? 83  CYS A CA  1 
ATOM   597  C C   . CYS A 1 89  ? 2.954   -8.395  3.643   1.00 15.77 ? 83  CYS A C   1 
ATOM   598  O O   . CYS A 1 89  ? 1.822   -7.933  3.398   1.00 16.84 ? 83  CYS A O   1 
ATOM   599  C CB  . CYS A 1 89  ? 3.075   -9.906  1.683   1.00 18.08 ? 83  CYS A CB  1 
ATOM   600  S SG  . CYS A 1 89  ? 3.909   -10.581 0.255   1.00 18.62 ? 83  CYS A SG  1 
ATOM   601  N N   . LEU A 1 90  ? 3.418   -8.530  4.888   1.00 16.60 ? 84  LEU A N   1 
ATOM   602  C CA  . LEU A 1 90  ? 2.580   -8.086  6.000   1.00 16.93 ? 84  LEU A CA  1 
ATOM   603  C C   . LEU A 1 90  ? 2.831   -6.631  6.330   1.00 17.12 ? 84  LEU A C   1 
ATOM   604  O O   . LEU A 1 90  ? 3.975   -6.208  6.430   1.00 16.48 ? 84  LEU A O   1 
ATOM   605  C CB  . LEU A 1 90  ? 2.841   -8.932  7.249   1.00 18.75 ? 84  LEU A CB  1 
ATOM   606  C CG  . LEU A 1 90  ? 2.043   -10.231 7.280   1.00 21.01 ? 84  LEU A CG  1 
ATOM   607  C CD1 . LEU A 1 90  ? 2.488   -11.033 8.469   1.00 24.23 ? 84  LEU A CD1 1 
ATOM   608  C CD2 . LEU A 1 90  ? 0.532   -9.928  7.391   1.00 20.21 ? 84  LEU A CD2 1 
ATOM   609  N N   . PHE A 1 91  ? 1.760   -5.861  6.491   1.00 16.47 ? 85  PHE A N   1 
ATOM   610  C CA  . PHE A 1 91  ? 1.888   -4.452  6.850   1.00 16.06 ? 85  PHE A CA  1 
ATOM   611  C C   . PHE A 1 91  ? 1.090   -4.133  8.110   1.00 17.00 ? 85  PHE A C   1 
ATOM   612  O O   . PHE A 1 91  ? 0.008   -4.695  8.334   1.00 17.71 ? 85  PHE A O   1 
ATOM   613  C CB  . PHE A 1 91  ? 1.398   -3.562  5.704   1.00 16.54 ? 85  PHE A CB  1 
ATOM   614  C CG  . PHE A 1 91  ? 2.254   -3.633  4.500   1.00 13.96 ? 85  PHE A CG  1 
ATOM   615  C CD1 . PHE A 1 91  ? 2.065   -4.635  3.544   1.00 14.64 ? 85  PHE A CD1 1 
ATOM   616  C CD2 . PHE A 1 91  ? 3.343   -2.780  4.367   1.00 15.46 ? 85  PHE A CD2 1 
ATOM   617  C CE1 . PHE A 1 91  ? 2.944   -4.777  2.473   1.00 15.05 ? 85  PHE A CE1 1 
ATOM   618  C CE2 . PHE A 1 91  ? 4.225   -2.920  3.311   1.00 16.76 ? 85  PHE A CE2 1 
ATOM   619  C CZ  . PHE A 1 91  ? 4.026   -3.919  2.370   1.00 15.88 ? 85  PHE A CZ  1 
ATOM   620  N N   . LEU A 1 92  ? 1.615   -3.221  8.922   1.00 17.74 ? 86  LEU A N   1 
ATOM   621  C CA  . LEU A 1 92  ? 0.938   -2.835  10.144  1.00 17.35 ? 86  LEU A CA  1 
ATOM   622  C C   . LEU A 1 92  ? 0.072   -1.637  9.771   1.00 18.09 ? 86  LEU A C   1 
ATOM   623  O O   . LEU A 1 92  ? 0.586   -0.567  9.425   1.00 18.92 ? 86  LEU A O   1 
ATOM   624  C CB  . LEU A 1 92  ? 1.964   -2.442  11.221  1.00 19.55 ? 86  LEU A CB  1 
ATOM   625  C CG  . LEU A 1 92  ? 3.021   -3.505  11.531  1.00 18.68 ? 86  LEU A CG  1 
ATOM   626  C CD1 . LEU A 1 92  ? 3.947   -3.030  12.623  1.00 21.01 ? 86  LEU A CD1 1 
ATOM   627  C CD2 . LEU A 1 92  ? 2.313   -4.798  11.955  1.00 20.60 ? 86  LEU A CD2 1 
ATOM   628  N N   . GLU A 1 93  ? -1.247  -1.822  9.816   1.00 18.20 ? 87  GLU A N   1 
ATOM   629  C CA  . GLU A 1 93  ? -2.182  -0.749  9.477   1.00 19.71 ? 87  GLU A CA  1 
ATOM   630  C C   . GLU A 1 93  ? -2.523  0.074   10.713  1.00 21.81 ? 87  GLU A C   1 
ATOM   631  O O   . GLU A 1 93  ? -2.945  -0.474  11.744  1.00 22.30 ? 87  GLU A O   1 
ATOM   632  C CB  . GLU A 1 93  ? -3.461  -1.354  8.888   1.00 19.88 ? 87  GLU A CB  1 
ATOM   633  C CG  . GLU A 1 93  ? -4.541  -0.355  8.530   1.00 20.97 ? 87  GLU A CG  1 
ATOM   634  C CD  . GLU A 1 93  ? -5.791  -1.066  8.033   1.00 21.64 ? 87  GLU A CD  1 
ATOM   635  O OE1 . GLU A 1 93  ? -6.426  -1.777  8.848   1.00 24.01 ? 87  GLU A OE1 1 
ATOM   636  O OE2 . GLU A 1 93  ? -6.116  -0.939  6.841   1.00 23.93 ? 87  GLU A OE2 1 
ATOM   637  N N   . ARG A 1 94  ? -2.335  1.387   10.614  1.00 21.36 ? 88  ARG A N   1 
ATOM   638  C CA  . ARG A 1 94  ? -2.643  2.259   11.737  1.00 24.03 ? 88  ARG A CA  1 
ATOM   639  C C   . ARG A 1 94  ? -3.513  3.423   11.272  1.00 25.84 ? 88  ARG A C   1 
ATOM   640  O O   . ARG A 1 94  ? -3.320  3.962   10.192  1.00 24.08 ? 88  ARG A O   1 
ATOM   641  C CB  . ARG A 1 94  ? -1.345  2.764   12.377  1.00 25.77 ? 88  ARG A CB  1 
ATOM   642  C CG  . ARG A 1 94  ? -0.432  1.628   12.859  1.00 31.85 ? 88  ARG A CG  1 
ATOM   643  C CD  . ARG A 1 94  ? -1.023  0.931   14.088  1.00 33.98 ? 88  ARG A CD  1 
ATOM   644  N NE  . ARG A 1 94  ? -0.156  -0.114  14.635  1.00 36.45 ? 88  ARG A NE  1 
ATOM   645  C CZ  . ARG A 1 94  ? -0.249  -1.406  14.335  1.00 37.40 ? 88  ARG A CZ  1 
ATOM   646  N NH1 . ARG A 1 94  ? -1.177  -1.832  13.482  1.00 34.41 ? 88  ARG A NH1 1 
ATOM   647  N NH2 . ARG A 1 94  ? 0.579   -2.277  14.896  1.00 37.89 ? 88  ARG A NH2 1 
ATOM   648  N N   . LEU A 1 95  ? -4.505  3.771   12.086  1.00 27.51 ? 89  LEU A N   1 
ATOM   649  C CA  . LEU A 1 95  ? -5.396  4.872   11.772  1.00 29.81 ? 89  LEU A CA  1 
ATOM   650  C C   . LEU A 1 95  ? -4.841  6.073   12.507  1.00 30.27 ? 89  LEU A C   1 
ATOM   651  O O   . LEU A 1 95  ? -4.811  6.081   13.748  1.00 31.10 ? 89  LEU A O   1 
ATOM   652  C CB  . LEU A 1 95  ? -6.820  4.573   12.255  1.00 31.27 ? 89  LEU A CB  1 
ATOM   653  C CG  . LEU A 1 95  ? -7.806  5.746   12.150  1.00 31.47 ? 89  LEU A CG  1 
ATOM   654  C CD1 . LEU A 1 95  ? -8.035  6.124   10.689  1.00 30.53 ? 89  LEU A CD1 1 
ATOM   655  C CD2 . LEU A 1 95  ? -9.121  5.352   12.816  1.00 32.68 ? 89  LEU A CD2 1 
ATOM   656  N N   . GLU A 1 96  ? -4.380  7.062   11.744  1.00 30.77 ? 90  GLU A N   1 
ATOM   657  C CA  . GLU A 1 96  ? -3.816  8.288   12.284  1.00 31.83 ? 90  GLU A CA  1 
ATOM   658  C C   . GLU A 1 96  ? -4.923  9.241   12.750  1.00 32.76 ? 90  GLU A C   1 
ATOM   659  O O   . GLU A 1 96  ? -6.085  9.116   12.358  1.00 32.98 ? 90  GLU A O   1 
ATOM   660  C CB  . GLU A 1 96  ? -2.965  9.000   11.231  1.00 32.20 ? 90  GLU A CB  1 
ATOM   661  C CG  . GLU A 1 96  ? -1.813  8.191   10.663  1.00 31.51 ? 90  GLU A CG  1 
ATOM   662  C CD  . GLU A 1 96  ? -0.894  7.634   11.746  1.00 31.72 ? 90  GLU A CD  1 
ATOM   663  O OE1 . GLU A 1 96  ? -0.680  8.323   12.761  1.00 31.38 ? 90  GLU A OE1 1 
ATOM   664  O OE2 . GLU A 1 96  ? -0.384  6.504   11.575  1.00 29.80 ? 90  GLU A OE2 1 
ATOM   665  N N   . GLU A 1 97  ? -4.542  10.197  13.582  1.00 34.76 ? 91  GLU A N   1 
ATOM   666  C CA  . GLU A 1 97  ? -5.480  11.180  14.126  1.00 37.52 ? 91  GLU A CA  1 
ATOM   667  C C   . GLU A 1 97  ? -6.127  12.040  13.037  1.00 36.89 ? 91  GLU A C   1 
ATOM   668  O O   . GLU A 1 97  ? -7.291  12.451  13.168  1.00 37.55 ? 91  GLU A O   1 
ATOM   669  C CB  . GLU A 1 97  ? -4.749  12.080  15.134  1.00 39.98 ? 91  GLU A CB  1 
ATOM   670  C CG  . GLU A 1 97  ? -3.649  12.961  14.522  1.00 44.82 ? 91  GLU A CG  1 
ATOM   671  C CD  . GLU A 1 97  ? -2.704  12.188  13.609  1.00 46.22 ? 91  GLU A CD  1 
ATOM   672  O OE1 . GLU A 1 97  ? -2.176  11.137  14.034  1.00 48.25 ? 91  GLU A OE1 1 
ATOM   673  O OE2 . GLU A 1 97  ? -2.488  12.631  12.463  1.00 46.87 ? 91  GLU A OE2 1 
ATOM   674  N N   . ASN A 1 98  ? -5.376  12.313  11.969  1.00 34.30 ? 92  ASN A N   1 
ATOM   675  C CA  . ASN A 1 98  ? -5.889  13.122  10.870  1.00 31.33 ? 92  ASN A CA  1 
ATOM   676  C C   . ASN A 1 98  ? -6.897  12.331  10.048  1.00 28.99 ? 92  ASN A C   1 
ATOM   677  O O   . ASN A 1 98  ? -7.396  12.816  9.040   1.00 27.17 ? 92  ASN A O   1 
ATOM   678  C CB  . ASN A 1 98  ? -4.746  13.622  9.969   1.00 32.27 ? 92  ASN A CB  1 
ATOM   679  C CG  . ASN A 1 98  ? -3.834  12.496  9.489   1.00 33.16 ? 92  ASN A CG  1 
ATOM   680  O OD1 . ASN A 1 98  ? -4.286  11.385  9.206   1.00 32.19 ? 92  ASN A OD1 1 
ATOM   681  N ND2 . ASN A 1 98  ? -2.537  12.791  9.383   1.00 35.47 ? 92  ASN A ND2 1 
ATOM   682  N N   . GLY A 1 99  ? -7.162  11.096  10.467  1.00 27.69 ? 93  GLY A N   1 
ATOM   683  C CA  . GLY A 1 99  ? -8.127  10.266  9.781   1.00 26.61 ? 93  GLY A CA  1 
ATOM   684  C C   . GLY A 1 99  ? -7.602  9.412   8.644   1.00 26.13 ? 93  GLY A C   1 
ATOM   685  O O   . GLY A 1 99  ? -8.365  8.656   8.045   1.00 26.91 ? 93  GLY A O   1 
ATOM   686  N N   . TYR A 1 100 ? -6.319  9.559   8.325   1.00 23.11 ? 94  TYR A N   1 
ATOM   687  C CA  . TYR A 1 100 ? -5.706  8.766   7.256   1.00 22.59 ? 94  TYR A CA  1 
ATOM   688  C C   . TYR A 1 100 ? -5.119  7.489   7.824   1.00 21.85 ? 94  TYR A C   1 
ATOM   689  O O   . TYR A 1 100 ? -4.837  7.421   9.007   1.00 22.19 ? 94  TYR A O   1 
ATOM   690  C CB  . TYR A 1 100 ? -4.557  9.537   6.598   1.00 22.81 ? 94  TYR A CB  1 
ATOM   691  C CG  . TYR A 1 100 ? -4.979  10.670  5.687   1.00 24.74 ? 94  TYR A CG  1 
ATOM   692  C CD1 . TYR A 1 100 ? -5.427  10.412  4.396   1.00 25.90 ? 94  TYR A CD1 1 
ATOM   693  C CD2 . TYR A 1 100 ? -4.900  11.994  6.107   1.00 27.51 ? 94  TYR A CD2 1 
ATOM   694  C CE1 . TYR A 1 100 ? -5.784  11.452  3.527   1.00 27.44 ? 94  TYR A CE1 1 
ATOM   695  C CE2 . TYR A 1 100 ? -5.263  13.041  5.249   1.00 28.34 ? 94  TYR A CE2 1 
ATOM   696  C CZ  . TYR A 1 100 ? -5.698  12.757  3.969   1.00 28.24 ? 94  TYR A CZ  1 
ATOM   697  O OH  . TYR A 1 100 ? -6.031  13.799  3.123   1.00 32.08 ? 94  TYR A OH  1 
ATOM   698  N N   . ASN A 1 101 ? -4.956  6.476   6.970   1.00 20.32 ? 95  ASN A N   1 
ATOM   699  C CA  . ASN A 1 101 ? -4.318  5.230   7.380   1.00 19.05 ? 95  ASN A CA  1 
ATOM   700  C C   . ASN A 1 101 ? -2.850  5.269   6.939   1.00 18.45 ? 95  ASN A C   1 
ATOM   701  O O   . ASN A 1 101 ? -2.500  5.894   5.928   1.00 18.85 ? 95  ASN A O   1 
ATOM   702  C CB  . ASN A 1 101 ? -4.937  4.022   6.676   1.00 22.15 ? 95  ASN A CB  1 
ATOM   703  C CG  . ASN A 1 101 ? -6.225  3.556   7.301   1.00 23.57 ? 95  ASN A CG  1 
ATOM   704  O OD1 . ASN A 1 101 ? -6.810  2.549   6.858   1.00 28.24 ? 95  ASN A OD1 1 
ATOM   705  N ND2 . ASN A 1 101 ? -6.680  4.256   8.318   1.00 23.79 ? 95  ASN A ND2 1 
ATOM   706  N N   . THR A 1 102 ? -1.992  4.599   7.699   1.00 18.59 ? 96  THR A N   1 
ATOM   707  C CA  . THR A 1 102 ? -0.598  4.452   7.292   1.00 17.11 ? 96  THR A CA  1 
ATOM   708  C C   . THR A 1 102 ? -0.348  2.951   7.346   1.00 16.67 ? 96  THR A C   1 
ATOM   709  O O   . THR A 1 102 ? -1.047  2.209   8.064   1.00 17.42 ? 96  THR A O   1 
ATOM   710  C CB  . THR A 1 102 ? 0.390   5.176   8.203   1.00 17.05 ? 96  THR A CB  1 
ATOM   711  O OG1 . THR A 1 102 ? 0.259   4.708   9.564   1.00 20.66 ? 96  THR A OG1 1 
ATOM   712  C CG2 . THR A 1 102 ? 0.165   6.690   8.099   1.00 18.89 ? 96  THR A CG2 1 
ATOM   713  N N   . TYR A 1 103 ? 0.649   2.504   6.593   1.00 16.27 ? 97  TYR A N   1 
ATOM   714  C CA  . TYR A 1 103 ? 0.998   1.083   6.501   1.00 16.16 ? 97  TYR A CA  1 
ATOM   715  C C   . TYR A 1 103 ? 2.497   0.935   6.655   1.00 16.19 ? 97  TYR A C   1 
ATOM   716  O O   . TYR A 1 103 ? 3.263   1.448   5.840   1.00 17.13 ? 97  TYR A O   1 
ATOM   717  C CB  . TYR A 1 103 ? 0.542   0.538   5.137   1.00 16.47 ? 97  TYR A CB  1 
ATOM   718  C CG  . TYR A 1 103 ? -0.965  0.553   4.992   1.00 18.02 ? 97  TYR A CG  1 
ATOM   719  C CD1 . TYR A 1 103 ? -1.743  -0.494  5.479   1.00 19.55 ? 97  TYR A CD1 1 
ATOM   720  C CD2 . TYR A 1 103 ? -1.615  1.658   4.449   1.00 17.95 ? 97  TYR A CD2 1 
ATOM   721  C CE1 . TYR A 1 103 ? -3.134  -0.438  5.437   1.00 18.78 ? 97  TYR A CE1 1 
ATOM   722  C CE2 . TYR A 1 103 ? -3.012  1.729   4.410   1.00 19.42 ? 97  TYR A CE2 1 
ATOM   723  C CZ  . TYR A 1 103 ? -3.758  0.678   4.911   1.00 18.50 ? 97  TYR A CZ  1 
ATOM   724  O OH  . TYR A 1 103 ? -5.138  0.762   4.942   1.00 20.95 ? 97  TYR A OH  1 
ATOM   725  N N   . ILE A 1 104 ? 2.920   0.273   7.720   1.00 16.21 ? 98  ILE A N   1 
ATOM   726  C CA  . ILE A 1 104 ? 4.343   0.076   7.966   1.00 16.61 ? 98  ILE A CA  1 
ATOM   727  C C   . ILE A 1 104 ? 4.708   -1.371  7.648   1.00 17.23 ? 98  ILE A C   1 
ATOM   728  O O   . ILE A 1 104 ? 3.974   -2.290  8.025   1.00 17.33 ? 98  ILE A O   1 
ATOM   729  C CB  . ILE A 1 104 ? 4.686   0.365   9.450   1.00 19.13 ? 98  ILE A CB  1 
ATOM   730  C CG1 . ILE A 1 104 ? 4.518   1.863   9.750   1.00 20.81 ? 98  ILE A CG1 1 
ATOM   731  C CG2 . ILE A 1 104 ? 6.100   -0.049  9.751   1.00 21.24 ? 98  ILE A CG2 1 
ATOM   732  C CD1 . ILE A 1 104 ? 4.812   2.234   11.201  1.00 26.06 ? 98  ILE A CD1 1 
ATOM   733  N N   . SER A 1 105 ? 5.812   -1.570  6.929   1.00 15.01 ? 99  SER A N   1 
ATOM   734  C CA  . SER A 1 105 ? 6.282   -2.907  6.648   1.00 16.04 ? 99  SER A CA  1 
ATOM   735  C C   . SER A 1 105 ? 6.507   -3.613  8.003   1.00 16.23 ? 99  SER A C   1 
ATOM   736  O O   . SER A 1 105 ? 7.278   -3.137  8.836   1.00 16.25 ? 99  SER A O   1 
ATOM   737  C CB  . SER A 1 105 ? 7.607   -2.859  5.884   1.00 17.86 ? 99  SER A CB  1 
ATOM   738  O OG  . SER A 1 105 ? 8.272   -4.133  5.990   1.00 16.57 ? 99  SER A OG  1 
ATOM   739  N N   . LYS A 1 106 ? 5.860   -4.748  8.220   1.00 16.90 ? 100 LYS A N   1 
ATOM   740  C CA  . LYS A 1 106 ? 6.069   -5.440  9.501   1.00 17.96 ? 100 LYS A CA  1 
ATOM   741  C C   . LYS A 1 106 ? 7.524   -5.918  9.601   1.00 18.89 ? 100 LYS A C   1 
ATOM   742  O O   . LYS A 1 106 ? 8.172   -5.783  10.650  1.00 18.01 ? 100 LYS A O   1 
ATOM   743  C CB  . LYS A 1 106 ? 5.135   -6.641  9.624   1.00 18.95 ? 100 LYS A CB  1 
ATOM   744  C CG  . LYS A 1 106 ? 5.330   -7.379  10.943  1.00 19.68 ? 100 LYS A CG  1 
ATOM   745  C CD  . LYS A 1 106 ? 4.396   -8.575  11.077  1.00 23.15 ? 100 LYS A CD  1 
ATOM   746  C CE  . LYS A 1 106 ? 4.608   -9.240  12.437  1.00 25.84 ? 100 LYS A CE  1 
ATOM   747  N NZ  . LYS A 1 106 ? 3.837   -10.507 12.570  1.00 28.82 ? 100 LYS A NZ  1 
ATOM   748  N N   . LYS A 1 107 ? 8.051   -6.468  8.508   1.00 17.89 ? 101 LYS A N   1 
ATOM   749  C CA  . LYS A 1 107 ? 9.429   -6.952  8.500   1.00 18.26 ? 101 LYS A CA  1 
ATOM   750  C C   . LYS A 1 107 ? 10.450  -5.855  8.823   1.00 19.01 ? 101 LYS A C   1 
ATOM   751  O O   . LYS A 1 107 ? 11.453  -6.098  9.516   1.00 20.57 ? 101 LYS A O   1 
ATOM   752  C CB  . LYS A 1 107 ? 9.726   -7.573  7.139   1.00 19.90 ? 101 LYS A CB  1 
ATOM   753  C CG  . LYS A 1 107 ? 11.108  -8.170  7.010   1.00 21.59 ? 101 LYS A CG  1 
ATOM   754  C CD  . LYS A 1 107 ? 11.213  -8.877  5.681   1.00 23.71 ? 101 LYS A CD  1 
ATOM   755  C CE  . LYS A 1 107 ? 12.579  -9.464  5.427   1.00 27.09 ? 101 LYS A CE  1 
ATOM   756  N NZ  . LYS A 1 107 ? 12.901  -10.502 6.453   1.00 27.03 ? 101 LYS A NZ  1 
ATOM   757  N N   . HIS A 1 108 ? 10.180  -4.642  8.333   1.00 16.94 ? 102 HIS A N   1 
ATOM   758  C CA  . HIS A 1 108 ? 11.073  -3.504  8.542   1.00 16.78 ? 102 HIS A CA  1 
ATOM   759  C C   . HIS A 1 108 ? 10.515  -2.454  9.503   1.00 16.66 ? 102 HIS A C   1 
ATOM   760  O O   . HIS A 1 108 ? 10.900  -1.284  9.454   1.00 18.07 ? 102 HIS A O   1 
ATOM   761  C CB  . HIS A 1 108 ? 11.382  -2.893  7.167   1.00 15.56 ? 102 HIS A CB  1 
ATOM   762  C CG  . HIS A 1 108 ? 12.032  -3.859  6.237   1.00 17.89 ? 102 HIS A CG  1 
ATOM   763  N ND1 . HIS A 1 108 ? 13.324  -4.302  6.425   1.00 18.58 ? 102 HIS A ND1 1 
ATOM   764  C CD2 . HIS A 1 108 ? 11.579  -4.489  5.129   1.00 17.60 ? 102 HIS A CD2 1 
ATOM   765  C CE1 . HIS A 1 108 ? 13.641  -5.158  5.473   1.00 19.42 ? 102 HIS A CE1 1 
ATOM   766  N NE2 . HIS A 1 108 ? 12.599  -5.291  4.666   1.00 17.41 ? 102 HIS A NE2 1 
ATOM   767  N N   . ALA A 1 109 ? 9.662   -2.901  10.412  1.00 18.52 ? 103 ALA A N   1 
ATOM   768  C CA  . ALA A 1 109 ? 9.017   -1.994  11.354  1.00 20.24 ? 103 ALA A CA  1 
ATOM   769  C C   . ALA A 1 109 ? 9.971   -1.216  12.268  1.00 19.84 ? 103 ALA A C   1 
ATOM   770  O O   . ALA A 1 109 ? 9.686   -0.072  12.606  1.00 21.62 ? 103 ALA A O   1 
ATOM   771  C CB  . ALA A 1 109 ? 7.979   -2.750  12.175  1.00 20.89 ? 103 ALA A CB  1 
ATOM   772  N N   . GLU A 1 110 ? 11.089  -1.821  12.656  1.00 21.73 ? 104 GLU A N   1 
ATOM   773  C CA  . GLU A 1 110 ? 12.054  -1.129  13.510  1.00 24.36 ? 104 GLU A CA  1 
ATOM   774  C C   . GLU A 1 110 ? 12.609  0.144   12.887  1.00 24.06 ? 104 GLU A C   1 
ATOM   775  O O   . GLU A 1 110 ? 13.050  1.061   13.602  1.00 23.50 ? 104 GLU A O   1 
ATOM   776  C CB  . GLU A 1 110 ? 13.203  -2.075  13.827  1.00 26.79 ? 104 GLU A CB  1 
ATOM   777  C CG  . GLU A 1 110 ? 12.799  -3.182  14.741  1.00 34.75 ? 104 GLU A CG  1 
ATOM   778  C CD  . GLU A 1 110 ? 12.695  -2.719  16.174  1.00 38.48 ? 104 GLU A CD  1 
ATOM   779  O OE1 . GLU A 1 110 ? 11.924  -1.768  16.446  1.00 41.46 ? 104 GLU A OE1 1 
ATOM   780  O OE2 . GLU A 1 110 ? 13.389  -3.308  17.031  1.00 41.45 ? 104 GLU A OE2 1 
ATOM   781  N N   . LYS A 1 111 ? 12.578  0.199   11.558  1.00 21.38 ? 105 LYS A N   1 
ATOM   782  C CA  . LYS A 1 111 ? 13.094  1.323   10.785  1.00 22.52 ? 105 LYS A CA  1 
ATOM   783  C C   . LYS A 1 111 ? 11.994  2.280   10.336  1.00 20.61 ? 105 LYS A C   1 
ATOM   784  O O   . LYS A 1 111 ? 12.262  3.283   9.669   1.00 21.38 ? 105 LYS A O   1 
ATOM   785  C CB  . LYS A 1 111 ? 13.852  0.802   9.565   1.00 22.72 ? 105 LYS A CB  1 
ATOM   786  C CG  . LYS A 1 111 ? 15.087  -0.043  9.910   1.00 25.30 ? 105 LYS A CG  1 
ATOM   787  C CD  . LYS A 1 111 ? 15.786  -0.551  8.648   1.00 27.04 ? 105 LYS A CD  1 
ATOM   788  C CE  . LYS A 1 111 ? 14.922  -1.547  7.852   1.00 27.92 ? 105 LYS A CE  1 
ATOM   789  N NZ  . LYS A 1 111 ? 15.359  -2.967  7.980   1.00 30.18 ? 105 LYS A NZ  1 
ATOM   790  N N   . ASN A 1 112 ? 10.762  1.970   10.718  1.00 20.32 ? 106 ASN A N   1 
ATOM   791  C CA  . ASN A 1 112 ? 9.616   2.791   10.346  1.00 21.38 ? 106 ASN A CA  1 
ATOM   792  C C   . ASN A 1 112 ? 9.508   3.003   8.830   1.00 20.29 ? 106 ASN A C   1 
ATOM   793  O O   . ASN A 1 112 ? 9.312   4.131   8.372   1.00 19.27 ? 106 ASN A O   1 
ATOM   794  C CB  . ASN A 1 112 ? 9.688   4.148   11.064  1.00 25.57 ? 106 ASN A CB  1 
ATOM   795  C CG  . ASN A 1 112 ? 9.320   4.035   12.521  1.00 28.69 ? 106 ASN A CG  1 
ATOM   796  O OD1 . ASN A 1 112 ? 8.330   3.391   12.865  1.00 31.74 ? 106 ASN A OD1 1 
ATOM   797  N ND2 . ASN A 1 112 ? 10.096  4.669   13.382  1.00 32.09 ? 106 ASN A ND2 1 
ATOM   798  N N   . TRP A 1 113 ? 9.664   1.918   8.064   1.00 17.40 ? 107 TRP A N   1 
ATOM   799  C CA  . TRP A 1 113 ? 9.529   1.977   6.612   1.00 15.11 ? 107 TRP A CA  1 
ATOM   800  C C   . TRP A 1 113 ? 8.057   1.871   6.259   1.00 13.77 ? 107 TRP A C   1 
ATOM   801  O O   . TRP A 1 113 ? 7.428   0.821   6.478   1.00 15.74 ? 107 TRP A O   1 
ATOM   802  C CB  . TRP A 1 113 ? 10.262  0.822   5.959   1.00 14.62 ? 107 TRP A CB  1 
ATOM   803  C CG  . TRP A 1 113 ? 11.757  1.024   5.922   1.00 15.83 ? 107 TRP A CG  1 
ATOM   804  C CD1 . TRP A 1 113 ? 12.479  2.070   6.464   1.00 16.65 ? 107 TRP A CD1 1 
ATOM   805  C CD2 . TRP A 1 113 ? 12.702  0.181   5.262   1.00 15.32 ? 107 TRP A CD2 1 
ATOM   806  N NE1 . TRP A 1 113 ? 13.823  1.917   6.164   1.00 17.08 ? 107 TRP A NE1 1 
ATOM   807  C CE2 . TRP A 1 113 ? 13.987  0.769   5.438   1.00 16.42 ? 107 TRP A CE2 1 
ATOM   808  C CE3 . TRP A 1 113 ? 12.595  -1.017  4.542   1.00 16.79 ? 107 TRP A CE3 1 
ATOM   809  C CZ2 . TRP A 1 113 ? 15.156  0.188   4.909   1.00 15.79 ? 107 TRP A CZ2 1 
ATOM   810  C CZ3 . TRP A 1 113 ? 13.763  -1.592  4.014   1.00 17.14 ? 107 TRP A CZ3 1 
ATOM   811  C CH2 . TRP A 1 113 ? 15.018  -0.986  4.207   1.00 16.48 ? 107 TRP A CH2 1 
ATOM   812  N N   . PHE A 1 114 ? 7.516   2.950   5.708   1.00 13.91 ? 108 PHE A N   1 
ATOM   813  C CA  . PHE A 1 114 ? 6.115   3.021   5.323   1.00 14.86 ? 108 PHE A CA  1 
ATOM   814  C C   . PHE A 1 114 ? 5.895   2.795   3.839   1.00 15.67 ? 108 PHE A C   1 
ATOM   815  O O   . PHE A 1 114 ? 6.781   2.998   3.014   1.00 14.82 ? 108 PHE A O   1 
ATOM   816  C CB  . PHE A 1 114 ? 5.573   4.439   5.567   1.00 16.80 ? 108 PHE A CB  1 
ATOM   817  C CG  . PHE A 1 114 ? 5.502   4.853   7.009   1.00 17.85 ? 108 PHE A CG  1 
ATOM   818  C CD1 . PHE A 1 114 ? 4.363   4.597   7.760   1.00 19.18 ? 108 PHE A CD1 1 
ATOM   819  C CD2 . PHE A 1 114 ? 6.541   5.588   7.579   1.00 17.25 ? 108 PHE A CD2 1 
ATOM   820  C CE1 . PHE A 1 114 ? 4.246   5.082   9.080   1.00 19.04 ? 108 PHE A CE1 1 
ATOM   821  C CE2 . PHE A 1 114 ? 6.440   6.075   8.872   1.00 18.59 ? 108 PHE A CE2 1 
ATOM   822  C CZ  . PHE A 1 114 ? 5.290   5.823   9.628   1.00 18.28 ? 108 PHE A CZ  1 
ATOM   823  N N   . VAL A 1 115 ? 4.670   2.385   3.527   1.00 14.90 ? 109 VAL A N   1 
ATOM   824  C CA  . VAL A 1 115 ? 4.194   2.313   2.138   1.00 14.71 ? 109 VAL A CA  1 
ATOM   825  C C   . VAL A 1 115 ? 4.007   3.806   1.784   1.00 14.88 ? 109 VAL A C   1 
ATOM   826  O O   . VAL A 1 115 ? 3.395   4.564   2.544   1.00 14.72 ? 109 VAL A O   1 
ATOM   827  C CB  . VAL A 1 115 ? 2.808   1.616   2.090   1.00 13.21 ? 109 VAL A CB  1 
ATOM   828  C CG1 . VAL A 1 115 ? 2.174   1.791   0.719   1.00 14.59 ? 109 VAL A CG1 1 
ATOM   829  C CG2 . VAL A 1 115 ? 2.951   0.162   2.437   1.00 15.40 ? 109 VAL A CG2 1 
ATOM   830  N N   . GLY A 1 116 ? 4.530   4.237   0.642   1.00 14.78 ? 110 GLY A N   1 
ATOM   831  C CA  . GLY A 1 116 ? 4.367   5.637   0.294   1.00 15.18 ? 110 GLY A CA  1 
ATOM   832  C C   . GLY A 1 116 ? 4.464   5.917   -1.189  1.00 15.25 ? 110 GLY A C   1 
ATOM   833  O O   . GLY A 1 116 ? 5.126   5.172   -1.903  1.00 16.63 ? 110 GLY A O   1 
ATOM   834  N N   . LEU A 1 117 ? 3.764   6.954   -1.646  1.00 14.73 ? 111 LEU A N   1 
ATOM   835  C CA  . LEU A 1 117 ? 3.837   7.363   -3.054  1.00 15.15 ? 111 LEU A CA  1 
ATOM   836  C C   . LEU A 1 117 ? 4.276   8.820   -3.142  1.00 16.23 ? 111 LEU A C   1 
ATOM   837  O O   . LEU A 1 117 ? 3.761   9.681   -2.414  1.00 19.55 ? 111 LEU A O   1 
ATOM   838  C CB  . LEU A 1 117 ? 2.491   7.198   -3.743  1.00 17.01 ? 111 LEU A CB  1 
ATOM   839  C CG  . LEU A 1 117 ? 2.014   5.742   -3.870  1.00 15.88 ? 111 LEU A CG  1 
ATOM   840  C CD1 . LEU A 1 117 ? 0.646   5.732   -4.532  1.00 16.40 ? 111 LEU A CD1 1 
ATOM   841  C CD2 . LEU A 1 117 ? 3.010   4.932   -4.725  1.00 17.43 ? 111 LEU A CD2 1 
ATOM   842  N N   . LYS A 1 118 ? 5.193   9.083   -4.060  1.00 16.23 ? 112 LYS A N   1 
ATOM   843  C CA  . LYS A 1 118 ? 5.678   10.442  -4.285  1.00 18.32 ? 112 LYS A CA  1 
ATOM   844  C C   . LYS A 1 118 ? 4.658   11.208  -5.102  1.00 18.73 ? 112 LYS A C   1 
ATOM   845  O O   . LYS A 1 118 ? 3.703   10.632  -5.628  1.00 18.79 ? 112 LYS A O   1 
ATOM   846  C CB  . LYS A 1 118 ? 7.004   10.411  -5.039  1.00 19.67 ? 112 LYS A CB  1 
ATOM   847  C CG  . LYS A 1 118 ? 8.068   9.681   -4.275  1.00 21.14 ? 112 LYS A CG  1 
ATOM   848  C CD  . LYS A 1 118 ? 9.447   10.036  -4.718  1.00 28.28 ? 112 LYS A CD  1 
ATOM   849  C CE  . LYS A 1 118 ? 9.801   9.369   -5.997  1.00 30.57 ? 112 LYS A CE  1 
ATOM   850  N NZ  . LYS A 1 118 ? 11.264  9.540   -6.283  1.00 36.31 ? 112 LYS A NZ  1 
ATOM   851  N N   . LYS A 1 119 ? 4.879   12.511  -5.231  1.00 20.66 ? 113 LYS A N   1 
ATOM   852  C CA  . LYS A 1 119 ? 3.961   13.328  -6.012  1.00 22.34 ? 113 LYS A CA  1 
ATOM   853  C C   . LYS A 1 119 ? 3.928   12.935  -7.501  1.00 22.23 ? 113 LYS A C   1 
ATOM   854  O O   . LYS A 1 119 ? 2.934   13.209  -8.192  1.00 25.95 ? 113 LYS A O   1 
ATOM   855  C CB  . LYS A 1 119 ? 4.323   14.811  -5.863  1.00 26.81 ? 113 LYS A CB  1 
ATOM   856  C CG  . LYS A 1 119 ? 4.125   15.321  -4.443  1.00 29.85 ? 113 LYS A CG  1 
ATOM   857  C CD  . LYS A 1 119 ? 4.300   16.839  -4.355  1.00 34.43 ? 113 LYS A CD  1 
ATOM   858  C CE  . LYS A 1 119 ? 4.156   17.316  -2.923  1.00 35.55 ? 113 LYS A CE  1 
ATOM   859  N NZ  . LYS A 1 119 ? 4.120   18.803  -2.837  1.00 37.20 ? 113 LYS A NZ  1 
ATOM   860  N N   . ASN A 1 120 ? 4.984   12.288  -7.998  1.00 20.95 ? 114 ASN A N   1 
ATOM   861  C CA  . ASN A 1 120 ? 5.032   11.871  -9.401  1.00 21.94 ? 114 ASN A CA  1 
ATOM   862  C C   . ASN A 1 120 ? 4.436   10.476  -9.634  1.00 20.17 ? 114 ASN A C   1 
ATOM   863  O O   . ASN A 1 120 ? 4.468   9.961   -10.750 1.00 19.86 ? 114 ASN A O   1 
ATOM   864  C CB  . ASN A 1 120 ? 6.468   11.930  -9.971  1.00 21.75 ? 114 ASN A CB  1 
ATOM   865  C CG  . ASN A 1 120 ? 7.447   10.993  -9.271  1.00 23.55 ? 114 ASN A CG  1 
ATOM   866  O OD1 . ASN A 1 120 ? 7.055   10.098  -8.549  1.00 17.29 ? 114 ASN A OD1 1 
ATOM   867  N ND2 . ASN A 1 120 ? 8.744   11.207  -9.505  1.00 24.46 ? 114 ASN A ND2 1 
ATOM   868  N N   . GLY A 1 121 ? 3.900   9.883   -8.568  1.00 17.50 ? 115 GLY A N   1 
ATOM   869  C CA  . GLY A 1 121 ? 3.294   8.560   -8.651  1.00 17.66 ? 115 GLY A CA  1 
ATOM   870  C C   . GLY A 1 121 ? 4.193   7.357   -8.409  1.00 17.28 ? 115 GLY A C   1 
ATOM   871  O O   . GLY A 1 121 ? 3.696   6.223   -8.365  1.00 17.05 ? 115 GLY A O   1 
ATOM   872  N N   . SER A 1 122 ? 5.497   7.588   -8.294  1.00 16.86 ? 116 SER A N   1 
ATOM   873  C CA  . SER A 1 122 ? 6.446   6.510   -8.057  1.00 17.39 ? 116 SER A CA  1 
ATOM   874  C C   . SER A 1 122 ? 6.497   6.206   -6.562  1.00 16.42 ? 116 SER A C   1 
ATOM   875  O O   . SER A 1 122 ? 6.219   7.061   -5.736  1.00 16.22 ? 116 SER A O   1 
ATOM   876  C CB  . SER A 1 122 ? 7.851   6.910   -8.505  1.00 19.79 ? 116 SER A CB  1 
ATOM   877  O OG  . SER A 1 122 ? 7.915   6.962   -9.919  1.00 21.92 ? 116 SER A OG  1 
ATOM   878  N N   . CYS A 1 123 ? 6.856   4.964   -6.249  1.00 15.79 ? 117 CYS A N   1 
ATOM   879  C CA  . CYS A 1 123 ? 7.034   4.541   -4.860  1.00 16.02 ? 117 CYS A CA  1 
ATOM   880  C C   . CYS A 1 123 ? 8.084   5.422   -4.146  1.00 15.43 ? 117 CYS A C   1 
ATOM   881  O O   . CYS A 1 123 ? 9.158   5.705   -4.693  1.00 17.59 ? 117 CYS A O   1 
ATOM   882  C CB  . CYS A 1 123 ? 7.534   3.081   -4.828  1.00 17.52 ? 117 CYS A CB  1 
ATOM   883  S SG  . CYS A 1 123 ? 8.131   2.515   -3.179  1.00 19.64 ? 117 CYS A SG  1 
ATOM   884  N N   . LYS A 1 124 ? 7.770   5.847   -2.920  1.00 15.62 ? 118 LYS A N   1 
ATOM   885  C CA  . LYS A 1 124 ? 8.733   6.577   -2.110  1.00 15.57 ? 118 LYS A CA  1 
ATOM   886  C C   . LYS A 1 124 ? 9.302   5.424   -1.261  1.00 16.48 ? 118 LYS A C   1 
ATOM   887  O O   . LYS A 1 124 ? 8.595   4.890   -0.389  1.00 16.29 ? 118 LYS A O   1 
ATOM   888  C CB  . LYS A 1 124 ? 8.049   7.615   -1.218  1.00 16.95 ? 118 LYS A CB  1 
ATOM   889  C CG  . LYS A 1 124 ? 9.041   8.506   -0.510  1.00 19.13 ? 118 LYS A CG  1 
ATOM   890  C CD  . LYS A 1 124 ? 8.335   9.574   0.314   1.00 22.44 ? 118 LYS A CD  1 
ATOM   891  C CE  . LYS A 1 124 ? 9.221   10.764  0.634   1.00 25.18 ? 118 LYS A CE  1 
ATOM   892  N NZ  . LYS A 1 124 ? 9.763   11.446  -0.596  1.00 29.49 ? 118 LYS A NZ  1 
ATOM   893  N N   . ARG A 1 125 ? 10.548  5.023   -1.521  1.00 15.63 ? 119 ARG A N   1 
ATOM   894  C CA  . ARG A 1 125 ? 11.116  3.874   -0.817  1.00 17.33 ? 119 ARG A CA  1 
ATOM   895  C C   . ARG A 1 125 ? 11.109  4.002   0.686   1.00 15.86 ? 119 ARG A C   1 
ATOM   896  O O   . ARG A 1 125 ? 11.253  5.090   1.228   1.00 16.45 ? 119 ARG A O   1 
ATOM   897  C CB  . ARG A 1 125 ? 12.543  3.576   -1.263  1.00 18.63 ? 119 ARG A CB  1 
ATOM   898  C CG  . ARG A 1 125 ? 12.700  3.171   -2.703  1.00 22.17 ? 119 ARG A CG  1 
ATOM   899  C CD  . ARG A 1 125 ? 14.159  2.725   -2.927  1.00 26.88 ? 119 ARG A CD  1 
ATOM   900  N NE  . ARG A 1 125 ? 15.126  3.788   -2.636  1.00 30.11 ? 119 ARG A NE  1 
ATOM   901  C CZ  . ARG A 1 125 ? 16.195  3.652   -1.847  1.00 33.19 ? 119 ARG A CZ  1 
ATOM   902  N NH1 . ARG A 1 125 ? 16.453  2.489   -1.249  1.00 30.87 ? 119 ARG A NH1 1 
ATOM   903  N NH2 . ARG A 1 125 ? 17.010  4.686   -1.654  1.00 33.40 ? 119 ARG A NH2 1 
ATOM   904  N N   . GLY A 1 126 ? 10.932  2.859   1.341   1.00 15.10 ? 120 GLY A N   1 
ATOM   905  C CA  . GLY A 1 126 ? 10.889  2.816   2.800   1.00 16.18 ? 120 GLY A CA  1 
ATOM   906  C C   . GLY A 1 126 ? 11.841  3.716   3.557   1.00 17.10 ? 120 GLY A C   1 
ATOM   907  O O   . GLY A 1 126 ? 11.403  4.501   4.386   1.00 16.92 ? 120 GLY A O   1 
ATOM   908  N N   . PRO A 1 127 ? 13.144  3.636   3.276   1.00 18.33 ? 121 PRO A N   1 
ATOM   909  C CA  . PRO A 1 127 ? 14.042  4.508   4.038   1.00 18.79 ? 121 PRO A CA  1 
ATOM   910  C C   . PRO A 1 127 ? 13.856  5.993   3.824   1.00 18.22 ? 121 PRO A C   1 
ATOM   911  O O   . PRO A 1 127 ? 14.336  6.793   4.642   1.00 21.45 ? 121 PRO A O   1 
ATOM   912  C CB  . PRO A 1 127 ? 15.429  3.993   3.660   1.00 19.48 ? 121 PRO A CB  1 
ATOM   913  C CG  . PRO A 1 127 ? 15.232  3.296   2.338   1.00 19.80 ? 121 PRO A CG  1 
ATOM   914  C CD  . PRO A 1 127 ? 13.875  2.675   2.427   1.00 17.67 ? 121 PRO A CD  1 
ATOM   915  N N   . ARG A 1 128 ? 13.174  6.385   2.755   1.00 16.18 ? 122 ARG A N   1 
ATOM   916  C CA  . ARG A 1 128 ? 12.952  7.811   2.488   1.00 18.14 ? 122 ARG A CA  1 
ATOM   917  C C   . ARG A 1 128 ? 11.642  8.296   3.096   1.00 18.60 ? 122 ARG A C   1 
ATOM   918  O O   . ARG A 1 128 ? 11.341  9.505   3.061   1.00 18.99 ? 122 ARG A O   1 
ATOM   919  C CB  . ARG A 1 128 ? 12.908  8.073   0.974   1.00 20.82 ? 122 ARG A CB  1 
ATOM   920  C CG  . ARG A 1 128 ? 14.115  7.591   0.212   1.00 24.52 ? 122 ARG A CG  1 
ATOM   921  C CD  . ARG A 1 128 ? 15.282  8.537   0.399   1.00 28.78 ? 122 ARG A CD  1 
ATOM   922  N NE  . ARG A 1 128 ? 16.476  8.064   -0.301  1.00 33.76 ? 122 ARG A NE  1 
ATOM   923  C CZ  . ARG A 1 128 ? 17.489  7.445   0.293   1.00 35.06 ? 122 ARG A CZ  1 
ATOM   924  N NH1 . ARG A 1 128 ? 17.457  7.217   1.597   1.00 36.24 ? 122 ARG A NH1 1 
ATOM   925  N NH2 . ARG A 1 128 ? 18.549  7.074   -0.416  1.00 37.78 ? 122 ARG A NH2 1 
ATOM   926  N N   . THR A 1 129 ? 10.831  7.370   3.625   1.00 16.66 ? 123 THR A N   1 
ATOM   927  C CA  . THR A 1 129 ? 9.549   7.755   4.213   1.00 16.22 ? 123 THR A CA  1 
ATOM   928  C C   . THR A 1 129 ? 9.729   8.120   5.682   1.00 17.59 ? 123 THR A C   1 
ATOM   929  O O   . THR A 1 129 ? 10.578  7.571   6.369   1.00 19.25 ? 123 THR A O   1 
ATOM   930  C CB  . THR A 1 129 ? 8.476   6.617   4.139   1.00 15.56 ? 123 THR A CB  1 
ATOM   931  O OG1 . THR A 1 129 ? 8.913   5.510   4.926   1.00 18.57 ? 123 THR A OG1 1 
ATOM   932  C CG2 . THR A 1 129 ? 8.213   6.187   2.720   1.00 17.71 ? 123 THR A CG2 1 
ATOM   933  N N   . HIS A 1 130 ? 8.891   9.041   6.153   1.00 18.16 ? 124 HIS A N   1 
ATOM   934  C CA  . HIS A 1 130 ? 8.959   9.500   7.525   1.00 19.94 ? 124 HIS A CA  1 
ATOM   935  C C   . HIS A 1 130 ? 7.586   9.958   7.983   1.00 20.51 ? 124 HIS A C   1 
ATOM   936  O O   . HIS A 1 130 ? 6.822   10.501  7.187   1.00 20.12 ? 124 HIS A O   1 
ATOM   937  C CB  . HIS A 1 130 ? 9.938   10.677  7.619   1.00 20.63 ? 124 HIS A CB  1 
ATOM   938  C CG  . HIS A 1 130 ? 11.324  10.359  7.130   1.00 23.42 ? 124 HIS A CG  1 
ATOM   939  N ND1 . HIS A 1 130 ? 11.661  10.349  5.791   1.00 24.80 ? 124 HIS A ND1 1 
ATOM   940  C CD2 . HIS A 1 130 ? 12.436  9.955   7.794   1.00 25.11 ? 124 HIS A CD2 1 
ATOM   941  C CE1 . HIS A 1 130 ? 12.911  9.945   5.651   1.00 26.62 ? 124 HIS A CE1 1 
ATOM   942  N NE2 . HIS A 1 130 ? 13.404  9.697   6.852   1.00 25.60 ? 124 HIS A NE2 1 
ATOM   943  N N   . TYR A 1 131 ? 7.279   9.755   9.261   1.00 22.30 ? 125 TYR A N   1 
ATOM   944  C CA  . TYR A 1 131 ? 6.006   10.191  9.801   1.00 23.61 ? 125 TYR A CA  1 
ATOM   945  C C   . TYR A 1 131 ? 5.917   11.691  9.578   1.00 23.95 ? 125 TYR A C   1 
ATOM   946  O O   . TYR A 1 131 ? 6.905   12.417  9.774   1.00 24.49 ? 125 TYR A O   1 
ATOM   947  C CB  . TYR A 1 131 ? 5.925   9.852   11.297  1.00 27.88 ? 125 TYR A CB  1 
ATOM   948  C CG  . TYR A 1 131 ? 4.568   10.083  11.892  1.00 32.56 ? 125 TYR A CG  1 
ATOM   949  C CD1 . TYR A 1 131 ? 4.238   11.302  12.486  1.00 35.11 ? 125 TYR A CD1 1 
ATOM   950  C CD2 . TYR A 1 131 ? 3.602   9.082   11.849  1.00 34.70 ? 125 TYR A CD2 1 
ATOM   951  C CE1 . TYR A 1 131 ? 2.968   11.519  13.029  1.00 37.26 ? 125 TYR A CE1 1 
ATOM   952  C CE2 . TYR A 1 131 ? 2.334   9.281   12.382  1.00 38.52 ? 125 TYR A CE2 1 
ATOM   953  C CZ  . TYR A 1 131 ? 2.021   10.499  12.972  1.00 38.18 ? 125 TYR A CZ  1 
ATOM   954  O OH  . TYR A 1 131 ? 0.758   10.683  13.503  1.00 40.65 ? 125 TYR A OH  1 
ATOM   955  N N   . GLY A 1 132 ? 4.757   12.168  9.153   1.00 23.71 ? 126 GLY A N   1 
ATOM   956  C CA  . GLY A 1 132 ? 4.606   13.580  8.899   1.00 24.73 ? 126 GLY A CA  1 
ATOM   957  C C   . GLY A 1 132 ? 4.579   13.935  7.425   1.00 25.01 ? 126 GLY A C   1 
ATOM   958  O O   . GLY A 1 132 ? 4.173   15.039  7.058   1.00 26.53 ? 126 GLY A O   1 
ATOM   959  N N   . GLN A 1 133 ? 5.028   13.021  6.566   1.00 22.48 ? 127 GLN A N   1 
ATOM   960  C CA  . GLN A 1 133 ? 5.023   13.264  5.128   1.00 22.09 ? 127 GLN A CA  1 
ATOM   961  C C   . GLN A 1 133 ? 3.665   12.911  4.548   1.00 21.26 ? 127 GLN A C   1 
ATOM   962  O O   . GLN A 1 133 ? 3.000   11.994  5.029   1.00 21.24 ? 127 GLN A O   1 
ATOM   963  C CB  . GLN A 1 133 ? 6.076   12.399  4.432   1.00 21.66 ? 127 GLN A CB  1 
ATOM   964  C CG  . GLN A 1 133 ? 7.501   12.673  4.874   1.00 23.03 ? 127 GLN A CG  1 
ATOM   965  C CD  . GLN A 1 133 ? 8.483   11.773  4.160   1.00 24.26 ? 127 GLN A CD  1 
ATOM   966  O OE1 . GLN A 1 133 ? 8.126   10.667  3.748   1.00 26.38 ? 127 GLN A OE1 1 
ATOM   967  N NE2 . GLN A 1 133 ? 9.716   12.237  4.009   1.00 27.14 ? 127 GLN A NE2 1 
ATOM   968  N N   . LYS A 1 134 ? 3.271   13.603  3.492   1.00 20.42 ? 128 LYS A N   1 
ATOM   969  C CA  . LYS A 1 134 ? 1.985   13.310  2.869   1.00 21.06 ? 128 LYS A CA  1 
ATOM   970  C C   . LYS A 1 134 ? 2.037   12.005  2.083   1.00 17.48 ? 128 LYS A C   1 
ATOM   971  O O   . LYS A 1 134 ? 1.005   11.355  1.881   1.00 18.85 ? 128 LYS A O   1 
ATOM   972  C CB  . LYS A 1 134 ? 1.556   14.440  1.935   1.00 23.96 ? 128 LYS A CB  1 
ATOM   973  C CG  . LYS A 1 134 ? 1.182   15.737  2.659   1.00 28.98 ? 128 LYS A CG  1 
ATOM   974  C CD  . LYS A 1 134 ? 0.644   16.774  1.689   1.00 33.48 ? 128 LYS A CD  1 
ATOM   975  C CE  . LYS A 1 134 ? -0.643  16.304  1.032   1.00 35.69 ? 128 LYS A CE  1 
ATOM   976  N NZ  . LYS A 1 134 ? -1.266  17.406  0.244   1.00 40.26 ? 128 LYS A NZ  1 
ATOM   977  N N   . ALA A 1 135 ? 3.235   11.614  1.668   1.00 18.07 ? 129 ALA A N   1 
ATOM   978  C CA  . ALA A 1 135 ? 3.430   10.390  0.873   1.00 15.62 ? 129 ALA A CA  1 
ATOM   979  C C   . ALA A 1 135 ? 2.922   9.110   1.549   1.00 16.66 ? 129 ALA A C   1 
ATOM   980  O O   . ALA A 1 135 ? 2.610   8.132   0.858   1.00 16.10 ? 129 ALA A O   1 
ATOM   981  C CB  . ALA A 1 135 ? 4.934   10.211  0.548   1.00 16.40 ? 129 ALA A CB  1 
ATOM   982  N N   . ILE A 1 136 ? 2.818   9.119   2.880   1.00 15.55 ? 130 ILE A N   1 
ATOM   983  C CA  . ILE A 1 136 ? 2.434   7.897   3.584   1.00 16.52 ? 130 ILE A CA  1 
ATOM   984  C C   . ILE A 1 136 ? 0.971   7.830   4.019   1.00 15.21 ? 130 ILE A C   1 
ATOM   985  O O   . ILE A 1 136 ? 0.529   6.839   4.632   1.00 16.00 ? 130 ILE A O   1 
ATOM   986  C CB  . ILE A 1 136 ? 3.332   7.674   4.859   1.00 15.88 ? 130 ILE A CB  1 
ATOM   987  C CG1 . ILE A 1 136 ? 2.969   8.701   5.933   1.00 17.26 ? 130 ILE A CG1 1 
ATOM   988  C CG2 . ILE A 1 136 ? 4.808   7.774   4.510   1.00 18.02 ? 130 ILE A CG2 1 
ATOM   989  C CD1 . ILE A 1 136 ? 3.672   8.481   7.289   1.00 18.87 ? 130 ILE A CD1 1 
ATOM   990  N N   . LEU A 1 137 ? 0.214   8.880   3.719   1.00 16.22 ? 131 LEU A N   1 
ATOM   991  C CA  . LEU A 1 137 ? -1.178  8.938   4.134   1.00 16.84 ? 131 LEU A CA  1 
ATOM   992  C C   . LEU A 1 137 ? -2.124  8.408   3.066   1.00 17.78 ? 131 LEU A C   1 
ATOM   993  O O   . LEU A 1 137 ? -2.179  8.933   1.958   1.00 19.93 ? 131 LEU A O   1 
ATOM   994  C CB  . LEU A 1 137 ? -1.531  10.377  4.501   1.00 17.10 ? 131 LEU A CB  1 
ATOM   995  C CG  . LEU A 1 137 ? -0.635  10.981  5.588   1.00 17.89 ? 131 LEU A CG  1 
ATOM   996  C CD1 . LEU A 1 137 ? -0.956  12.475  5.760   1.00 22.63 ? 131 LEU A CD1 1 
ATOM   997  C CD2 . LEU A 1 137 ? -0.839  10.263  6.882   1.00 19.84 ? 131 LEU A CD2 1 
ATOM   998  N N   . PHE A 1 138 ? -2.855  7.355   3.419   1.00 17.39 ? 132 PHE A N   1 
ATOM   999  C CA  . PHE A 1 138 ? -3.781  6.718   2.503   1.00 17.39 ? 132 PHE A CA  1 
ATOM   1000 C C   . PHE A 1 138 ? -5.199  6.708   3.010   1.00 20.34 ? 132 PHE A C   1 
ATOM   1001 O O   . PHE A 1 138 ? -5.436  6.587   4.216   1.00 20.72 ? 132 PHE A O   1 
ATOM   1002 C CB  . PHE A 1 138 ? -3.349  5.273   2.237   1.00 16.45 ? 132 PHE A CB  1 
ATOM   1003 C CG  . PHE A 1 138 ? -2.102  5.162   1.423   1.00 14.18 ? 132 PHE A CG  1 
ATOM   1004 C CD1 . PHE A 1 138 ? -0.844  5.234   2.025   1.00 17.24 ? 132 PHE A CD1 1 
ATOM   1005 C CD2 . PHE A 1 138 ? -2.183  5.033   0.030   1.00 16.12 ? 132 PHE A CD2 1 
ATOM   1006 C CE1 . PHE A 1 138 ? 0.330   5.186   1.249   1.00 16.59 ? 132 PHE A CE1 1 
ATOM   1007 C CE2 . PHE A 1 138 ? -1.021  4.980   -0.749  1.00 16.69 ? 132 PHE A CE2 1 
ATOM   1008 C CZ  . PHE A 1 138 ? 0.234   5.060   -0.139  1.00 17.75 ? 132 PHE A CZ  1 
ATOM   1009 N N   . LEU A 1 139 ? -6.135  6.847   2.081   1.00 20.04 ? 133 LEU A N   1 
ATOM   1010 C CA  . LEU A 1 139 ? -7.550  6.819   2.412   1.00 22.50 ? 133 LEU A CA  1 
ATOM   1011 C C   . LEU A 1 139 ? -8.193  5.640   1.688   1.00 22.45 ? 133 LEU A C   1 
ATOM   1012 O O   . LEU A 1 139 ? -8.151  5.574   0.456   1.00 20.93 ? 133 LEU A O   1 
ATOM   1013 C CB  . LEU A 1 139 ? -8.218  8.111   1.952   1.00 26.02 ? 133 LEU A CB  1 
ATOM   1014 C CG  . LEU A 1 139 ? -9.586  8.441   2.542   1.00 29.61 ? 133 LEU A CG  1 
ATOM   1015 C CD1 . LEU A 1 139 ? -9.447  8.836   4.026   1.00 30.47 ? 133 LEU A CD1 1 
ATOM   1016 C CD2 . LEU A 1 139 ? -10.152 9.611   1.765   1.00 31.48 ? 133 LEU A CD2 1 
ATOM   1017 N N   . PRO A 1 140 ? -8.744  4.674   2.437   1.00 23.09 ? 134 PRO A N   1 
ATOM   1018 C CA  . PRO A 1 140 ? -9.390  3.534   1.778   1.00 24.52 ? 134 PRO A CA  1 
ATOM   1019 C C   . PRO A 1 140 ? -10.701 4.052   1.163   1.00 25.47 ? 134 PRO A C   1 
ATOM   1020 O O   . PRO A 1 140 ? -11.456 4.784   1.825   1.00 26.38 ? 134 PRO A O   1 
ATOM   1021 C CB  . PRO A 1 140 ? -9.642  2.559   2.924   1.00 26.00 ? 134 PRO A CB  1 
ATOM   1022 C CG  . PRO A 1 140 ? -8.596  2.938   3.954   1.00 27.22 ? 134 PRO A CG  1 
ATOM   1023 C CD  . PRO A 1 140 ? -8.613  4.439   3.891   1.00 24.93 ? 134 PRO A CD  1 
ATOM   1024 N N   . LEU A 1 141 ? -10.973 3.697   -0.091  1.00 23.92 ? 135 LEU A N   1 
ATOM   1025 C CA  . LEU A 1 141 ? -12.198 4.150   -0.750  1.00 25.45 ? 135 LEU A CA  1 
ATOM   1026 C C   . LEU A 1 141 ? -12.921 3.021   -1.449  1.00 26.84 ? 135 LEU A C   1 
ATOM   1027 O O   . LEU A 1 141 ? -12.321 2.009   -1.809  1.00 24.68 ? 135 LEU A O   1 
ATOM   1028 C CB  . LEU A 1 141 ? -11.889 5.236   -1.782  1.00 25.73 ? 135 LEU A CB  1 
ATOM   1029 C CG  . LEU A 1 141 ? -11.211 6.500   -1.250  1.00 28.04 ? 135 LEU A CG  1 
ATOM   1030 C CD1 . LEU A 1 141 ? -10.810 7.415   -2.404  1.00 28.18 ? 135 LEU A CD1 1 
ATOM   1031 C CD2 . LEU A 1 141 ? -12.159 7.199   -0.295  1.00 29.20 ? 135 LEU A CD2 1 
ATOM   1032 N N   . PRO A 1 142 ? -14.244 3.174   -1.639  1.00 28.45 ? 136 PRO A N   1 
ATOM   1033 C CA  . PRO A 1 142 ? -15.028 2.136   -2.317  1.00 31.37 ? 136 PRO A CA  1 
ATOM   1034 C C   . PRO A 1 142 ? -14.578 2.033   -3.771  1.00 32.40 ? 136 PRO A C   1 
ATOM   1035 O O   . PRO A 1 142 ? -14.183 3.031   -4.368  1.00 32.83 ? 136 PRO A O   1 
ATOM   1036 C CB  . PRO A 1 142 ? -16.461 2.658   -2.209  1.00 31.30 ? 136 PRO A CB  1 
ATOM   1037 C CG  . PRO A 1 142 ? -16.438 3.507   -0.981  1.00 31.03 ? 136 PRO A CG  1 
ATOM   1038 C CD  . PRO A 1 142 ? -15.119 4.237   -1.117  1.00 29.80 ? 136 PRO A CD  1 
ATOM   1039 N N   . VAL A 1 143 ? -14.641 0.831   -4.339  1.00 35.47 ? 137 VAL A N   1 
ATOM   1040 C CA  . VAL A 1 143 ? -14.223 0.625   -5.722  1.00 39.08 ? 137 VAL A CA  1 
ATOM   1041 C C   . VAL A 1 143 ? -15.089 1.424   -6.687  1.00 42.26 ? 137 VAL A C   1 
ATOM   1042 O O   . VAL A 1 143 ? -14.575 2.166   -7.530  1.00 43.36 ? 137 VAL A O   1 
ATOM   1043 C CB  . VAL A 1 143 ? -14.275 -0.873  -6.110  1.00 37.89 ? 137 VAL A CB  1 
ATOM   1044 C CG1 . VAL A 1 143 ? -14.069 -1.034  -7.612  1.00 38.34 ? 137 VAL A CG1 1 
ATOM   1045 C CG2 . VAL A 1 143 ? -13.193 -1.635  -5.361  1.00 38.70 ? 137 VAL A CG2 1 
ATOM   1046 N N   . SER A 1 144 ? -16.403 1.273   -6.551  1.00 44.98 ? 138 SER A N   1 
ATOM   1047 C CA  . SER A 1 144 ? -17.354 1.979   -7.405  1.00 47.52 ? 138 SER A CA  1 
ATOM   1048 C C   . SER A 1 144 ? -18.675 2.140   -6.668  1.00 48.08 ? 138 SER A C   1 
ATOM   1049 O O   . SER A 1 144 ? -18.805 1.538   -5.575  1.00 49.21 ? 138 SER A O   1 
ATOM   1050 C CB  . SER A 1 144 ? -17.593 1.195   -8.696  1.00 48.07 ? 138 SER A CB  1 
ATOM   1051 O OG  . SER A 1 144 ? -18.218 -0.053  -8.423  1.00 50.38 ? 138 SER A OG  1 
HETATM 1052 S S   . SO4 B 2 .   ? 7.525   13.642  -2.458  1.00 31.97 ? 141 SO4 A S   1 
HETATM 1053 O O1  . SO4 B 2 .   ? 6.897   13.717  -3.789  1.00 32.64 ? 141 SO4 A O1  1 
HETATM 1054 O O2  . SO4 B 2 .   ? 6.721   12.843  -1.525  1.00 33.12 ? 141 SO4 A O2  1 
HETATM 1055 O O3  . SO4 B 2 .   ? 7.664   15.033  -1.942  1.00 35.34 ? 141 SO4 A O3  1 
HETATM 1056 O O4  . SO4 B 2 .   ? 8.856   13.034  -2.592  1.00 35.77 ? 141 SO4 A O4  1 
HETATM 1057 O O   . HOH C 3 .   ? 6.976   2.674   0.274   1.00 14.95 ? 142 HOH A O   1 
HETATM 1058 O O   . HOH C 3 .   ? 16.367  -5.149  -2.335  1.00 21.95 ? 143 HOH A O   1 
HETATM 1059 O O   . HOH C 3 .   ? 5.728   3.102   -12.796 1.00 19.27 ? 144 HOH A O   1 
HETATM 1060 O O   . HOH C 3 .   ? 0.293   -7.734  1.122   1.00 16.74 ? 145 HOH A O   1 
HETATM 1061 O O   . HOH C 3 .   ? 12.060  -7.071  2.577   1.00 16.91 ? 146 HOH A O   1 
HETATM 1062 O O   . HOH C 3 .   ? 1.716   4.408   4.730   1.00 16.78 ? 147 HOH A O   1 
HETATM 1063 O O   . HOH C 3 .   ? -5.733  1.480   -4.954  1.00 18.48 ? 148 HOH A O   1 
HETATM 1064 O O   . HOH C 3 .   ? 7.183   2.988   -8.351  1.00 19.00 ? 149 HOH A O   1 
HETATM 1065 O O   . HOH C 3 .   ? 12.236  6.958   -3.296  1.00 24.30 ? 150 HOH A O   1 
HETATM 1066 O O   . HOH C 3 .   ? 0.843   10.457  -4.457  1.00 18.40 ? 151 HOH A O   1 
HETATM 1067 O O   . HOH C 3 .   ? 6.633   -7.139  6.056   1.00 21.53 ? 152 HOH A O   1 
HETATM 1068 O O   . HOH C 3 .   ? 12.203  -4.449  11.904  1.00 25.98 ? 153 HOH A O   1 
HETATM 1069 O O   . HOH C 3 .   ? -6.512  -5.056  -9.141  1.00 21.92 ? 154 HOH A O   1 
HETATM 1070 O O   . HOH C 3 .   ? 16.088  3.563   7.273   1.00 25.98 ? 155 HOH A O   1 
HETATM 1071 O O   . HOH C 3 .   ? 8.314   -5.915  4.013   1.00 21.57 ? 156 HOH A O   1 
HETATM 1072 O O   . HOH C 3 .   ? 5.699   13.381  1.181   1.00 27.00 ? 157 HOH A O   1 
HETATM 1073 O O   . HOH C 3 .   ? 2.850   -4.415  -15.941 1.00 24.30 ? 158 HOH A O   1 
HETATM 1074 O O   . HOH C 3 .   ? 2.287   11.846  7.820   1.00 26.75 ? 159 HOH A O   1 
HETATM 1075 O O   . HOH C 3 .   ? 15.318  -9.860  4.640   1.00 21.70 ? 160 HOH A O   1 
HETATM 1076 O O   . HOH C 3 .   ? 7.722   -8.864  -8.522  1.00 27.06 ? 161 HOH A O   1 
HETATM 1077 O O   . HOH C 3 .   ? -4.555  3.804   -16.199 1.00 28.58 ? 162 HOH A O   1 
HETATM 1078 O O   . HOH C 3 .   ? -5.587  -9.875  1.185   1.00 24.75 ? 163 HOH A O   1 
HETATM 1079 O O   . HOH C 3 .   ? -1.290  -8.586  15.586  1.00 29.86 ? 164 HOH A O   1 
HETATM 1080 O O   . HOH C 3 .   ? -2.915  -0.327  -15.643 1.00 27.18 ? 165 HOH A O   1 
HETATM 1081 O O   . HOH C 3 .   ? -3.551  -5.045  -9.665  1.00 26.04 ? 166 HOH A O   1 
HETATM 1082 O O   . HOH C 3 .   ? 7.713   13.219  -7.071  1.00 25.10 ? 167 HOH A O   1 
HETATM 1083 O O   . HOH C 3 .   ? 8.010   -12.082 -2.070  1.00 27.34 ? 168 HOH A O   1 
HETATM 1084 O O   . HOH C 3 .   ? 18.469  -1.061  2.774   1.00 25.49 ? 169 HOH A O   1 
HETATM 1085 O O   . HOH C 3 .   ? 16.948  6.186   6.314   1.00 28.44 ? 170 HOH A O   1 
HETATM 1086 O O   . HOH C 3 .   ? 15.673  -10.282 8.464   1.00 38.57 ? 171 HOH A O   1 
HETATM 1087 O O   . HOH C 3 .   ? 8.198   -1.829  -8.009  1.00 27.44 ? 172 HOH A O   1 
HETATM 1088 O O   . HOH C 3 .   ? -11.209 8.635   8.348   1.00 38.49 ? 173 HOH A O   1 
HETATM 1089 O O   . HOH C 3 .   ? 12.330  -8.350  10.717  1.00 31.56 ? 174 HOH A O   1 
HETATM 1090 O O   . HOH C 3 .   ? -8.547  6.112   7.061   1.00 30.75 ? 175 HOH A O   1 
HETATM 1091 O O   . HOH C 3 .   ? -6.777  -0.580  -16.539 1.00 42.37 ? 176 HOH A O   1 
HETATM 1092 O O   . HOH C 3 .   ? 6.921   8.897   -11.451 1.00 20.23 ? 177 HOH A O   1 
HETATM 1093 O O   . HOH C 3 .   ? -10.507 -5.162  1.631   1.00 30.58 ? 178 HOH A O   1 
HETATM 1094 O O   . HOH C 3 .   ? 1.261   2.180   10.373  1.00 25.79 ? 179 HOH A O   1 
HETATM 1095 O O   . HOH C 3 .   ? 14.668  -3.778  10.966  1.00 33.76 ? 180 HOH A O   1 
HETATM 1096 O O   . HOH C 3 .   ? 6.457   -9.909  8.742   1.00 32.91 ? 181 HOH A O   1 
HETATM 1097 O O   . HOH C 3 .   ? 1.099   -6.631  14.961  1.00 38.95 ? 182 HOH A O   1 
HETATM 1098 O O   . HOH C 3 .   ? 7.371   -0.961  -15.352 1.00 37.19 ? 183 HOH A O   1 
HETATM 1099 O O   . HOH C 3 .   ? 4.958   15.956  2.849   1.00 42.70 ? 184 HOH A O   1 
HETATM 1100 O O   . HOH C 3 .   ? -9.677  1.440   7.250   1.00 32.76 ? 185 HOH A O   1 
HETATM 1101 O O   . HOH C 3 .   ? 8.857   8.273   10.898  1.00 37.19 ? 186 HOH A O   1 
HETATM 1102 O O   . HOH C 3 .   ? 10.923  6.329   8.816   1.00 32.88 ? 187 HOH A O   1 
HETATM 1103 O O   . HOH C 3 .   ? 15.012  -2.219  -4.850  1.00 27.13 ? 188 HOH A O   1 
HETATM 1104 O O   . HOH C 3 .   ? 4.808   -10.519 -12.439 1.00 43.44 ? 189 HOH A O   1 
HETATM 1105 O O   . HOH C 3 .   ? 16.391  8.638   3.846   1.00 28.59 ? 190 HOH A O   1 
HETATM 1106 O O   . HOH C 3 .   ? 3.332   -14.280 6.240   1.00 36.90 ? 191 HOH A O   1 
HETATM 1107 O O   . HOH C 3 .   ? 10.723  4.931   -6.942  1.00 30.74 ? 192 HOH A O   1 
HETATM 1108 O O   . HOH C 3 .   ? -0.691  -4.994  14.612  1.00 38.76 ? 193 HOH A O   1 
HETATM 1109 O O   . HOH C 3 .   ? 5.477   -12.195 9.874   1.00 37.70 ? 194 HOH A O   1 
HETATM 1110 O O   . HOH C 3 .   ? 0.119   -13.548 -9.014  1.00 37.80 ? 195 HOH A O   1 
HETATM 1111 O O   . HOH C 3 .   ? 7.954   -6.157  13.222  1.00 35.76 ? 196 HOH A O   1 
HETATM 1112 O O   . HOH C 3 .   ? 9.287   -6.412  -9.262  1.00 33.40 ? 197 HOH A O   1 
HETATM 1113 O O   . HOH C 3 .   ? -10.041 -6.883  -10.864 1.00 38.13 ? 198 HOH A O   1 
HETATM 1114 O O   . HOH C 3 .   ? -2.541  -14.894 -5.262  1.00 35.99 ? 199 HOH A O   1 
HETATM 1115 O O   . HOH C 3 .   ? -3.887  -15.933 -2.832  1.00 39.67 ? 200 HOH A O   1 
HETATM 1116 O O   . HOH C 3 .   ? -6.459  12.212  -8.285  1.00 40.72 ? 201 HOH A O   1 
HETATM 1117 O O   . HOH C 3 .   ? 2.602   1.300   -14.179 1.00 33.05 ? 202 HOH A O   1 
HETATM 1118 O O   . HOH C 3 .   ? -9.937  -10.317 6.842   1.00 42.39 ? 203 HOH A O   1 
HETATM 1119 O O   . HOH C 3 .   ? 13.783  6.077   7.249   1.00 37.90 ? 204 HOH A O   1 
HETATM 1120 O O   . HOH C 3 .   ? 16.639  -2.604  12.405  1.00 27.94 ? 205 HOH A O   1 
HETATM 1121 O O   . HOH C 3 .   ? 8.609   -9.925  10.139  1.00 33.72 ? 206 HOH A O   1 
HETATM 1122 O O   . HOH C 3 .   ? 6.972   -13.281 -6.229  1.00 39.95 ? 207 HOH A O   1 
HETATM 1123 O O   . HOH C 3 .   ? 9.902   -3.875  -7.953  1.00 45.05 ? 208 HOH A O   1 
HETATM 1124 O O   . HOH C 3 .   ? 3.762   -2.273  -16.937 1.00 34.53 ? 209 HOH A O   1 
HETATM 1125 O O   . HOH C 3 .   ? -0.752  -1.857  -15.381 1.00 34.56 ? 210 HOH A O   1 
HETATM 1126 O O   . HOH C 3 .   ? 9.978   3.026   -8.674  1.00 31.35 ? 211 HOH A O   1 
HETATM 1127 O O   . HOH C 3 .   ? -4.799  2.330   14.646  1.00 40.12 ? 212 HOH A O   1 
HETATM 1128 O O   . HOH C 3 .   ? -9.956  9.091   -12.463 1.00 37.18 ? 213 HOH A O   1 
HETATM 1129 O O   . HOH C 3 .   ? 4.312   -0.215  -15.606 1.00 34.15 ? 214 HOH A O   1 
HETATM 1130 O O   . HOH C 3 .   ? 6.484   15.015  -8.991  1.00 35.34 ? 215 HOH A O   1 
HETATM 1131 O O   . HOH C 3 .   ? 6.591   0.606   -13.466 1.00 32.89 ? 216 HOH A O   1 
HETATM 1132 O O   . HOH C 3 .   ? -10.801 -9.722  3.907   1.00 42.69 ? 217 HOH A O   1 
HETATM 1133 O O   . HOH C 3 .   ? 1.079   -10.802 -12.709 1.00 35.76 ? 218 HOH A O   1 
HETATM 1134 O O   . HOH C 3 .   ? -6.078  -17.307 -2.005  1.00 40.21 ? 219 HOH A O   1 
HETATM 1135 O O   . HOH C 3 .   ? 18.393  -1.503  5.655   1.00 39.50 ? 220 HOH A O   1 
HETATM 1136 O O   . HOH C 3 .   ? 2.008   -19.565 0.439   1.00 43.40 ? 221 HOH A O   1 
HETATM 1137 O O   . HOH C 3 .   ? 2.929   -6.196  -18.154 1.00 41.54 ? 222 HOH A O   1 
HETATM 1138 O O   . HOH C 3 .   ? 12.507  -5.620  -5.683  1.00 37.94 ? 223 HOH A O   1 
HETATM 1139 O O   . HOH C 3 .   ? 11.805  1.564   16.488  1.00 42.79 ? 224 HOH A O   1 
HETATM 1140 O O   . HOH C 3 .   ? 5.252   -6.334  14.595  1.00 42.94 ? 225 HOH A O   1 
HETATM 1141 O O   . HOH C 3 .   ? 10.416  13.479  -7.165  1.00 41.36 ? 226 HOH A O   1 
HETATM 1142 O O   . HOH C 3 .   ? 8.379   -9.067  12.973  1.00 40.92 ? 227 HOH A O   1 
HETATM 1143 O O   . HOH C 3 .   ? 4.494   -11.321 15.306  1.00 40.94 ? 228 HOH A O   1 
HETATM 1144 O O   . HOH C 3 .   ? 14.604  4.657   10.496  1.00 35.61 ? 229 HOH A O   1 
HETATM 1145 O O   . HOH C 3 .   ? -11.215 5.800   6.585   1.00 41.08 ? 230 HOH A O   1 
HETATM 1146 O O   . HOH C 3 .   ? 15.131  0.562   -4.843  1.00 44.99 ? 231 HOH A O   1 
HETATM 1147 O O   . HOH C 3 .   ? 16.631  -12.527 7.812   1.00 44.72 ? 232 HOH A O   1 
HETATM 1148 O O   . HOH C 3 .   ? 9.166   -6.378  -12.035 1.00 38.97 ? 233 HOH A O   1 
HETATM 1149 O O   . HOH C 3 .   ? 7.080   -10.533 -10.906 1.00 43.26 ? 234 HOH A O   1 
HETATM 1150 O O   . HOH C 3 .   ? 13.326  4.357   -5.788  1.00 47.15 ? 235 HOH A O   1 
HETATM 1151 O O   . HOH C 3 .   ? 11.876  11.909  2.146   1.00 36.96 ? 236 HOH A O   1 
HETATM 1152 O O   . HOH C 3 .   ? 21.321  7.501   -0.399  1.00 46.60 ? 237 HOH A O   1 
HETATM 1153 O O   . HOH C 3 .   ? 7.864   -13.097 11.207  1.00 46.86 ? 238 HOH A O   1 
HETATM 1154 O O   . HOH C 3 .   ? 4.331   -11.258 -9.227  1.00 41.32 ? 239 HOH A O   1 
HETATM 1155 O O   . HOH C 3 .   ? -7.130  -5.530  12.060  1.00 39.19 ? 240 HOH A O   1 
HETATM 1156 O O   . HOH C 3 .   ? -4.253  2.517   -18.425 1.00 44.96 ? 241 HOH A O   1 
# 
loop_
_pdbx_poly_seq_scheme.asym_id 
_pdbx_poly_seq_scheme.entity_id 
_pdbx_poly_seq_scheme.seq_id 
_pdbx_poly_seq_scheme.mon_id 
_pdbx_poly_seq_scheme.ndb_seq_num 
_pdbx_poly_seq_scheme.pdb_seq_num 
_pdbx_poly_seq_scheme.auth_seq_num 
_pdbx_poly_seq_scheme.pdb_mon_id 
_pdbx_poly_seq_scheme.auth_mon_id 
_pdbx_poly_seq_scheme.pdb_strand_id 
_pdbx_poly_seq_scheme.pdb_ins_code 
_pdbx_poly_seq_scheme.hetero 
A 1 1   HIS 1   -5  ?   ?   ?   A . n 
A 1 2   HIS 2   -4  ?   ?   ?   A . n 
A 1 3   HIS 3   -3  ?   ?   ?   A . n 
A 1 4   HIS 4   -2  ?   ?   ?   A . n 
A 1 5   HIS 5   -1  ?   ?   ?   A . n 
A 1 6   HIS 6   0   ?   ?   ?   A . n 
A 1 7   PHE 7   1   ?   ?   ?   A . n 
A 1 8   ASN 8   2   ?   ?   ?   A . n 
A 1 9   LEU 9   3   ?   ?   ?   A . n 
A 1 10  PRO 10  4   ?   ?   ?   A . n 
A 1 11  PRO 11  5   ?   ?   ?   A . n 
A 1 12  GLY 12  6   ?   ?   ?   A . n 
A 1 13  ASN 13  7   7   ASN ASN A . n 
A 1 14  TYR 14  8   8   TYR TYR A . n 
A 1 15  LYS 15  9   9   LYS LYS A . n 
A 1 16  LYS 16  10  10  LYS LYS A . n 
A 1 17  PRO 17  11  11  PRO PRO A . n 
A 1 18  LYS 18  12  12  LYS LYS A . n 
A 1 19  LEU 19  13  13  LEU LEU A . n 
A 1 20  LEU 20  14  14  LEU LEU A . n 
A 1 21  TYR 21  15  15  TYR TYR A . n 
A 1 22  CYS 22  16  16  CYS CYS A . n 
A 1 23  SER 23  17  17  SER SER A . n 
A 1 24  ASN 24  18  18  ASN ASN A . n 
A 1 25  GLY 25  19  19  GLY GLY A . n 
A 1 26  GLY 26  20  20  GLY GLY A . n 
A 1 27  HIS 27  21  21  HIS HIS A . n 
A 1 28  PHE 28  22  22  PHE PHE A . n 
A 1 29  LEU 29  23  23  LEU LEU A . n 
A 1 30  ARG 30  24  24  ARG ARG A . n 
A 1 31  ILE 31  25  25  ILE ILE A . n 
A 1 32  ASN 32  26  26  ASN ASN A . n 
A 1 33  PRO 33  27  27  PRO PRO A . n 
A 1 34  ASN 34  28  28  ASN ASN A . n 
A 1 35  GLY 35  29  29  GLY GLY A . n 
A 1 36  THR 36  30  30  THR THR A . n 
A 1 37  VAL 37  31  31  VAL VAL A . n 
A 1 38  ASP 38  32  32  ASP ASP A . n 
A 1 39  GLY 39  33  33  GLY GLY A . n 
A 1 40  THR 40  34  34  THR THR A . n 
A 1 41  ARG 41  35  35  ARG ARG A . n 
A 1 42  ASP 42  36  36  ASP ASP A . n 
A 1 43  ARG 43  37  37  ARG ARG A . n 
A 1 44  SER 44  38  38  SER SER A . n 
A 1 45  ASP 45  39  39  ASP ASP A . n 
A 1 46  GLN 46  40  40  GLN GLN A . n 
A 1 47  HIS 47  41  41  HIS HIS A . n 
A 1 48  ILE 48  42  42  ILE ILE A . n 
A 1 49  GLN 49  43  43  GLN GLN A . n 
A 1 50  LEU 50  44  44  LEU LEU A . n 
A 1 51  GLN 51  45  45  GLN GLN A . n 
A 1 52  LEU 52  46  46  LEU LEU A . n 
A 1 53  SER 53  47  47  SER SER A . n 
A 1 54  ALA 54  48  48  ALA ALA A . n 
A 1 55  GLU 55  49  49  GLU GLU A . n 
A 1 56  SER 56  50  50  SER SER A . n 
A 1 57  VAL 57  51  51  VAL VAL A . n 
A 1 58  GLY 58  52  52  GLY GLY A . n 
A 1 59  GLU 59  53  53  GLU GLU A . n 
A 1 60  VAL 60  54  54  VAL VAL A . n 
A 1 61  TYR 61  55  55  TYR TYR A . n 
A 1 62  ILE 62  56  56  ILE ILE A . n 
A 1 63  LYS 63  57  57  LYS LYS A . n 
A 1 64  SER 64  58  58  SER SER A . n 
A 1 65  THR 65  59  59  THR THR A . n 
A 1 66  GLU 66  60  60  GLU GLU A . n 
A 1 67  THR 67  61  61  THR THR A . n 
A 1 68  GLY 68  62  62  GLY GLY A . n 
A 1 69  GLN 69  63  63  GLN GLN A . n 
A 1 70  TYR 70  64  64  TYR TYR A . n 
A 1 71  LEU 71  65  65  LEU LEU A . n 
A 1 72  ALA 72  66  66  ALA ALA A . n 
A 1 73  MET 73  67  67  MET MET A . n 
A 1 74  ASP 74  68  68  ASP ASP A . n 
A 1 75  THR 75  69  69  THR THR A . n 
A 1 76  ASP 76  70  70  ASP ASP A . n 
A 1 77  GLY 77  71  71  GLY GLY A . n 
A 1 78  LEU 78  72  72  LEU LEU A . n 
A 1 79  LEU 79  73  73  LEU LEU A . n 
A 1 80  TYR 80  74  74  TYR TYR A . n 
A 1 81  GLY 81  75  75  GLY GLY A . n 
A 1 82  SER 82  76  76  SER SER A . n 
A 1 83  GLN 83  77  77  GLN GLN A . n 
A 1 84  THR 84  78  78  THR THR A . n 
A 1 85  PRO 85  79  79  PRO PRO A . n 
A 1 86  ASN 86  80  80  ASN ASN A . n 
A 1 87  GLU 87  81  81  GLU GLU A . n 
A 1 88  GLU 88  82  82  GLU GLU A . n 
A 1 89  CYS 89  83  83  CYS CYS A . n 
A 1 90  LEU 90  84  84  LEU LEU A . n 
A 1 91  PHE 91  85  85  PHE PHE A . n 
A 1 92  LEU 92  86  86  LEU LEU A . n 
A 1 93  GLU 93  87  87  GLU GLU A . n 
A 1 94  ARG 94  88  88  ARG ARG A . n 
A 1 95  LEU 95  89  89  LEU LEU A . n 
A 1 96  GLU 96  90  90  GLU GLU A . n 
A 1 97  GLU 97  91  91  GLU GLU A . n 
A 1 98  ASN 98  92  92  ASN ASN A . n 
A 1 99  GLY 99  93  93  GLY GLY A . n 
A 1 100 TYR 100 94  94  TYR TYR A . n 
A 1 101 ASN 101 95  95  ASN ASN A . n 
A 1 102 THR 102 96  96  THR THR A . n 
A 1 103 TYR 103 97  97  TYR TYR A . n 
A 1 104 ILE 104 98  98  ILE ILE A . n 
A 1 105 SER 105 99  99  SER SER A . n 
A 1 106 LYS 106 100 100 LYS LYS A . n 
A 1 107 LYS 107 101 101 LYS LYS A . n 
A 1 108 HIS 108 102 102 HIS HIS A . n 
A 1 109 ALA 109 103 103 ALA ALA A . n 
A 1 110 GLU 110 104 104 GLU GLU A . n 
A 1 111 LYS 111 105 105 LYS LYS A . n 
A 1 112 ASN 112 106 106 ASN ASN A . n 
A 1 113 TRP 113 107 107 TRP TRP A . n 
A 1 114 PHE 114 108 108 PHE PHE A . n 
A 1 115 VAL 115 109 109 VAL VAL A . n 
A 1 116 GLY 116 110 110 GLY GLY A . n 
A 1 117 LEU 117 111 111 LEU LEU A . n 
A 1 118 LYS 118 112 112 LYS LYS A . n 
A 1 119 LYS 119 113 113 LYS LYS A . n 
A 1 120 ASN 120 114 114 ASN ASN A . n 
A 1 121 GLY 121 115 115 GLY GLY A . n 
A 1 122 SER 122 116 116 SER SER A . n 
A 1 123 CYS 123 117 117 CYS CYS A . n 
A 1 124 LYS 124 118 118 LYS LYS A . n 
A 1 125 ARG 125 119 119 ARG ARG A . n 
A 1 126 GLY 126 120 120 GLY GLY A . n 
A 1 127 PRO 127 121 121 PRO PRO A . n 
A 1 128 ARG 128 122 122 ARG ARG A . n 
A 1 129 THR 129 123 123 THR THR A . n 
A 1 130 HIS 130 124 124 HIS HIS A . n 
A 1 131 TYR 131 125 125 TYR TYR A . n 
A 1 132 GLY 132 126 126 GLY GLY A . n 
A 1 133 GLN 133 127 127 GLN GLN A . n 
A 1 134 LYS 134 128 128 LYS LYS A . n 
A 1 135 ALA 135 129 129 ALA ALA A . n 
A 1 136 ILE 136 130 130 ILE ILE A . n 
A 1 137 LEU 137 131 131 LEU LEU A . n 
A 1 138 PHE 138 132 132 PHE PHE A . n 
A 1 139 LEU 139 133 133 LEU LEU A . n 
A 1 140 PRO 140 134 134 PRO PRO A . n 
A 1 141 LEU 141 135 135 LEU LEU A . n 
A 1 142 PRO 142 136 136 PRO PRO A . n 
A 1 143 VAL 143 137 137 VAL VAL A . n 
A 1 144 SER 144 138 138 SER SER A . n 
A 1 145 SER 145 139 ?   ?   ?   A . n 
A 1 146 ASP 146 140 ?   ?   ?   A . n 
# 
loop_
_pdbx_nonpoly_scheme.asym_id 
_pdbx_nonpoly_scheme.entity_id 
_pdbx_nonpoly_scheme.mon_id 
_pdbx_nonpoly_scheme.ndb_seq_num 
_pdbx_nonpoly_scheme.pdb_seq_num 
_pdbx_nonpoly_scheme.auth_seq_num 
_pdbx_nonpoly_scheme.pdb_mon_id 
_pdbx_nonpoly_scheme.auth_mon_id 
_pdbx_nonpoly_scheme.pdb_strand_id 
_pdbx_nonpoly_scheme.pdb_ins_code 
B 2 SO4 1   141 1   SO4 SO4 A . 
C 3 HOH 1   142 1   HOH HOH A . 
C 3 HOH 2   143 2   HOH HOH A . 
C 3 HOH 3   144 3   HOH HOH A . 
C 3 HOH 4   145 4   HOH HOH A . 
C 3 HOH 5   146 5   HOH HOH A . 
C 3 HOH 6   147 6   HOH HOH A . 
C 3 HOH 7   148 7   HOH HOH A . 
C 3 HOH 8   149 8   HOH HOH A . 
C 3 HOH 9   150 9   HOH HOH A . 
C 3 HOH 10  151 10  HOH HOH A . 
C 3 HOH 11  152 11  HOH HOH A . 
C 3 HOH 12  153 12  HOH HOH A . 
C 3 HOH 13  154 13  HOH HOH A . 
C 3 HOH 14  155 14  HOH HOH A . 
C 3 HOH 15  156 15  HOH HOH A . 
C 3 HOH 16  157 16  HOH HOH A . 
C 3 HOH 17  158 17  HOH HOH A . 
C 3 HOH 18  159 18  HOH HOH A . 
C 3 HOH 19  160 19  HOH HOH A . 
C 3 HOH 20  161 20  HOH HOH A . 
C 3 HOH 21  162 21  HOH HOH A . 
C 3 HOH 22  163 22  HOH HOH A . 
C 3 HOH 23  164 23  HOH HOH A . 
C 3 HOH 24  165 24  HOH HOH A . 
C 3 HOH 25  166 25  HOH HOH A . 
C 3 HOH 26  167 26  HOH HOH A . 
C 3 HOH 27  168 27  HOH HOH A . 
C 3 HOH 28  169 28  HOH HOH A . 
C 3 HOH 29  170 29  HOH HOH A . 
C 3 HOH 30  171 30  HOH HOH A . 
C 3 HOH 31  172 31  HOH HOH A . 
C 3 HOH 32  173 32  HOH HOH A . 
C 3 HOH 33  174 33  HOH HOH A . 
C 3 HOH 34  175 34  HOH HOH A . 
C 3 HOH 35  176 35  HOH HOH A . 
C 3 HOH 36  177 36  HOH HOH A . 
C 3 HOH 37  178 37  HOH HOH A . 
C 3 HOH 38  179 38  HOH HOH A . 
C 3 HOH 39  180 39  HOH HOH A . 
C 3 HOH 40  181 40  HOH HOH A . 
C 3 HOH 41  182 41  HOH HOH A . 
C 3 HOH 42  183 42  HOH HOH A . 
C 3 HOH 43  184 43  HOH HOH A . 
C 3 HOH 44  185 44  HOH HOH A . 
C 3 HOH 45  186 45  HOH HOH A . 
C 3 HOH 46  187 46  HOH HOH A . 
C 3 HOH 47  188 47  HOH HOH A . 
C 3 HOH 48  189 48  HOH HOH A . 
C 3 HOH 49  190 49  HOH HOH A . 
C 3 HOH 50  191 50  HOH HOH A . 
C 3 HOH 51  192 51  HOH HOH A . 
C 3 HOH 52  193 52  HOH HOH A . 
C 3 HOH 53  194 53  HOH HOH A . 
C 3 HOH 54  195 54  HOH HOH A . 
C 3 HOH 55  196 55  HOH HOH A . 
C 3 HOH 56  197 56  HOH HOH A . 
C 3 HOH 57  198 57  HOH HOH A . 
C 3 HOH 58  199 58  HOH HOH A . 
C 3 HOH 59  200 59  HOH HOH A . 
C 3 HOH 60  201 60  HOH HOH A . 
C 3 HOH 61  202 61  HOH HOH A . 
C 3 HOH 62  203 62  HOH HOH A . 
C 3 HOH 63  204 63  HOH HOH A . 
C 3 HOH 64  205 64  HOH HOH A . 
C 3 HOH 65  206 65  HOH HOH A . 
C 3 HOH 66  207 66  HOH HOH A . 
C 3 HOH 67  208 67  HOH HOH A . 
C 3 HOH 68  209 68  HOH HOH A . 
C 3 HOH 69  210 69  HOH HOH A . 
C 3 HOH 70  211 70  HOH HOH A . 
C 3 HOH 71  212 71  HOH HOH A . 
C 3 HOH 72  213 72  HOH HOH A . 
C 3 HOH 73  214 73  HOH HOH A . 
C 3 HOH 74  215 74  HOH HOH A . 
C 3 HOH 75  216 75  HOH HOH A . 
C 3 HOH 76  217 76  HOH HOH A . 
C 3 HOH 77  218 77  HOH HOH A . 
C 3 HOH 78  219 78  HOH HOH A . 
C 3 HOH 79  220 79  HOH HOH A . 
C 3 HOH 80  221 80  HOH HOH A . 
C 3 HOH 81  222 81  HOH HOH A . 
C 3 HOH 82  223 82  HOH HOH A . 
C 3 HOH 83  224 83  HOH HOH A . 
C 3 HOH 84  225 84  HOH HOH A . 
C 3 HOH 85  226 85  HOH HOH A . 
C 3 HOH 86  227 86  HOH HOH A . 
C 3 HOH 87  228 87  HOH HOH A . 
C 3 HOH 88  229 88  HOH HOH A . 
C 3 HOH 89  230 89  HOH HOH A . 
C 3 HOH 90  231 90  HOH HOH A . 
C 3 HOH 91  232 91  HOH HOH A . 
C 3 HOH 92  233 92  HOH HOH A . 
C 3 HOH 93  234 93  HOH HOH A . 
C 3 HOH 94  235 94  HOH HOH A . 
C 3 HOH 95  236 95  HOH HOH A . 
C 3 HOH 96  237 96  HOH HOH A . 
C 3 HOH 97  238 97  HOH HOH A . 
C 3 HOH 98  239 98  HOH HOH A . 
C 3 HOH 99  240 99  HOH HOH A . 
C 3 HOH 100 241 100 HOH HOH A . 
# 
_pdbx_struct_assembly.id                   1 
_pdbx_struct_assembly.details              author_and_software_defined_assembly 
_pdbx_struct_assembly.method_details       PISA 
_pdbx_struct_assembly.oligomeric_details   monomeric 
_pdbx_struct_assembly.oligomeric_count     1 
# 
_pdbx_struct_assembly_gen.assembly_id       1 
_pdbx_struct_assembly_gen.oper_expression   1 
_pdbx_struct_assembly_gen.asym_id_list      A,B,C 
# 
_pdbx_struct_oper_list.id                   1 
_pdbx_struct_oper_list.type                 'identity operation' 
_pdbx_struct_oper_list.name                 1_555 
_pdbx_struct_oper_list.symmetry_operation   x,y,z 
_pdbx_struct_oper_list.matrix[1][1]         1.0000000000 
_pdbx_struct_oper_list.matrix[1][2]         0.0000000000 
_pdbx_struct_oper_list.matrix[1][3]         0.0000000000 
_pdbx_struct_oper_list.vector[1]            0.0000000000 
_pdbx_struct_oper_list.matrix[2][1]         0.0000000000 
_pdbx_struct_oper_list.matrix[2][2]         1.0000000000 
_pdbx_struct_oper_list.matrix[2][3]         0.0000000000 
_pdbx_struct_oper_list.vector[2]            0.0000000000 
_pdbx_struct_oper_list.matrix[3][1]         0.0000000000 
_pdbx_struct_oper_list.matrix[3][2]         0.0000000000 
_pdbx_struct_oper_list.matrix[3][3]         1.0000000000 
_pdbx_struct_oper_list.vector[3]            0.0000000000 
# 
loop_
_pdbx_audit_revision_history.ordinal 
_pdbx_audit_revision_history.data_content_type 
_pdbx_audit_revision_history.major_revision 
_pdbx_audit_revision_history.minor_revision 
_pdbx_audit_revision_history.revision_date 
1 'Structure model' 1 0 2008-04-15 
2 'Structure model' 1 1 2011-07-13 
3 'Structure model' 1 2 2021-10-20 
4 'Structure model' 1 3 2023-08-30 
# 
_pdbx_audit_revision_details.ordinal             1 
_pdbx_audit_revision_details.revision_ordinal    1 
_pdbx_audit_revision_details.data_content_type   'Structure model' 
_pdbx_audit_revision_details.provider            repository 
_pdbx_audit_revision_details.type                'Initial release' 
_pdbx_audit_revision_details.description         ? 
_pdbx_audit_revision_details.details             ? 
# 
loop_
_pdbx_audit_revision_group.ordinal 
_pdbx_audit_revision_group.revision_ordinal 
_pdbx_audit_revision_group.data_content_type 
_pdbx_audit_revision_group.group 
1 2 'Structure model' 'Version format compliance' 
2 3 'Structure model' 'Database references'       
3 3 'Structure model' 'Derived calculations'      
4 4 'Structure model' 'Data collection'           
5 4 'Structure model' 'Refinement description'    
# 
loop_
_pdbx_audit_revision_category.ordinal 
_pdbx_audit_revision_category.revision_ordinal 
_pdbx_audit_revision_category.data_content_type 
_pdbx_audit_revision_category.category 
1 3 'Structure model' database_2                    
2 3 'Structure model' struct_ref_seq_dif            
3 3 'Structure model' struct_site                   
4 4 'Structure model' chem_comp_atom                
5 4 'Structure model' chem_comp_bond                
6 4 'Structure model' pdbx_initial_refinement_model 
# 
loop_
_pdbx_audit_revision_item.ordinal 
_pdbx_audit_revision_item.revision_ordinal 
_pdbx_audit_revision_item.data_content_type 
_pdbx_audit_revision_item.item 
1 3 'Structure model' '_database_2.pdbx_DOI'                
2 3 'Structure model' '_database_2.pdbx_database_accession' 
3 3 'Structure model' '_struct_ref_seq_dif.details'         
4 3 'Structure model' '_struct_site.pdbx_auth_asym_id'      
5 3 'Structure model' '_struct_site.pdbx_auth_comp_id'      
6 3 'Structure model' '_struct_site.pdbx_auth_seq_id'       
# 
loop_
_software.name 
_software.classification 
_software.version 
_software.citation_id 
_software.pdbx_ordinal 
CNS       refinement        1.1 ? 1 
HKL-2000  'data collection' .   ? 2 
HKL-2000  'data reduction'  .   ? 3 
SCALEPACK 'data scaling'    .   ? 4 
CNS       phasing           .   ? 5 
# 
_pdbx_validate_torsion.id              1 
_pdbx_validate_torsion.PDB_model_num   1 
_pdbx_validate_torsion.auth_comp_id    ASP 
_pdbx_validate_torsion.auth_asym_id    A 
_pdbx_validate_torsion.auth_seq_id     32 
_pdbx_validate_torsion.PDB_ins_code    ? 
_pdbx_validate_torsion.label_alt_id    ? 
_pdbx_validate_torsion.phi             -153.26 
_pdbx_validate_torsion.psi             -157.87 
# 
loop_
_pdbx_unobs_or_zero_occ_residues.id 
_pdbx_unobs_or_zero_occ_residues.PDB_model_num 
_pdbx_unobs_or_zero_occ_residues.polymer_flag 
_pdbx_unobs_or_zero_occ_residues.occupancy_flag 
_pdbx_unobs_or_zero_occ_residues.auth_asym_id 
_pdbx_unobs_or_zero_occ_residues.auth_comp_id 
_pdbx_unobs_or_zero_occ_residues.auth_seq_id 
_pdbx_unobs_or_zero_occ_residues.PDB_ins_code 
_pdbx_unobs_or_zero_occ_residues.label_asym_id 
_pdbx_unobs_or_zero_occ_residues.label_comp_id 
_pdbx_unobs_or_zero_occ_residues.label_seq_id 
1  1 Y 1 A HIS -5  ? A HIS 1   
2  1 Y 1 A HIS -4  ? A HIS 2   
3  1 Y 1 A HIS -3  ? A HIS 3   
4  1 Y 1 A HIS -2  ? A HIS 4   
5  1 Y 1 A HIS -1  ? A HIS 5   
6  1 Y 1 A HIS 0   ? A HIS 6   
7  1 Y 1 A PHE 1   ? A PHE 7   
8  1 Y 1 A ASN 2   ? A ASN 8   
9  1 Y 1 A LEU 3   ? A LEU 9   
10 1 Y 1 A PRO 4   ? A PRO 10  
11 1 Y 1 A PRO 5   ? A PRO 11  
12 1 Y 1 A GLY 6   ? A GLY 12  
13 1 Y 1 A SER 139 ? A SER 145 
14 1 Y 1 A ASP 140 ? A ASP 146 
# 
loop_
_chem_comp_atom.comp_id 
_chem_comp_atom.atom_id 
_chem_comp_atom.type_symbol 
_chem_comp_atom.pdbx_aromatic_flag 
_chem_comp_atom.pdbx_stereo_config 
_chem_comp_atom.pdbx_ordinal 
ALA N    N N N 1   
ALA CA   C N S 2   
ALA C    C N N 3   
ALA O    O N N 4   
ALA CB   C N N 5   
ALA OXT  O N N 6   
ALA H    H N N 7   
ALA H2   H N N 8   
ALA HA   H N N 9   
ALA HB1  H N N 10  
ALA HB2  H N N 11  
ALA HB3  H N N 12  
ALA HXT  H N N 13  
ARG N    N N N 14  
ARG CA   C N S 15  
ARG C    C N N 16  
ARG O    O N N 17  
ARG CB   C N N 18  
ARG CG   C N N 19  
ARG CD   C N N 20  
ARG NE   N N N 21  
ARG CZ   C N N 22  
ARG NH1  N N N 23  
ARG NH2  N N N 24  
ARG OXT  O N N 25  
ARG H    H N N 26  
ARG H2   H N N 27  
ARG HA   H N N 28  
ARG HB2  H N N 29  
ARG HB3  H N N 30  
ARG HG2  H N N 31  
ARG HG3  H N N 32  
ARG HD2  H N N 33  
ARG HD3  H N N 34  
ARG HE   H N N 35  
ARG HH11 H N N 36  
ARG HH12 H N N 37  
ARG HH21 H N N 38  
ARG HH22 H N N 39  
ARG HXT  H N N 40  
ASN N    N N N 41  
ASN CA   C N S 42  
ASN C    C N N 43  
ASN O    O N N 44  
ASN CB   C N N 45  
ASN CG   C N N 46  
ASN OD1  O N N 47  
ASN ND2  N N N 48  
ASN OXT  O N N 49  
ASN H    H N N 50  
ASN H2   H N N 51  
ASN HA   H N N 52  
ASN HB2  H N N 53  
ASN HB3  H N N 54  
ASN HD21 H N N 55  
ASN HD22 H N N 56  
ASN HXT  H N N 57  
ASP N    N N N 58  
ASP CA   C N S 59  
ASP C    C N N 60  
ASP O    O N N 61  
ASP CB   C N N 62  
ASP CG   C N N 63  
ASP OD1  O N N 64  
ASP OD2  O N N 65  
ASP OXT  O N N 66  
ASP H    H N N 67  
ASP H2   H N N 68  
ASP HA   H N N 69  
ASP HB2  H N N 70  
ASP HB3  H N N 71  
ASP HD2  H N N 72  
ASP HXT  H N N 73  
CYS N    N N N 74  
CYS CA   C N R 75  
CYS C    C N N 76  
CYS O    O N N 77  
CYS CB   C N N 78  
CYS SG   S N N 79  
CYS OXT  O N N 80  
CYS H    H N N 81  
CYS H2   H N N 82  
CYS HA   H N N 83  
CYS HB2  H N N 84  
CYS HB3  H N N 85  
CYS HG   H N N 86  
CYS HXT  H N N 87  
GLN N    N N N 88  
GLN CA   C N S 89  
GLN C    C N N 90  
GLN O    O N N 91  
GLN CB   C N N 92  
GLN CG   C N N 93  
GLN CD   C N N 94  
GLN OE1  O N N 95  
GLN NE2  N N N 96  
GLN OXT  O N N 97  
GLN H    H N N 98  
GLN H2   H N N 99  
GLN HA   H N N 100 
GLN HB2  H N N 101 
GLN HB3  H N N 102 
GLN HG2  H N N 103 
GLN HG3  H N N 104 
GLN HE21 H N N 105 
GLN HE22 H N N 106 
GLN HXT  H N N 107 
GLU N    N N N 108 
GLU CA   C N S 109 
GLU C    C N N 110 
GLU O    O N N 111 
GLU CB   C N N 112 
GLU CG   C N N 113 
GLU CD   C N N 114 
GLU OE1  O N N 115 
GLU OE2  O N N 116 
GLU OXT  O N N 117 
GLU H    H N N 118 
GLU H2   H N N 119 
GLU HA   H N N 120 
GLU HB2  H N N 121 
GLU HB3  H N N 122 
GLU HG2  H N N 123 
GLU HG3  H N N 124 
GLU HE2  H N N 125 
GLU HXT  H N N 126 
GLY N    N N N 127 
GLY CA   C N N 128 
GLY C    C N N 129 
GLY O    O N N 130 
GLY OXT  O N N 131 
GLY H    H N N 132 
GLY H2   H N N 133 
GLY HA2  H N N 134 
GLY HA3  H N N 135 
GLY HXT  H N N 136 
HIS N    N N N 137 
HIS CA   C N S 138 
HIS C    C N N 139 
HIS O    O N N 140 
HIS CB   C N N 141 
HIS CG   C Y N 142 
HIS ND1  N Y N 143 
HIS CD2  C Y N 144 
HIS CE1  C Y N 145 
HIS NE2  N Y N 146 
HIS OXT  O N N 147 
HIS H    H N N 148 
HIS H2   H N N 149 
HIS HA   H N N 150 
HIS HB2  H N N 151 
HIS HB3  H N N 152 
HIS HD1  H N N 153 
HIS HD2  H N N 154 
HIS HE1  H N N 155 
HIS HE2  H N N 156 
HIS HXT  H N N 157 
HOH O    O N N 158 
HOH H1   H N N 159 
HOH H2   H N N 160 
ILE N    N N N 161 
ILE CA   C N S 162 
ILE C    C N N 163 
ILE O    O N N 164 
ILE CB   C N S 165 
ILE CG1  C N N 166 
ILE CG2  C N N 167 
ILE CD1  C N N 168 
ILE OXT  O N N 169 
ILE H    H N N 170 
ILE H2   H N N 171 
ILE HA   H N N 172 
ILE HB   H N N 173 
ILE HG12 H N N 174 
ILE HG13 H N N 175 
ILE HG21 H N N 176 
ILE HG22 H N N 177 
ILE HG23 H N N 178 
ILE HD11 H N N 179 
ILE HD12 H N N 180 
ILE HD13 H N N 181 
ILE HXT  H N N 182 
LEU N    N N N 183 
LEU CA   C N S 184 
LEU C    C N N 185 
LEU O    O N N 186 
LEU CB   C N N 187 
LEU CG   C N N 188 
LEU CD1  C N N 189 
LEU CD2  C N N 190 
LEU OXT  O N N 191 
LEU H    H N N 192 
LEU H2   H N N 193 
LEU HA   H N N 194 
LEU HB2  H N N 195 
LEU HB3  H N N 196 
LEU HG   H N N 197 
LEU HD11 H N N 198 
LEU HD12 H N N 199 
LEU HD13 H N N 200 
LEU HD21 H N N 201 
LEU HD22 H N N 202 
LEU HD23 H N N 203 
LEU HXT  H N N 204 
LYS N    N N N 205 
LYS CA   C N S 206 
LYS C    C N N 207 
LYS O    O N N 208 
LYS CB   C N N 209 
LYS CG   C N N 210 
LYS CD   C N N 211 
LYS CE   C N N 212 
LYS NZ   N N N 213 
LYS OXT  O N N 214 
LYS H    H N N 215 
LYS H2   H N N 216 
LYS HA   H N N 217 
LYS HB2  H N N 218 
LYS HB3  H N N 219 
LYS HG2  H N N 220 
LYS HG3  H N N 221 
LYS HD2  H N N 222 
LYS HD3  H N N 223 
LYS HE2  H N N 224 
LYS HE3  H N N 225 
LYS HZ1  H N N 226 
LYS HZ2  H N N 227 
LYS HZ3  H N N 228 
LYS HXT  H N N 229 
MET N    N N N 230 
MET CA   C N S 231 
MET C    C N N 232 
MET O    O N N 233 
MET CB   C N N 234 
MET CG   C N N 235 
MET SD   S N N 236 
MET CE   C N N 237 
MET OXT  O N N 238 
MET H    H N N 239 
MET H2   H N N 240 
MET HA   H N N 241 
MET HB2  H N N 242 
MET HB3  H N N 243 
MET HG2  H N N 244 
MET HG3  H N N 245 
MET HE1  H N N 246 
MET HE2  H N N 247 
MET HE3  H N N 248 
MET HXT  H N N 249 
PHE N    N N N 250 
PHE CA   C N S 251 
PHE C    C N N 252 
PHE O    O N N 253 
PHE CB   C N N 254 
PHE CG   C Y N 255 
PHE CD1  C Y N 256 
PHE CD2  C Y N 257 
PHE CE1  C Y N 258 
PHE CE2  C Y N 259 
PHE CZ   C Y N 260 
PHE OXT  O N N 261 
PHE H    H N N 262 
PHE H2   H N N 263 
PHE HA   H N N 264 
PHE HB2  H N N 265 
PHE HB3  H N N 266 
PHE HD1  H N N 267 
PHE HD2  H N N 268 
PHE HE1  H N N 269 
PHE HE2  H N N 270 
PHE HZ   H N N 271 
PHE HXT  H N N 272 
PRO N    N N N 273 
PRO CA   C N S 274 
PRO C    C N N 275 
PRO O    O N N 276 
PRO CB   C N N 277 
PRO CG   C N N 278 
PRO CD   C N N 279 
PRO OXT  O N N 280 
PRO H    H N N 281 
PRO HA   H N N 282 
PRO HB2  H N N 283 
PRO HB3  H N N 284 
PRO HG2  H N N 285 
PRO HG3  H N N 286 
PRO HD2  H N N 287 
PRO HD3  H N N 288 
PRO HXT  H N N 289 
SER N    N N N 290 
SER CA   C N S 291 
SER C    C N N 292 
SER O    O N N 293 
SER CB   C N N 294 
SER OG   O N N 295 
SER OXT  O N N 296 
SER H    H N N 297 
SER H2   H N N 298 
SER HA   H N N 299 
SER HB2  H N N 300 
SER HB3  H N N 301 
SER HG   H N N 302 
SER HXT  H N N 303 
SO4 S    S N N 304 
SO4 O1   O N N 305 
SO4 O2   O N N 306 
SO4 O3   O N N 307 
SO4 O4   O N N 308 
THR N    N N N 309 
THR CA   C N S 310 
THR C    C N N 311 
THR O    O N N 312 
THR CB   C N R 313 
THR OG1  O N N 314 
THR CG2  C N N 315 
THR OXT  O N N 316 
THR H    H N N 317 
THR H2   H N N 318 
THR HA   H N N 319 
THR HB   H N N 320 
THR HG1  H N N 321 
THR HG21 H N N 322 
THR HG22 H N N 323 
THR HG23 H N N 324 
THR HXT  H N N 325 
TRP N    N N N 326 
TRP CA   C N S 327 
TRP C    C N N 328 
TRP O    O N N 329 
TRP CB   C N N 330 
TRP CG   C Y N 331 
TRP CD1  C Y N 332 
TRP CD2  C Y N 333 
TRP NE1  N Y N 334 
TRP CE2  C Y N 335 
TRP CE3  C Y N 336 
TRP CZ2  C Y N 337 
TRP CZ3  C Y N 338 
TRP CH2  C Y N 339 
TRP OXT  O N N 340 
TRP H    H N N 341 
TRP H2   H N N 342 
TRP HA   H N N 343 
TRP HB2  H N N 344 
TRP HB3  H N N 345 
TRP HD1  H N N 346 
TRP HE1  H N N 347 
TRP HE3  H N N 348 
TRP HZ2  H N N 349 
TRP HZ3  H N N 350 
TRP HH2  H N N 351 
TRP HXT  H N N 352 
TYR N    N N N 353 
TYR CA   C N S 354 
TYR C    C N N 355 
TYR O    O N N 356 
TYR CB   C N N 357 
TYR CG   C Y N 358 
TYR CD1  C Y N 359 
TYR CD2  C Y N 360 
TYR CE1  C Y N 361 
TYR CE2  C Y N 362 
TYR CZ   C Y N 363 
TYR OH   O N N 364 
TYR OXT  O N N 365 
TYR H    H N N 366 
TYR H2   H N N 367 
TYR HA   H N N 368 
TYR HB2  H N N 369 
TYR HB3  H N N 370 
TYR HD1  H N N 371 
TYR HD2  H N N 372 
TYR HE1  H N N 373 
TYR HE2  H N N 374 
TYR HH   H N N 375 
TYR HXT  H N N 376 
VAL N    N N N 377 
VAL CA   C N S 378 
VAL C    C N N 379 
VAL O    O N N 380 
VAL CB   C N N 381 
VAL CG1  C N N 382 
VAL CG2  C N N 383 
VAL OXT  O N N 384 
VAL H    H N N 385 
VAL H2   H N N 386 
VAL HA   H N N 387 
VAL HB   H N N 388 
VAL HG11 H N N 389 
VAL HG12 H N N 390 
VAL HG13 H N N 391 
VAL HG21 H N N 392 
VAL HG22 H N N 393 
VAL HG23 H N N 394 
VAL HXT  H N N 395 
# 
loop_
_chem_comp_bond.comp_id 
_chem_comp_bond.atom_id_1 
_chem_comp_bond.atom_id_2 
_chem_comp_bond.value_order 
_chem_comp_bond.pdbx_aromatic_flag 
_chem_comp_bond.pdbx_stereo_config 
_chem_comp_bond.pdbx_ordinal 
ALA N   CA   sing N N 1   
ALA N   H    sing N N 2   
ALA N   H2   sing N N 3   
ALA CA  C    sing N N 4   
ALA CA  CB   sing N N 5   
ALA CA  HA   sing N N 6   
ALA C   O    doub N N 7   
ALA C   OXT  sing N N 8   
ALA CB  HB1  sing N N 9   
ALA CB  HB2  sing N N 10  
ALA CB  HB3  sing N N 11  
ALA OXT HXT  sing N N 12  
ARG N   CA   sing N N 13  
ARG N   H    sing N N 14  
ARG N   H2   sing N N 15  
ARG CA  C    sing N N 16  
ARG CA  CB   sing N N 17  
ARG CA  HA   sing N N 18  
ARG C   O    doub N N 19  
ARG C   OXT  sing N N 20  
ARG CB  CG   sing N N 21  
ARG CB  HB2  sing N N 22  
ARG CB  HB3  sing N N 23  
ARG CG  CD   sing N N 24  
ARG CG  HG2  sing N N 25  
ARG CG  HG3  sing N N 26  
ARG CD  NE   sing N N 27  
ARG CD  HD2  sing N N 28  
ARG CD  HD3  sing N N 29  
ARG NE  CZ   sing N N 30  
ARG NE  HE   sing N N 31  
ARG CZ  NH1  sing N N 32  
ARG CZ  NH2  doub N N 33  
ARG NH1 HH11 sing N N 34  
ARG NH1 HH12 sing N N 35  
ARG NH2 HH21 sing N N 36  
ARG NH2 HH22 sing N N 37  
ARG OXT HXT  sing N N 38  
ASN N   CA   sing N N 39  
ASN N   H    sing N N 40  
ASN N   H2   sing N N 41  
ASN CA  C    sing N N 42  
ASN CA  CB   sing N N 43  
ASN CA  HA   sing N N 44  
ASN C   O    doub N N 45  
ASN C   OXT  sing N N 46  
ASN CB  CG   sing N N 47  
ASN CB  HB2  sing N N 48  
ASN CB  HB3  sing N N 49  
ASN CG  OD1  doub N N 50  
ASN CG  ND2  sing N N 51  
ASN ND2 HD21 sing N N 52  
ASN ND2 HD22 sing N N 53  
ASN OXT HXT  sing N N 54  
ASP N   CA   sing N N 55  
ASP N   H    sing N N 56  
ASP N   H2   sing N N 57  
ASP CA  C    sing N N 58  
ASP CA  CB   sing N N 59  
ASP CA  HA   sing N N 60  
ASP C   O    doub N N 61  
ASP C   OXT  sing N N 62  
ASP CB  CG   sing N N 63  
ASP CB  HB2  sing N N 64  
ASP CB  HB3  sing N N 65  
ASP CG  OD1  doub N N 66  
ASP CG  OD2  sing N N 67  
ASP OD2 HD2  sing N N 68  
ASP OXT HXT  sing N N 69  
CYS N   CA   sing N N 70  
CYS N   H    sing N N 71  
CYS N   H2   sing N N 72  
CYS CA  C    sing N N 73  
CYS CA  CB   sing N N 74  
CYS CA  HA   sing N N 75  
CYS C   O    doub N N 76  
CYS C   OXT  sing N N 77  
CYS CB  SG   sing N N 78  
CYS CB  HB2  sing N N 79  
CYS CB  HB3  sing N N 80  
CYS SG  HG   sing N N 81  
CYS OXT HXT  sing N N 82  
GLN N   CA   sing N N 83  
GLN N   H    sing N N 84  
GLN N   H2   sing N N 85  
GLN CA  C    sing N N 86  
GLN CA  CB   sing N N 87  
GLN CA  HA   sing N N 88  
GLN C   O    doub N N 89  
GLN C   OXT  sing N N 90  
GLN CB  CG   sing N N 91  
GLN CB  HB2  sing N N 92  
GLN CB  HB3  sing N N 93  
GLN CG  CD   sing N N 94  
GLN CG  HG2  sing N N 95  
GLN CG  HG3  sing N N 96  
GLN CD  OE1  doub N N 97  
GLN CD  NE2  sing N N 98  
GLN NE2 HE21 sing N N 99  
GLN NE2 HE22 sing N N 100 
GLN OXT HXT  sing N N 101 
GLU N   CA   sing N N 102 
GLU N   H    sing N N 103 
GLU N   H2   sing N N 104 
GLU CA  C    sing N N 105 
GLU CA  CB   sing N N 106 
GLU CA  HA   sing N N 107 
GLU C   O    doub N N 108 
GLU C   OXT  sing N N 109 
GLU CB  CG   sing N N 110 
GLU CB  HB2  sing N N 111 
GLU CB  HB3  sing N N 112 
GLU CG  CD   sing N N 113 
GLU CG  HG2  sing N N 114 
GLU CG  HG3  sing N N 115 
GLU CD  OE1  doub N N 116 
GLU CD  OE2  sing N N 117 
GLU OE2 HE2  sing N N 118 
GLU OXT HXT  sing N N 119 
GLY N   CA   sing N N 120 
GLY N   H    sing N N 121 
GLY N   H2   sing N N 122 
GLY CA  C    sing N N 123 
GLY CA  HA2  sing N N 124 
GLY CA  HA3  sing N N 125 
GLY C   O    doub N N 126 
GLY C   OXT  sing N N 127 
GLY OXT HXT  sing N N 128 
HIS N   CA   sing N N 129 
HIS N   H    sing N N 130 
HIS N   H2   sing N N 131 
HIS CA  C    sing N N 132 
HIS CA  CB   sing N N 133 
HIS CA  HA   sing N N 134 
HIS C   O    doub N N 135 
HIS C   OXT  sing N N 136 
HIS CB  CG   sing N N 137 
HIS CB  HB2  sing N N 138 
HIS CB  HB3  sing N N 139 
HIS CG  ND1  sing Y N 140 
HIS CG  CD2  doub Y N 141 
HIS ND1 CE1  doub Y N 142 
HIS ND1 HD1  sing N N 143 
HIS CD2 NE2  sing Y N 144 
HIS CD2 HD2  sing N N 145 
HIS CE1 NE2  sing Y N 146 
HIS CE1 HE1  sing N N 147 
HIS NE2 HE2  sing N N 148 
HIS OXT HXT  sing N N 149 
HOH O   H1   sing N N 150 
HOH O   H2   sing N N 151 
ILE N   CA   sing N N 152 
ILE N   H    sing N N 153 
ILE N   H2   sing N N 154 
ILE CA  C    sing N N 155 
ILE CA  CB   sing N N 156 
ILE CA  HA   sing N N 157 
ILE C   O    doub N N 158 
ILE C   OXT  sing N N 159 
ILE CB  CG1  sing N N 160 
ILE CB  CG2  sing N N 161 
ILE CB  HB   sing N N 162 
ILE CG1 CD1  sing N N 163 
ILE CG1 HG12 sing N N 164 
ILE CG1 HG13 sing N N 165 
ILE CG2 HG21 sing N N 166 
ILE CG2 HG22 sing N N 167 
ILE CG2 HG23 sing N N 168 
ILE CD1 HD11 sing N N 169 
ILE CD1 HD12 sing N N 170 
ILE CD1 HD13 sing N N 171 
ILE OXT HXT  sing N N 172 
LEU N   CA   sing N N 173 
LEU N   H    sing N N 174 
LEU N   H2   sing N N 175 
LEU CA  C    sing N N 176 
LEU CA  CB   sing N N 177 
LEU CA  HA   sing N N 178 
LEU C   O    doub N N 179 
LEU C   OXT  sing N N 180 
LEU CB  CG   sing N N 181 
LEU CB  HB2  sing N N 182 
LEU CB  HB3  sing N N 183 
LEU CG  CD1  sing N N 184 
LEU CG  CD2  sing N N 185 
LEU CG  HG   sing N N 186 
LEU CD1 HD11 sing N N 187 
LEU CD1 HD12 sing N N 188 
LEU CD1 HD13 sing N N 189 
LEU CD2 HD21 sing N N 190 
LEU CD2 HD22 sing N N 191 
LEU CD2 HD23 sing N N 192 
LEU OXT HXT  sing N N 193 
LYS N   CA   sing N N 194 
LYS N   H    sing N N 195 
LYS N   H2   sing N N 196 
LYS CA  C    sing N N 197 
LYS CA  CB   sing N N 198 
LYS CA  HA   sing N N 199 
LYS C   O    doub N N 200 
LYS C   OXT  sing N N 201 
LYS CB  CG   sing N N 202 
LYS CB  HB2  sing N N 203 
LYS CB  HB3  sing N N 204 
LYS CG  CD   sing N N 205 
LYS CG  HG2  sing N N 206 
LYS CG  HG3  sing N N 207 
LYS CD  CE   sing N N 208 
LYS CD  HD2  sing N N 209 
LYS CD  HD3  sing N N 210 
LYS CE  NZ   sing N N 211 
LYS CE  HE2  sing N N 212 
LYS CE  HE3  sing N N 213 
LYS NZ  HZ1  sing N N 214 
LYS NZ  HZ2  sing N N 215 
LYS NZ  HZ3  sing N N 216 
LYS OXT HXT  sing N N 217 
MET N   CA   sing N N 218 
MET N   H    sing N N 219 
MET N   H2   sing N N 220 
MET CA  C    sing N N 221 
MET CA  CB   sing N N 222 
MET CA  HA   sing N N 223 
MET C   O    doub N N 224 
MET C   OXT  sing N N 225 
MET CB  CG   sing N N 226 
MET CB  HB2  sing N N 227 
MET CB  HB3  sing N N 228 
MET CG  SD   sing N N 229 
MET CG  HG2  sing N N 230 
MET CG  HG3  sing N N 231 
MET SD  CE   sing N N 232 
MET CE  HE1  sing N N 233 
MET CE  HE2  sing N N 234 
MET CE  HE3  sing N N 235 
MET OXT HXT  sing N N 236 
PHE N   CA   sing N N 237 
PHE N   H    sing N N 238 
PHE N   H2   sing N N 239 
PHE CA  C    sing N N 240 
PHE CA  CB   sing N N 241 
PHE CA  HA   sing N N 242 
PHE C   O    doub N N 243 
PHE C   OXT  sing N N 244 
PHE CB  CG   sing N N 245 
PHE CB  HB2  sing N N 246 
PHE CB  HB3  sing N N 247 
PHE CG  CD1  doub Y N 248 
PHE CG  CD2  sing Y N 249 
PHE CD1 CE1  sing Y N 250 
PHE CD1 HD1  sing N N 251 
PHE CD2 CE2  doub Y N 252 
PHE CD2 HD2  sing N N 253 
PHE CE1 CZ   doub Y N 254 
PHE CE1 HE1  sing N N 255 
PHE CE2 CZ   sing Y N 256 
PHE CE2 HE2  sing N N 257 
PHE CZ  HZ   sing N N 258 
PHE OXT HXT  sing N N 259 
PRO N   CA   sing N N 260 
PRO N   CD   sing N N 261 
PRO N   H    sing N N 262 
PRO CA  C    sing N N 263 
PRO CA  CB   sing N N 264 
PRO CA  HA   sing N N 265 
PRO C   O    doub N N 266 
PRO C   OXT  sing N N 267 
PRO CB  CG   sing N N 268 
PRO CB  HB2  sing N N 269 
PRO CB  HB3  sing N N 270 
PRO CG  CD   sing N N 271 
PRO CG  HG2  sing N N 272 
PRO CG  HG3  sing N N 273 
PRO CD  HD2  sing N N 274 
PRO CD  HD3  sing N N 275 
PRO OXT HXT  sing N N 276 
SER N   CA   sing N N 277 
SER N   H    sing N N 278 
SER N   H2   sing N N 279 
SER CA  C    sing N N 280 
SER CA  CB   sing N N 281 
SER CA  HA   sing N N 282 
SER C   O    doub N N 283 
SER C   OXT  sing N N 284 
SER CB  OG   sing N N 285 
SER CB  HB2  sing N N 286 
SER CB  HB3  sing N N 287 
SER OG  HG   sing N N 288 
SER OXT HXT  sing N N 289 
SO4 S   O1   doub N N 290 
SO4 S   O2   doub N N 291 
SO4 S   O3   sing N N 292 
SO4 S   O4   sing N N 293 
THR N   CA   sing N N 294 
THR N   H    sing N N 295 
THR N   H2   sing N N 296 
THR CA  C    sing N N 297 
THR CA  CB   sing N N 298 
THR CA  HA   sing N N 299 
THR C   O    doub N N 300 
THR C   OXT  sing N N 301 
THR CB  OG1  sing N N 302 
THR CB  CG2  sing N N 303 
THR CB  HB   sing N N 304 
THR OG1 HG1  sing N N 305 
THR CG2 HG21 sing N N 306 
THR CG2 HG22 sing N N 307 
THR CG2 HG23 sing N N 308 
THR OXT HXT  sing N N 309 
TRP N   CA   sing N N 310 
TRP N   H    sing N N 311 
TRP N   H2   sing N N 312 
TRP CA  C    sing N N 313 
TRP CA  CB   sing N N 314 
TRP CA  HA   sing N N 315 
TRP C   O    doub N N 316 
TRP C   OXT  sing N N 317 
TRP CB  CG   sing N N 318 
TRP CB  HB2  sing N N 319 
TRP CB  HB3  sing N N 320 
TRP CG  CD1  doub Y N 321 
TRP CG  CD2  sing Y N 322 
TRP CD1 NE1  sing Y N 323 
TRP CD1 HD1  sing N N 324 
TRP CD2 CE2  doub Y N 325 
TRP CD2 CE3  sing Y N 326 
TRP NE1 CE2  sing Y N 327 
TRP NE1 HE1  sing N N 328 
TRP CE2 CZ2  sing Y N 329 
TRP CE3 CZ3  doub Y N 330 
TRP CE3 HE3  sing N N 331 
TRP CZ2 CH2  doub Y N 332 
TRP CZ2 HZ2  sing N N 333 
TRP CZ3 CH2  sing Y N 334 
TRP CZ3 HZ3  sing N N 335 
TRP CH2 HH2  sing N N 336 
TRP OXT HXT  sing N N 337 
TYR N   CA   sing N N 338 
TYR N   H    sing N N 339 
TYR N   H2   sing N N 340 
TYR CA  C    sing N N 341 
TYR CA  CB   sing N N 342 
TYR CA  HA   sing N N 343 
TYR C   O    doub N N 344 
TYR C   OXT  sing N N 345 
TYR CB  CG   sing N N 346 
TYR CB  HB2  sing N N 347 
TYR CB  HB3  sing N N 348 
TYR CG  CD1  doub Y N 349 
TYR CG  CD2  sing Y N 350 
TYR CD1 CE1  sing Y N 351 
TYR CD1 HD1  sing N N 352 
TYR CD2 CE2  doub Y N 353 
TYR CD2 HD2  sing N N 354 
TYR CE1 CZ   doub Y N 355 
TYR CE1 HE1  sing N N 356 
TYR CE2 CZ   sing Y N 357 
TYR CE2 HE2  sing N N 358 
TYR CZ  OH   sing N N 359 
TYR OH  HH   sing N N 360 
TYR OXT HXT  sing N N 361 
VAL N   CA   sing N N 362 
VAL N   H    sing N N 363 
VAL N   H2   sing N N 364 
VAL CA  C    sing N N 365 
VAL CA  CB   sing N N 366 
VAL CA  HA   sing N N 367 
VAL C   O    doub N N 368 
VAL C   OXT  sing N N 369 
VAL CB  CG1  sing N N 370 
VAL CB  CG2  sing N N 371 
VAL CB  HB   sing N N 372 
VAL CG1 HG11 sing N N 373 
VAL CG1 HG12 sing N N 374 
VAL CG1 HG13 sing N N 375 
VAL CG2 HG21 sing N N 376 
VAL CG2 HG22 sing N N 377 
VAL CG2 HG23 sing N N 378 
VAL OXT HXT  sing N N 379 
# 
loop_
_pdbx_entity_nonpoly.entity_id 
_pdbx_entity_nonpoly.name 
_pdbx_entity_nonpoly.comp_id 
2 'SULFATE ION' SO4 
3 water         HOH 
# 
_pdbx_initial_refinement_model.id               1 
_pdbx_initial_refinement_model.entity_id_list   ? 
_pdbx_initial_refinement_model.type             'experimental model' 
_pdbx_initial_refinement_model.source_name      PDB 
_pdbx_initial_refinement_model.accession_code   1K5U 
_pdbx_initial_refinement_model.details          'pdb entry 1K5U' 
# 
